data_2XSK
# 
_entry.id   2XSK 
# 
_audit_conform.dict_name       mmcif_pdbx.dic 
_audit_conform.dict_version    5.398 
_audit_conform.dict_location   http://mmcif.pdb.org/dictionaries/ascii/mmcif_pdbx.dic 
# 
loop_
_database_2.database_id 
_database_2.database_code 
_database_2.pdbx_database_accession 
_database_2.pdbx_DOI 
PDB   2XSK         pdb_00002xsk 10.2210/pdb2xsk/pdb 
PDBE  EBI-45582    ?            ?                   
WWPDB D_1290045582 ?            ?                   
# 
loop_
_pdbx_audit_revision_history.ordinal 
_pdbx_audit_revision_history.data_content_type 
_pdbx_audit_revision_history.major_revision 
_pdbx_audit_revision_history.minor_revision 
_pdbx_audit_revision_history.revision_date 
1 'Structure model' 1 0 2010-12-29 
2 'Structure model' 1 1 2012-05-30 
3 'Structure model' 1 2 2014-01-29 
4 'Structure model' 1 3 2024-11-13 
# 
_pdbx_audit_revision_details.ordinal             1 
_pdbx_audit_revision_details.revision_ordinal    1 
_pdbx_audit_revision_details.data_content_type   'Structure model' 
_pdbx_audit_revision_details.provider            repository 
_pdbx_audit_revision_details.type                'Initial release' 
_pdbx_audit_revision_details.description         ? 
_pdbx_audit_revision_details.details             ? 
# 
loop_
_pdbx_audit_revision_group.ordinal 
_pdbx_audit_revision_group.revision_ordinal 
_pdbx_audit_revision_group.data_content_type 
_pdbx_audit_revision_group.group 
1  2 'Structure model' 'Database references'       
2  2 'Structure model' 'Version format compliance' 
3  3 'Structure model' 'Atomic model'              
4  3 'Structure model' 'Derived calculations'      
5  3 'Structure model' 'Non-polymer description'   
6  3 'Structure model' Other                       
7  3 'Structure model' 'Structure summary'         
8  4 'Structure model' 'Data collection'           
9  4 'Structure model' 'Database references'       
10 4 'Structure model' 'Derived calculations'      
11 4 'Structure model' Other                       
12 4 'Structure model' 'Structure summary'         
# 
loop_
_pdbx_audit_revision_category.ordinal 
_pdbx_audit_revision_category.revision_ordinal 
_pdbx_audit_revision_category.data_content_type 
_pdbx_audit_revision_category.category 
1 4 'Structure model' chem_comp_atom            
2 4 'Structure model' chem_comp_bond            
3 4 'Structure model' database_2                
4 4 'Structure model' pdbx_database_status      
5 4 'Structure model' pdbx_entry_details        
6 4 'Structure model' pdbx_modification_feature 
7 4 'Structure model' struct_conn               
8 4 'Structure model' struct_site               
# 
loop_
_pdbx_audit_revision_item.ordinal 
_pdbx_audit_revision_item.revision_ordinal 
_pdbx_audit_revision_item.data_content_type 
_pdbx_audit_revision_item.item 
1 4 'Structure model' '_database_2.pdbx_DOI'                 
2 4 'Structure model' '_database_2.pdbx_database_accession'  
3 4 'Structure model' '_pdbx_database_status.status_code_sf' 
4 4 'Structure model' '_struct_conn.pdbx_leaving_atom_flag'  
5 4 'Structure model' '_struct_site.pdbx_auth_asym_id'       
6 4 'Structure model' '_struct_site.pdbx_auth_comp_id'       
7 4 'Structure model' '_struct_site.pdbx_auth_seq_id'        
# 
_pdbx_database_status.status_code                     REL 
_pdbx_database_status.entry_id                        2XSK 
_pdbx_database_status.deposit_site                    PDBE 
_pdbx_database_status.process_site                    PDBE 
_pdbx_database_status.SG_entry                        . 
_pdbx_database_status.recvd_initial_deposition_date   2010-09-29 
_pdbx_database_status.pdb_format_compatible           Y 
_pdbx_database_status.status_code_sf                  REL 
_pdbx_database_status.status_code_mr                  ? 
_pdbx_database_status.status_code_cs                  ? 
_pdbx_database_status.methods_development_category    ? 
_pdbx_database_status.status_code_nmr_data            ? 
# 
loop_
_audit_author.name 
_audit_author.pdbx_ordinal 
'Salgado, P.S.'  1 
'Taylor, J.D.'   2 
'Cota, E.'       3 
'Matthews, S.J.' 4 
# 
_citation.id                        primary 
_citation.title                     
'Extending the Usability of the Phasing Power of Diselenide Bonds: Secys Sad Phasing of Csgc Using a Non-Auxotrophic Strain.' 
_citation.journal_abbrev            'Acta Crystallogr.,Sect.D' 
_citation.journal_volume            67 
_citation.page_first                8 
_citation.page_last                 ? 
_citation.year                      2011 
_citation.journal_id_ASTM           ABCRE6 
_citation.country                   DK 
_citation.journal_id_ISSN           0907-4449 
_citation.journal_id_CSD            0766 
_citation.book_publisher            ? 
_citation.pdbx_database_id_PubMed   21206057 
_citation.pdbx_database_id_DOI      10.1107/S0907444910042022 
# 
loop_
_citation_author.citation_id 
_citation_author.name 
_citation_author.ordinal 
_citation_author.identifier_ORCID 
primary 'Salgado, P.S.'  1 ? 
primary 'Taylor, J.D.'   2 ? 
primary 'Cota, E.'       3 ? 
primary 'Matthews, S.J.' 4 ? 
# 
loop_
_entity.id 
_entity.type 
_entity.src_method 
_entity.pdbx_description 
_entity.formula_weight 
_entity.pdbx_number_of_molecules 
_entity.pdbx_ec 
_entity.pdbx_mutation 
_entity.pdbx_fragment 
_entity.details 
1 polymer     man CSGC          12400.276 1  ? ? 'RESIDUES 11-110' 
'CYSTEINE 29 AND 31 SUBSTITUTED FOR SELENOCYSTEINE AND DISELENIDE BOND BETWEEN SECYS 29 AND SECYS31' 
2 non-polymer syn 'ACETATE ION' 59.044    3  ? ? ?                 ? 
3 water       nat water         18.015    31 ? ? ?                 ? 
# 
_entity_name_com.entity_id   1 
_entity_name_com.name        'PUTATIVE CURLI PRODUCTION PROTEIN CSGC' 
# 
_entity_poly.entity_id                      1 
_entity_poly.type                           'polypeptide(L)' 
_entity_poly.nstd_linkage                   no 
_entity_poly.nstd_monomer                   yes 
_entity_poly.pdbx_seq_one_letter_code       
;(MSE)GSSQITFNTTQQGD(MSE)YTIIPEVTLTQSULURVQILSLREGSSGQSQTKQEKTLSLPANQPIALTKLSLNIS
PDDRVKIVVTVSDGQSLHLSQQWPPSSEKSLEHHHHHH
;
_entity_poly.pdbx_seq_one_letter_code_can   
;MGSSQITFNTTQQGDMYTIIPEVTLTQSULURVQILSLREGSSGQSQTKQEKTLSLPANQPIALTKLSLNISPDDRVKIV
VTVSDGQSLHLSQQWPPSSEKSLEHHHHHH
;
_entity_poly.pdbx_strand_id                 A 
_entity_poly.pdbx_target_identifier         ? 
# 
loop_
_pdbx_entity_nonpoly.entity_id 
_pdbx_entity_nonpoly.name 
_pdbx_entity_nonpoly.comp_id 
2 'ACETATE ION' ACT 
3 water         HOH 
# 
loop_
_entity_poly_seq.entity_id 
_entity_poly_seq.num 
_entity_poly_seq.mon_id 
_entity_poly_seq.hetero 
1 1   MSE n 
1 2   GLY n 
1 3   SER n 
1 4   SER n 
1 5   GLN n 
1 6   ILE n 
1 7   THR n 
1 8   PHE n 
1 9   ASN n 
1 10  THR n 
1 11  THR n 
1 12  GLN n 
1 13  GLN n 
1 14  GLY n 
1 15  ASP n 
1 16  MSE n 
1 17  TYR n 
1 18  THR n 
1 19  ILE n 
1 20  ILE n 
1 21  PRO n 
1 22  GLU n 
1 23  VAL n 
1 24  THR n 
1 25  LEU n 
1 26  THR n 
1 27  GLN n 
1 28  SER n 
1 29  SEC n 
1 30  LEU n 
1 31  SEC n 
1 32  ARG n 
1 33  VAL n 
1 34  GLN n 
1 35  ILE n 
1 36  LEU n 
1 37  SER n 
1 38  LEU n 
1 39  ARG n 
1 40  GLU n 
1 41  GLY n 
1 42  SER n 
1 43  SER n 
1 44  GLY n 
1 45  GLN n 
1 46  SER n 
1 47  GLN n 
1 48  THR n 
1 49  LYS n 
1 50  GLN n 
1 51  GLU n 
1 52  LYS n 
1 53  THR n 
1 54  LEU n 
1 55  SER n 
1 56  LEU n 
1 57  PRO n 
1 58  ALA n 
1 59  ASN n 
1 60  GLN n 
1 61  PRO n 
1 62  ILE n 
1 63  ALA n 
1 64  LEU n 
1 65  THR n 
1 66  LYS n 
1 67  LEU n 
1 68  SER n 
1 69  LEU n 
1 70  ASN n 
1 71  ILE n 
1 72  SER n 
1 73  PRO n 
1 74  ASP n 
1 75  ASP n 
1 76  ARG n 
1 77  VAL n 
1 78  LYS n 
1 79  ILE n 
1 80  VAL n 
1 81  VAL n 
1 82  THR n 
1 83  VAL n 
1 84  SER n 
1 85  ASP n 
1 86  GLY n 
1 87  GLN n 
1 88  SER n 
1 89  LEU n 
1 90  HIS n 
1 91  LEU n 
1 92  SER n 
1 93  GLN n 
1 94  GLN n 
1 95  TRP n 
1 96  PRO n 
1 97  PRO n 
1 98  SER n 
1 99  SER n 
1 100 GLU n 
1 101 LYS n 
1 102 SER n 
1 103 LEU n 
1 104 GLU n 
1 105 HIS n 
1 106 HIS n 
1 107 HIS n 
1 108 HIS n 
1 109 HIS n 
1 110 HIS n 
# 
_entity_src_gen.entity_id                          1 
_entity_src_gen.pdbx_src_id                        1 
_entity_src_gen.pdbx_alt_source_flag               sample 
_entity_src_gen.pdbx_seq_type                      ? 
_entity_src_gen.pdbx_beg_seq_num                   ? 
_entity_src_gen.pdbx_end_seq_num                   ? 
_entity_src_gen.gene_src_common_name               ? 
_entity_src_gen.gene_src_genus                     ? 
_entity_src_gen.pdbx_gene_src_gene                 ? 
_entity_src_gen.gene_src_species                   ? 
_entity_src_gen.gene_src_strain                    ? 
_entity_src_gen.gene_src_tissue                    ? 
_entity_src_gen.gene_src_tissue_fraction           ? 
_entity_src_gen.gene_src_details                   ? 
_entity_src_gen.pdbx_gene_src_fragment             ? 
_entity_src_gen.pdbx_gene_src_scientific_name      'ESCHERICHIA COLI' 
_entity_src_gen.pdbx_gene_src_ncbi_taxonomy_id     562 
_entity_src_gen.pdbx_gene_src_variant              ? 
_entity_src_gen.pdbx_gene_src_cell_line            ? 
_entity_src_gen.pdbx_gene_src_atcc                 ? 
_entity_src_gen.pdbx_gene_src_organ                ? 
_entity_src_gen.pdbx_gene_src_organelle            ? 
_entity_src_gen.pdbx_gene_src_cell                 ? 
_entity_src_gen.pdbx_gene_src_cellular_location    ? 
_entity_src_gen.host_org_common_name               ? 
_entity_src_gen.pdbx_host_org_scientific_name      'ESCHERICHIA COLI' 
_entity_src_gen.pdbx_host_org_ncbi_taxonomy_id     469008 
_entity_src_gen.host_org_genus                     ? 
_entity_src_gen.pdbx_host_org_gene                 ? 
_entity_src_gen.pdbx_host_org_organ                ? 
_entity_src_gen.host_org_species                   ? 
_entity_src_gen.pdbx_host_org_tissue               ? 
_entity_src_gen.pdbx_host_org_tissue_fraction      ? 
_entity_src_gen.pdbx_host_org_strain               'BL21(DE3)' 
_entity_src_gen.pdbx_host_org_variant              ? 
_entity_src_gen.pdbx_host_org_cell_line            ? 
_entity_src_gen.pdbx_host_org_atcc                 ? 
_entity_src_gen.pdbx_host_org_culture_collection   ? 
_entity_src_gen.pdbx_host_org_cell                 ? 
_entity_src_gen.pdbx_host_org_organelle            ? 
_entity_src_gen.pdbx_host_org_cellular_location    ? 
_entity_src_gen.pdbx_host_org_vector_type          PLASMID 
_entity_src_gen.pdbx_host_org_vector               PET28A 
_entity_src_gen.host_org_details                   ? 
_entity_src_gen.expression_system_id               ? 
_entity_src_gen.plasmid_name                       ? 
_entity_src_gen.plasmid_details                    ? 
_entity_src_gen.pdbx_description                   ? 
# 
loop_
_chem_comp.id 
_chem_comp.type 
_chem_comp.mon_nstd_flag 
_chem_comp.name 
_chem_comp.pdbx_synonyms 
_chem_comp.formula 
_chem_comp.formula_weight 
ACT non-polymer         . 'ACETATE ION'    ? 'C2 H3 O2 -1'    59.044  
ALA 'L-peptide linking' y ALANINE          ? 'C3 H7 N O2'     89.093  
ARG 'L-peptide linking' y ARGININE         ? 'C6 H15 N4 O2 1' 175.209 
ASN 'L-peptide linking' y ASPARAGINE       ? 'C4 H8 N2 O3'    132.118 
ASP 'L-peptide linking' y 'ASPARTIC ACID'  ? 'C4 H7 N O4'     133.103 
GLN 'L-peptide linking' y GLUTAMINE        ? 'C5 H10 N2 O3'   146.144 
GLU 'L-peptide linking' y 'GLUTAMIC ACID'  ? 'C5 H9 N O4'     147.129 
GLY 'peptide linking'   y GLYCINE          ? 'C2 H5 N O2'     75.067  
HIS 'L-peptide linking' y HISTIDINE        ? 'C6 H10 N3 O2 1' 156.162 
HOH non-polymer         . WATER            ? 'H2 O'           18.015  
ILE 'L-peptide linking' y ISOLEUCINE       ? 'C6 H13 N O2'    131.173 
LEU 'L-peptide linking' y LEUCINE          ? 'C6 H13 N O2'    131.173 
LYS 'L-peptide linking' y LYSINE           ? 'C6 H15 N2 O2 1' 147.195 
MSE 'L-peptide linking' n SELENOMETHIONINE ? 'C5 H11 N O2 Se' 196.106 
PHE 'L-peptide linking' y PHENYLALANINE    ? 'C9 H11 N O2'    165.189 
PRO 'L-peptide linking' y PROLINE          ? 'C5 H9 N O2'     115.130 
SEC 'L-peptide linking' y SELENOCYSTEINE   ? 'C3 H7 N O2 Se'  168.053 
SER 'L-peptide linking' y SERINE           ? 'C3 H7 N O3'     105.093 
THR 'L-peptide linking' y THREONINE        ? 'C4 H9 N O3'     119.119 
TRP 'L-peptide linking' y TRYPTOPHAN       ? 'C11 H12 N2 O2'  204.225 
TYR 'L-peptide linking' y TYROSINE         ? 'C9 H11 N O3'    181.189 
VAL 'L-peptide linking' y VALINE           ? 'C5 H11 N O2'    117.146 
# 
loop_
_pdbx_poly_seq_scheme.asym_id 
_pdbx_poly_seq_scheme.entity_id 
_pdbx_poly_seq_scheme.seq_id 
_pdbx_poly_seq_scheme.mon_id 
_pdbx_poly_seq_scheme.ndb_seq_num 
_pdbx_poly_seq_scheme.pdb_seq_num 
_pdbx_poly_seq_scheme.auth_seq_num 
_pdbx_poly_seq_scheme.pdb_mon_id 
_pdbx_poly_seq_scheme.auth_mon_id 
_pdbx_poly_seq_scheme.pdb_strand_id 
_pdbx_poly_seq_scheme.pdb_ins_code 
_pdbx_poly_seq_scheme.hetero 
A 1 1   MSE 1   1   ?  ?   ?   A . n 
A 1 2   GLY 2   2   ?  ?   ?   A . n 
A 1 3   SER 3   3   3  SER SER A . n 
A 1 4   SER 4   4   4  SER SER A . n 
A 1 5   GLN 5   5   5  GLN GLN A . n 
A 1 6   ILE 6   6   6  ILE ILE A . n 
A 1 7   THR 7   7   7  THR THR A . n 
A 1 8   PHE 8   8   8  PHE PHE A . n 
A 1 9   ASN 9   9   9  ASN ASN A . n 
A 1 10  THR 10  10  10 THR THR A . n 
A 1 11  THR 11  11  11 THR THR A . n 
A 1 12  GLN 12  12  12 GLN GLN A . n 
A 1 13  GLN 13  13  13 GLN GLN A . n 
A 1 14  GLY 14  14  14 GLY GLY A . n 
A 1 15  ASP 15  15  15 ASP ASP A . n 
A 1 16  MSE 16  16  16 MSE MSE A . n 
A 1 17  TYR 17  17  17 TYR TYR A . n 
A 1 18  THR 18  18  18 THR THR A . n 
A 1 19  ILE 19  19  19 ILE ILE A . n 
A 1 20  ILE 20  20  20 ILE ILE A . n 
A 1 21  PRO 21  21  21 PRO PRO A . n 
A 1 22  GLU 22  22  22 GLU GLU A . n 
A 1 23  VAL 23  23  23 VAL VAL A . n 
A 1 24  THR 24  24  24 THR THR A . n 
A 1 25  LEU 25  25  25 LEU LEU A . n 
A 1 26  THR 26  26  26 THR THR A . n 
A 1 27  GLN 27  27  27 GLN GLN A . n 
A 1 28  SER 28  28  28 SER SER A . n 
A 1 29  SEC 29  29  29 SEC SEC A . n 
A 1 30  LEU 30  30  30 LEU LEU A . n 
A 1 31  SEC 31  31  31 SEC SEC A . n 
A 1 32  ARG 32  32  32 ARG ARG A . n 
A 1 33  VAL 33  33  33 VAL VAL A . n 
A 1 34  GLN 34  34  34 GLN GLN A . n 
A 1 35  ILE 35  35  35 ILE ILE A . n 
A 1 36  LEU 36  36  36 LEU LEU A . n 
A 1 37  SER 37  37  37 SER SER A . n 
A 1 38  LEU 38  38  38 LEU LEU A . n 
A 1 39  ARG 39  39  39 ARG ARG A . n 
A 1 40  GLU 40  40  40 GLU GLU A . n 
A 1 41  GLY 41  41  41 GLY GLY A . n 
A 1 42  SER 42  42  42 SER SER A . n 
A 1 43  SER 43  43  43 SER SER A . n 
A 1 44  GLY 44  44  44 GLY GLY A . n 
A 1 45  GLN 45  45  45 GLN GLN A . n 
A 1 46  SER 46  46  46 SER SER A . n 
A 1 47  GLN 47  47  47 GLN GLN A . n 
A 1 48  THR 48  48  48 THR THR A . n 
A 1 49  LYS 49  49  49 LYS LYS A . n 
A 1 50  GLN 50  50  50 GLN GLN A . n 
A 1 51  GLU 51  51  51 GLU GLU A . n 
A 1 52  LYS 52  52  52 LYS LYS A . n 
A 1 53  THR 53  53  53 THR THR A . n 
A 1 54  LEU 54  54  54 LEU LEU A . n 
A 1 55  SER 55  55  55 SER SER A . n 
A 1 56  LEU 56  56  56 LEU LEU A . n 
A 1 57  PRO 57  57  57 PRO PRO A . n 
A 1 58  ALA 58  58  58 ALA ALA A . n 
A 1 59  ASN 59  59  59 ASN ASN A . n 
A 1 60  GLN 60  60  60 GLN GLN A . n 
A 1 61  PRO 61  61  61 PRO PRO A . n 
A 1 62  ILE 62  62  62 ILE ILE A . n 
A 1 63  ALA 63  63  63 ALA ALA A . n 
A 1 64  LEU 64  64  64 LEU LEU A . n 
A 1 65  THR 65  65  65 THR THR A . n 
A 1 66  LYS 66  66  66 LYS LYS A . n 
A 1 67  LEU 67  67  67 LEU LEU A . n 
A 1 68  SER 68  68  68 SER SER A . n 
A 1 69  LEU 69  69  69 LEU LEU A . n 
A 1 70  ASN 70  70  70 ASN ASN A . n 
A 1 71  ILE 71  71  71 ILE ILE A . n 
A 1 72  SER 72  72  72 SER SER A . n 
A 1 73  PRO 73  73  73 PRO PRO A . n 
A 1 74  ASP 74  74  74 ASP ASP A . n 
A 1 75  ASP 75  75  75 ASP ASP A . n 
A 1 76  ARG 76  76  76 ARG ARG A . n 
A 1 77  VAL 77  77  77 VAL VAL A . n 
A 1 78  LYS 78  78  78 LYS LYS A . n 
A 1 79  ILE 79  79  79 ILE ILE A . n 
A 1 80  VAL 80  80  80 VAL VAL A . n 
A 1 81  VAL 81  81  81 VAL VAL A . n 
A 1 82  THR 82  82  82 THR THR A . n 
A 1 83  VAL 83  83  83 VAL VAL A . n 
A 1 84  SER 84  84  84 SER SER A . n 
A 1 85  ASP 85  85  85 ASP ASP A . n 
A 1 86  GLY 86  86  86 GLY GLY A . n 
A 1 87  GLN 87  87  87 GLN GLN A . n 
A 1 88  SER 88  88  88 SER SER A . n 
A 1 89  LEU 89  89  89 LEU LEU A . n 
A 1 90  HIS 90  90  90 HIS HIS A . n 
A 1 91  LEU 91  91  91 LEU LEU A . n 
A 1 92  SER 92  92  92 SER SER A . n 
A 1 93  GLN 93  93  93 GLN GLN A . n 
A 1 94  GLN 94  94  94 GLN GLN A . n 
A 1 95  TRP 95  95  95 TRP TRP A . n 
A 1 96  PRO 96  96  96 PRO PRO A . n 
A 1 97  PRO 97  97  97 PRO PRO A . n 
A 1 98  SER 98  98  ?  ?   ?   A . n 
A 1 99  SER 99  99  ?  ?   ?   A . n 
A 1 100 GLU 100 100 ?  ?   ?   A . n 
A 1 101 LYS 101 101 ?  ?   ?   A . n 
A 1 102 SER 102 102 ?  ?   ?   A . n 
A 1 103 LEU 103 103 ?  ?   ?   A . n 
A 1 104 GLU 104 104 ?  ?   ?   A . n 
A 1 105 HIS 105 105 ?  ?   ?   A . n 
A 1 106 HIS 106 106 ?  ?   ?   A . n 
A 1 107 HIS 107 107 ?  ?   ?   A . n 
A 1 108 HIS 108 108 ?  ?   ?   A . n 
A 1 109 HIS 109 109 ?  ?   ?   A . n 
A 1 110 HIS 110 110 ?  ?   ?   A . n 
# 
loop_
_pdbx_nonpoly_scheme.asym_id 
_pdbx_nonpoly_scheme.entity_id 
_pdbx_nonpoly_scheme.mon_id 
_pdbx_nonpoly_scheme.ndb_seq_num 
_pdbx_nonpoly_scheme.pdb_seq_num 
_pdbx_nonpoly_scheme.auth_seq_num 
_pdbx_nonpoly_scheme.pdb_mon_id 
_pdbx_nonpoly_scheme.auth_mon_id 
_pdbx_nonpoly_scheme.pdb_strand_id 
_pdbx_nonpoly_scheme.pdb_ins_code 
B 2 ACT 1  1098 1098 ACT ACT A . 
C 2 ACT 1  1099 1099 ACT ACT A . 
D 2 ACT 1  1100 1100 ACT ACT A . 
E 3 HOH 1  2001 2001 HOH HOH A . 
E 3 HOH 2  2002 2002 HOH HOH A . 
E 3 HOH 3  2003 2003 HOH HOH A . 
E 3 HOH 4  2004 2004 HOH HOH A . 
E 3 HOH 5  2005 2005 HOH HOH A . 
E 3 HOH 6  2006 2006 HOH HOH A . 
E 3 HOH 7  2007 2007 HOH HOH A . 
E 3 HOH 8  2008 2008 HOH HOH A . 
E 3 HOH 9  2009 2009 HOH HOH A . 
E 3 HOH 10 2010 2010 HOH HOH A . 
E 3 HOH 11 2011 2011 HOH HOH A . 
E 3 HOH 12 2012 2012 HOH HOH A . 
E 3 HOH 13 2013 2013 HOH HOH A . 
E 3 HOH 14 2014 2014 HOH HOH A . 
E 3 HOH 15 2015 2015 HOH HOH A . 
E 3 HOH 16 2016 2016 HOH HOH A . 
E 3 HOH 17 2017 2017 HOH HOH A . 
E 3 HOH 18 2018 2018 HOH HOH A . 
E 3 HOH 19 2019 2019 HOH HOH A . 
E 3 HOH 20 2020 2020 HOH HOH A . 
E 3 HOH 21 2021 2021 HOH HOH A . 
E 3 HOH 22 2022 2022 HOH HOH A . 
E 3 HOH 23 2023 2023 HOH HOH A . 
E 3 HOH 24 2024 2024 HOH HOH A . 
E 3 HOH 25 2025 2025 HOH HOH A . 
E 3 HOH 26 2026 2026 HOH HOH A . 
E 3 HOH 27 2027 2027 HOH HOH A . 
E 3 HOH 28 2028 2028 HOH HOH A . 
E 3 HOH 29 2029 2029 HOH HOH A . 
E 3 HOH 30 2030 2030 HOH HOH A . 
E 3 HOH 31 2031 2031 HOH HOH A . 
# 
loop_
_software.name 
_software.classification 
_software.version 
_software.citation_id 
_software.pdbx_ordinal 
XDS    'data reduction' .        ? 1 
XDS    'data scaling'   .        ? 2 
SHELX  phasing          .        ? 3 
PHASER phasing          .        ? 4 
REFMAC refinement       5.5.0109 ? 5 
# 
_cell.entry_id           2XSK 
_cell.length_a           79.270 
_cell.length_b           36.150 
_cell.length_c           39.510 
_cell.angle_alpha        90.00 
_cell.angle_beta         117.09 
_cell.angle_gamma        90.00 
_cell.Z_PDB              4 
_cell.pdbx_unique_axis   ? 
# 
_symmetry.entry_id                         2XSK 
_symmetry.space_group_name_H-M             'C 1 2 1' 
_symmetry.pdbx_full_space_group_name_H-M   ? 
_symmetry.cell_setting                     ? 
_symmetry.Int_Tables_number                5 
# 
_exptl.entry_id          2XSK 
_exptl.method            'X-RAY DIFFRACTION' 
_exptl.crystals_number   1 
# 
_exptl_crystal.id                    1 
_exptl_crystal.density_meas          ? 
_exptl_crystal.density_Matthews      2.06 
_exptl_crystal.density_percent_sol   40.16 
_exptl_crystal.description           'SE SAD USING SELENOCYSTEINE' 
# 
_exptl_crystal_grow.crystal_id      1 
_exptl_crystal_grow.method          ? 
_exptl_crystal_grow.temp            ? 
_exptl_crystal_grow.temp_details    ? 
_exptl_crystal_grow.pH              4.6 
_exptl_crystal_grow.pdbx_pH_range   ? 
_exptl_crystal_grow.pdbx_details    'pH 4.6' 
# 
_diffrn.id                     1 
_diffrn.ambient_temp           100 
_diffrn.ambient_temp_details   ? 
_diffrn.crystal_id             1 
# 
_diffrn_detector.diffrn_id              1 
_diffrn_detector.detector               CCD 
_diffrn_detector.type                   'ADSC CCD' 
_diffrn_detector.pdbx_collection_date   2009-07-17 
_diffrn_detector.details                ? 
# 
_diffrn_radiation.diffrn_id                        1 
_diffrn_radiation.wavelength_id                    1 
_diffrn_radiation.pdbx_monochromatic_or_laue_m_l   M 
_diffrn_radiation.monochromator                    ? 
_diffrn_radiation.pdbx_diffrn_protocol             'SINGLE WAVELENGTH' 
_diffrn_radiation.pdbx_scattering_type             x-ray 
# 
_diffrn_radiation_wavelength.id           1 
_diffrn_radiation_wavelength.wavelength   0.979 
_diffrn_radiation_wavelength.wt           1.0 
# 
_diffrn_source.diffrn_id                   1 
_diffrn_source.source                      SYNCHROTRON 
_diffrn_source.type                        'SOLEIL BEAMLINE PROXIMA 1' 
_diffrn_source.pdbx_synchrotron_site       SOLEIL 
_diffrn_source.pdbx_synchrotron_beamline   'PROXIMA 1' 
_diffrn_source.pdbx_wavelength             0.979 
_diffrn_source.pdbx_wavelength_list        ? 
# 
_reflns.pdbx_diffrn_id               1 
_reflns.pdbx_ordinal                 1 
_reflns.entry_id                     2XSK 
_reflns.observed_criterion_sigma_I   2.6 
_reflns.observed_criterion_sigma_F   ? 
_reflns.d_resolution_low             32.20 
_reflns.d_resolution_high            1.70 
_reflns.number_obs                   11136 
_reflns.number_all                   ? 
_reflns.percent_possible_obs         98.8 
_reflns.pdbx_Rmerge_I_obs            0.04 
_reflns.pdbx_Rsym_value              ? 
_reflns.pdbx_netI_over_sigmaI        16.80 
_reflns.B_iso_Wilson_estimate        ? 
_reflns.pdbx_redundancy              3.0 
# 
_reflns_shell.pdbx_diffrn_id         1 
_reflns_shell.pdbx_ordinal           1 
_reflns_shell.d_res_high             1.70 
_reflns_shell.d_res_low              1.80 
_reflns_shell.percent_possible_all   98.3 
_reflns_shell.Rmerge_I_obs           0.41 
_reflns_shell.pdbx_Rsym_value        ? 
_reflns_shell.meanI_over_sigI_obs    2.60 
_reflns_shell.pdbx_redundancy        ? 
# 
_refine.pdbx_refine_id                           'X-RAY DIFFRACTION' 
_refine.entry_id                                 2XSK 
_refine.pdbx_diffrn_id                           1 
_refine.pdbx_TLS_residual_ADP_flag               ? 
_refine.ls_number_reflns_obs                     10576 
_refine.ls_number_reflns_all                     ? 
_refine.pdbx_ls_sigma_I                          ? 
_refine.pdbx_ls_sigma_F                          . 
_refine.pdbx_data_cutoff_high_absF               ? 
_refine.pdbx_data_cutoff_low_absF                ? 
_refine.pdbx_data_cutoff_high_rms_absF           ? 
_refine.ls_d_res_low                             26.66 
_refine.ls_d_res_high                            1.70 
_refine.ls_percent_reflns_obs                    100.00 
_refine.ls_R_factor_obs                          0.23929 
_refine.ls_R_factor_all                          ? 
_refine.ls_R_factor_R_work                       0.23682 
_refine.ls_R_factor_R_free                       0.28510 
_refine.ls_R_factor_R_free_error                 ? 
_refine.ls_R_factor_R_free_error_details         ? 
_refine.ls_percent_reflns_R_free                 5.0 
_refine.ls_number_reflns_R_free                  557 
_refine.ls_number_parameters                     ? 
_refine.ls_number_restraints                     ? 
_refine.occupancy_min                            ? 
_refine.occupancy_max                            ? 
_refine.correlation_coeff_Fo_to_Fc               0.946 
_refine.correlation_coeff_Fo_to_Fc_free          0.923 
_refine.B_iso_mean                               28.851 
_refine.aniso_B[1][1]                            0.03 
_refine.aniso_B[2][2]                            -0.04 
_refine.aniso_B[3][3]                            0.02 
_refine.aniso_B[1][2]                            0.00 
_refine.aniso_B[1][3]                            0.00 
_refine.aniso_B[2][3]                            0.00 
_refine.solvent_model_details                    MASK 
_refine.solvent_model_param_ksol                 ? 
_refine.solvent_model_param_bsol                 ? 
_refine.pdbx_solvent_vdw_probe_radii             1.40 
_refine.pdbx_solvent_ion_probe_radii             0.80 
_refine.pdbx_solvent_shrinkage_radii             0.80 
_refine.pdbx_ls_cross_valid_method               THROUGHOUT 
_refine.details                                  
'HYDROGENS HAVE BEEN ADDED IN THE RIDING POSITIONS. RESIDUES 1-2 AND 98-110 INCLUDING CTERM HISTAG ARE DISORDERED' 
_refine.pdbx_starting_model                      NONE 
_refine.pdbx_method_to_determine_struct          SAD 
_refine.pdbx_isotropic_thermal_model             ? 
_refine.pdbx_stereochemistry_target_values       'MAXIMUM LIKELIHOOD WITH PHASES' 
_refine.pdbx_stereochem_target_val_spec_case     ? 
_refine.pdbx_R_Free_selection_details            RANDOM 
_refine.pdbx_overall_ESU_R                       0.132 
_refine.pdbx_overall_ESU_R_Free                  0.134 
_refine.overall_SU_ML                            0.104 
_refine.pdbx_overall_phase_error                 ? 
_refine.overall_SU_B                             3.274 
_refine.overall_SU_R_Cruickshank_DPI             ? 
_refine.pdbx_overall_SU_R_free_Cruickshank_DPI   ? 
_refine.pdbx_overall_SU_R_Blow_DPI               ? 
_refine.pdbx_overall_SU_R_free_Blow_DPI          ? 
# 
_refine_hist.pdbx_refine_id                   'X-RAY DIFFRACTION' 
_refine_hist.cycle_id                         LAST 
_refine_hist.pdbx_number_atoms_protein        729 
_refine_hist.pdbx_number_atoms_nucleic_acid   0 
_refine_hist.pdbx_number_atoms_ligand         12 
_refine_hist.number_atoms_solvent             31 
_refine_hist.number_atoms_total               772 
_refine_hist.d_res_high                       1.70 
_refine_hist.d_res_low                        26.66 
# 
loop_
_refine_ls_restr.type 
_refine_ls_restr.dev_ideal 
_refine_ls_restr.dev_ideal_target 
_refine_ls_restr.weight 
_refine_ls_restr.number 
_refine_ls_restr.pdbx_refine_id 
_refine_ls_restr.pdbx_restraint_function 
r_bond_refined_d             0.021  0.022  ? 751  'X-RAY DIFFRACTION' ? 
r_bond_other_d               ?      ?      ? ?    'X-RAY DIFFRACTION' ? 
r_angle_refined_deg          2.128  1.996  ? 1018 'X-RAY DIFFRACTION' ? 
r_angle_other_deg            ?      ?      ? ?    'X-RAY DIFFRACTION' ? 
r_dihedral_angle_1_deg       7.452  5.000  ? 94   'X-RAY DIFFRACTION' ? 
r_dihedral_angle_2_deg       37.068 26.552 ? 29   'X-RAY DIFFRACTION' ? 
r_dihedral_angle_3_deg       18.011 15.000 ? 134  'X-RAY DIFFRACTION' ? 
r_dihedral_angle_4_deg       24.270 15.000 ? 3    'X-RAY DIFFRACTION' ? 
r_chiral_restr               0.150  0.200  ? 125  'X-RAY DIFFRACTION' ? 
r_gen_planes_refined         0.012  0.021  ? 550  'X-RAY DIFFRACTION' ? 
r_gen_planes_other           ?      ?      ? ?    'X-RAY DIFFRACTION' ? 
r_nbd_refined                ?      ?      ? ?    'X-RAY DIFFRACTION' ? 
r_nbd_other                  ?      ?      ? ?    'X-RAY DIFFRACTION' ? 
r_nbtor_refined              ?      ?      ? ?    'X-RAY DIFFRACTION' ? 
r_nbtor_other                ?      ?      ? ?    'X-RAY DIFFRACTION' ? 
r_xyhbond_nbd_refined        ?      ?      ? ?    'X-RAY DIFFRACTION' ? 
r_xyhbond_nbd_other          ?      ?      ? ?    'X-RAY DIFFRACTION' ? 
r_metal_ion_refined          ?      ?      ? ?    'X-RAY DIFFRACTION' ? 
r_metal_ion_other            ?      ?      ? ?    'X-RAY DIFFRACTION' ? 
r_symmetry_vdw_refined       ?      ?      ? ?    'X-RAY DIFFRACTION' ? 
r_symmetry_vdw_other         ?      ?      ? ?    'X-RAY DIFFRACTION' ? 
r_symmetry_hbond_refined     ?      ?      ? ?    'X-RAY DIFFRACTION' ? 
r_symmetry_hbond_other       ?      ?      ? ?    'X-RAY DIFFRACTION' ? 
r_symmetry_metal_ion_refined ?      ?      ? ?    'X-RAY DIFFRACTION' ? 
r_symmetry_metal_ion_other   ?      ?      ? ?    'X-RAY DIFFRACTION' ? 
r_mcbond_it                  1.522  1.500  ? 488  'X-RAY DIFFRACTION' ? 
r_mcbond_other               ?      ?      ? ?    'X-RAY DIFFRACTION' ? 
r_mcangle_it                 2.874  2.000  ? 792  'X-RAY DIFFRACTION' ? 
r_mcangle_other              ?      ?      ? ?    'X-RAY DIFFRACTION' ? 
r_scbond_it                  4.239  3.000  ? 263  'X-RAY DIFFRACTION' ? 
r_scbond_other               ?      ?      ? ?    'X-RAY DIFFRACTION' ? 
r_scangle_it                 6.908  4.500  ? 226  'X-RAY DIFFRACTION' ? 
r_scangle_other              ?      ?      ? ?    'X-RAY DIFFRACTION' ? 
r_long_range_B_refined       ?      ?      ? ?    'X-RAY DIFFRACTION' ? 
r_long_range_B_other         ?      ?      ? ?    'X-RAY DIFFRACTION' ? 
r_rigid_bond_restr           ?      ?      ? ?    'X-RAY DIFFRACTION' ? 
r_sphericity_free            ?      ?      ? ?    'X-RAY DIFFRACTION' ? 
r_sphericity_bonded          ?      ?      ? ?    'X-RAY DIFFRACTION' ? 
# 
_refine_ls_shell.pdbx_refine_id                   'X-RAY DIFFRACTION' 
_refine_ls_shell.pdbx_total_number_of_bins_used   20 
_refine_ls_shell.d_res_high                       1.699 
_refine_ls_shell.d_res_low                        1.743 
_refine_ls_shell.number_reflns_R_work             792 
_refine_ls_shell.R_factor_R_work                  0.377 
_refine_ls_shell.percent_reflns_obs               100.00 
_refine_ls_shell.R_factor_R_free                  0.481 
_refine_ls_shell.R_factor_R_free_error            ? 
_refine_ls_shell.percent_reflns_R_free            ? 
_refine_ls_shell.number_reflns_R_free             42 
_refine_ls_shell.number_reflns_all                ? 
_refine_ls_shell.R_factor_all                     ? 
# 
_struct.entry_id                  2XSK 
_struct.title                     'E. coli curli protein CsgC - SeCys' 
_struct.pdbx_model_details        ? 
_struct.pdbx_CASP_flag            ? 
_struct.pdbx_model_type_details   ? 
# 
_struct_keywords.entry_id        2XSK 
_struct_keywords.pdbx_keywords   CHAPERONE 
_struct_keywords.text            CHAPERONE 
# 
loop_
_struct_asym.id 
_struct_asym.pdbx_blank_PDB_chainid_flag 
_struct_asym.pdbx_modified 
_struct_asym.entity_id 
_struct_asym.details 
A N N 1 ? 
B N N 2 ? 
C N N 2 ? 
D N N 2 ? 
E N N 3 ? 
# 
_struct_ref.id                         1 
_struct_ref.db_name                    UNP 
_struct_ref.db_code                    B2CY50_ECOLX 
_struct_ref.entity_id                  1 
_struct_ref.pdbx_seq_one_letter_code   ? 
_struct_ref.pdbx_align_begin           ? 
_struct_ref.pdbx_db_accession          B2CY50 
_struct_ref.pdbx_db_isoform            ? 
# 
_struct_ref_seq.align_id                      1 
_struct_ref_seq.ref_id                        1 
_struct_ref_seq.pdbx_PDB_id_code              2XSK 
_struct_ref_seq.pdbx_strand_id                A 
_struct_ref_seq.seq_align_beg                 3 
_struct_ref_seq.pdbx_seq_align_beg_ins_code   ? 
_struct_ref_seq.seq_align_end                 102 
_struct_ref_seq.pdbx_seq_align_end_ins_code   ? 
_struct_ref_seq.pdbx_db_accession             B2CY50 
_struct_ref_seq.db_align_beg                  11 
_struct_ref_seq.pdbx_db_align_beg_ins_code    ? 
_struct_ref_seq.db_align_end                  110 
_struct_ref_seq.pdbx_db_align_end_ins_code    ? 
_struct_ref_seq.pdbx_auth_seq_align_beg       3 
_struct_ref_seq.pdbx_auth_seq_align_end       102 
# 
loop_
_struct_ref_seq_dif.align_id 
_struct_ref_seq_dif.pdbx_pdb_id_code 
_struct_ref_seq_dif.mon_id 
_struct_ref_seq_dif.pdbx_pdb_strand_id 
_struct_ref_seq_dif.seq_num 
_struct_ref_seq_dif.pdbx_pdb_ins_code 
_struct_ref_seq_dif.pdbx_seq_db_name 
_struct_ref_seq_dif.pdbx_seq_db_accession_code 
_struct_ref_seq_dif.db_mon_id 
_struct_ref_seq_dif.pdbx_seq_db_seq_num 
_struct_ref_seq_dif.details 
_struct_ref_seq_dif.pdbx_auth_seq_num 
_struct_ref_seq_dif.pdbx_ordinal 
1 2XSK MSE A 1   ? UNP B2CY50 ? ? 'expression tag' 1   1  
1 2XSK GLY A 2   ? UNP B2CY50 ? ? 'expression tag' 2   2  
1 2XSK LEU A 103 ? UNP B2CY50 ? ? 'expression tag' 103 3  
1 2XSK GLU A 104 ? UNP B2CY50 ? ? 'expression tag' 104 4  
1 2XSK HIS A 105 ? UNP B2CY50 ? ? 'expression tag' 105 5  
1 2XSK HIS A 106 ? UNP B2CY50 ? ? 'expression tag' 106 6  
1 2XSK HIS A 107 ? UNP B2CY50 ? ? 'expression tag' 107 7  
1 2XSK HIS A 108 ? UNP B2CY50 ? ? 'expression tag' 108 8  
1 2XSK HIS A 109 ? UNP B2CY50 ? ? 'expression tag' 109 9  
1 2XSK HIS A 110 ? UNP B2CY50 ? ? 'expression tag' 110 10 
# 
_pdbx_struct_assembly.id                   1 
_pdbx_struct_assembly.details              author_and_software_defined_assembly 
_pdbx_struct_assembly.method_details       PISA 
_pdbx_struct_assembly.oligomeric_details   monomeric 
_pdbx_struct_assembly.oligomeric_count     1 
# 
_pdbx_struct_assembly_gen.assembly_id       1 
_pdbx_struct_assembly_gen.oper_expression   1 
_pdbx_struct_assembly_gen.asym_id_list      A,B,C,D,E 
# 
_pdbx_struct_oper_list.id                   1 
_pdbx_struct_oper_list.type                 'identity operation' 
_pdbx_struct_oper_list.name                 1_555 
_pdbx_struct_oper_list.symmetry_operation   x,y,z 
_pdbx_struct_oper_list.matrix[1][1]         1.0000000000 
_pdbx_struct_oper_list.matrix[1][2]         0.0000000000 
_pdbx_struct_oper_list.matrix[1][3]         0.0000000000 
_pdbx_struct_oper_list.vector[1]            0.0000000000 
_pdbx_struct_oper_list.matrix[2][1]         0.0000000000 
_pdbx_struct_oper_list.matrix[2][2]         1.0000000000 
_pdbx_struct_oper_list.matrix[2][3]         0.0000000000 
_pdbx_struct_oper_list.vector[2]            0.0000000000 
_pdbx_struct_oper_list.matrix[3][1]         0.0000000000 
_pdbx_struct_oper_list.matrix[3][2]         0.0000000000 
_pdbx_struct_oper_list.matrix[3][3]         1.0000000000 
_pdbx_struct_oper_list.vector[3]            0.0000000000 
# 
_struct_biol.id   1 
# 
loop_
_struct_conn.id 
_struct_conn.conn_type_id 
_struct_conn.pdbx_leaving_atom_flag 
_struct_conn.pdbx_PDB_id 
_struct_conn.ptnr1_label_asym_id 
_struct_conn.ptnr1_label_comp_id 
_struct_conn.ptnr1_label_seq_id 
_struct_conn.ptnr1_label_atom_id 
_struct_conn.pdbx_ptnr1_label_alt_id 
_struct_conn.pdbx_ptnr1_PDB_ins_code 
_struct_conn.pdbx_ptnr1_standard_comp_id 
_struct_conn.ptnr1_symmetry 
_struct_conn.ptnr2_label_asym_id 
_struct_conn.ptnr2_label_comp_id 
_struct_conn.ptnr2_label_seq_id 
_struct_conn.ptnr2_label_atom_id 
_struct_conn.pdbx_ptnr2_label_alt_id 
_struct_conn.pdbx_ptnr2_PDB_ins_code 
_struct_conn.ptnr1_auth_asym_id 
_struct_conn.ptnr1_auth_comp_id 
_struct_conn.ptnr1_auth_seq_id 
_struct_conn.ptnr2_auth_asym_id 
_struct_conn.ptnr2_auth_comp_id 
_struct_conn.ptnr2_auth_seq_id 
_struct_conn.ptnr2_symmetry 
_struct_conn.pdbx_ptnr3_label_atom_id 
_struct_conn.pdbx_ptnr3_label_seq_id 
_struct_conn.pdbx_ptnr3_label_comp_id 
_struct_conn.pdbx_ptnr3_label_asym_id 
_struct_conn.pdbx_ptnr3_label_alt_id 
_struct_conn.pdbx_ptnr3_PDB_ins_code 
_struct_conn.details 
_struct_conn.pdbx_dist_value 
_struct_conn.pdbx_value_order 
_struct_conn.pdbx_role 
covale1 covale both ? A ASP 15 C  ? ? ? 1_555 A MSE 16 N  ? ? A ASP 15 A MSE 16 1_555 ? ? ? ? ? ? ? 1.332 ? ? 
covale2 covale both ? A MSE 16 C  ? ? ? 1_555 A TYR 17 N  ? ? A MSE 16 A TYR 17 1_555 ? ? ? ? ? ? ? 1.330 ? ? 
covale3 covale none ? A SEC 29 SE ? ? ? 1_555 A SEC 31 SE ? ? A SEC 29 A SEC 31 1_555 ? ? ? ? ? ? ? 2.285 ? ? 
# 
_struct_conn_type.id          covale 
_struct_conn_type.criteria    ? 
_struct_conn_type.reference   ? 
# 
loop_
_pdbx_modification_feature.ordinal 
_pdbx_modification_feature.label_comp_id 
_pdbx_modification_feature.label_asym_id 
_pdbx_modification_feature.label_seq_id 
_pdbx_modification_feature.label_alt_id 
_pdbx_modification_feature.modified_residue_label_comp_id 
_pdbx_modification_feature.modified_residue_label_asym_id 
_pdbx_modification_feature.modified_residue_label_seq_id 
_pdbx_modification_feature.modified_residue_label_alt_id 
_pdbx_modification_feature.auth_comp_id 
_pdbx_modification_feature.auth_asym_id 
_pdbx_modification_feature.auth_seq_id 
_pdbx_modification_feature.PDB_ins_code 
_pdbx_modification_feature.symmetry 
_pdbx_modification_feature.modified_residue_auth_comp_id 
_pdbx_modification_feature.modified_residue_auth_asym_id 
_pdbx_modification_feature.modified_residue_auth_seq_id 
_pdbx_modification_feature.modified_residue_PDB_ins_code 
_pdbx_modification_feature.modified_residue_symmetry 
_pdbx_modification_feature.comp_id_linking_atom 
_pdbx_modification_feature.modified_residue_id_linking_atom 
_pdbx_modification_feature.modified_residue_id 
_pdbx_modification_feature.ref_pcm_id 
_pdbx_modification_feature.ref_comp_id 
_pdbx_modification_feature.type 
_pdbx_modification_feature.category 
1 MSE A 16 ? .   . .  . MSE A 16 ? 1_555 .   . .  . .     .  .  MET 1 MSE Selenomethionine 'Named protein modification' 
2 SEC A 29 ? SEC A 31 ? SEC A 29 ? 1_555 SEC A 31 ? 1_555 SE SE .   . .   None             'Non-standard linkage'       
# 
_struct_mon_prot_cis.pdbx_id                1 
_struct_mon_prot_cis.label_comp_id          TRP 
_struct_mon_prot_cis.label_seq_id           95 
_struct_mon_prot_cis.label_asym_id          A 
_struct_mon_prot_cis.label_alt_id           . 
_struct_mon_prot_cis.pdbx_PDB_ins_code      ? 
_struct_mon_prot_cis.auth_comp_id           TRP 
_struct_mon_prot_cis.auth_seq_id            95 
_struct_mon_prot_cis.auth_asym_id           A 
_struct_mon_prot_cis.pdbx_label_comp_id_2   PRO 
_struct_mon_prot_cis.pdbx_label_seq_id_2    96 
_struct_mon_prot_cis.pdbx_label_asym_id_2   A 
_struct_mon_prot_cis.pdbx_PDB_ins_code_2    ? 
_struct_mon_prot_cis.pdbx_auth_comp_id_2    PRO 
_struct_mon_prot_cis.pdbx_auth_seq_id_2     96 
_struct_mon_prot_cis.pdbx_auth_asym_id_2    A 
_struct_mon_prot_cis.pdbx_PDB_model_num     1 
_struct_mon_prot_cis.pdbx_omega_angle       1.02 
# 
loop_
_struct_sheet.id 
_struct_sheet.type 
_struct_sheet.number_strands 
_struct_sheet.details 
AA ? 2 ? 
AB ? 2 ? 
AC ? 2 ? 
AD ? 4 ? 
# 
loop_
_struct_sheet_order.sheet_id 
_struct_sheet_order.range_id_1 
_struct_sheet_order.range_id_2 
_struct_sheet_order.offset 
_struct_sheet_order.sense 
AA 1 2 ? anti-parallel 
AB 1 2 ? parallel      
AC 1 2 ? anti-parallel 
AD 1 2 ? anti-parallel 
AD 2 3 ? anti-parallel 
AD 3 4 ? anti-parallel 
# 
loop_
_struct_sheet_range.sheet_id 
_struct_sheet_range.id 
_struct_sheet_range.beg_label_comp_id 
_struct_sheet_range.beg_label_asym_id 
_struct_sheet_range.beg_label_seq_id 
_struct_sheet_range.pdbx_beg_PDB_ins_code 
_struct_sheet_range.end_label_comp_id 
_struct_sheet_range.end_label_asym_id 
_struct_sheet_range.end_label_seq_id 
_struct_sheet_range.pdbx_end_PDB_ins_code 
_struct_sheet_range.beg_auth_comp_id 
_struct_sheet_range.beg_auth_asym_id 
_struct_sheet_range.beg_auth_seq_id 
_struct_sheet_range.end_auth_comp_id 
_struct_sheet_range.end_auth_asym_id 
_struct_sheet_range.end_auth_seq_id 
AA 1 GLN A 5  ? GLN A 13 ? GLN A 5  GLN A 13 
AA 2 MSE A 16 ? THR A 24 ? MSE A 16 THR A 24 
AB 1 PRO A 61 ? ALA A 63 ? PRO A 61 ALA A 63 
AB 2 MSE A 16 ? THR A 24 ? MSE A 16 THR A 24 
AC 1 LEU A 67 ? ASN A 70 ? LEU A 67 ASN A 70 
AC 2 MSE A 16 ? THR A 24 ? MSE A 16 THR A 24 
AD 1 GLN A 45 ? LEU A 56 ? GLN A 45 LEU A 56 
AD 2 SEC A 29 ? GLU A 40 ? SEC A 29 GLU A 40 
AD 3 ARG A 76 ? SER A 84 ? ARG A 76 SER A 84 
AD 4 HIS A 90 ? TRP A 95 ? HIS A 90 TRP A 95 
# 
loop_
_pdbx_struct_sheet_hbond.sheet_id 
_pdbx_struct_sheet_hbond.range_id_1 
_pdbx_struct_sheet_hbond.range_id_2 
_pdbx_struct_sheet_hbond.range_1_label_atom_id 
_pdbx_struct_sheet_hbond.range_1_label_comp_id 
_pdbx_struct_sheet_hbond.range_1_label_asym_id 
_pdbx_struct_sheet_hbond.range_1_label_seq_id 
_pdbx_struct_sheet_hbond.range_1_PDB_ins_code 
_pdbx_struct_sheet_hbond.range_1_auth_atom_id 
_pdbx_struct_sheet_hbond.range_1_auth_comp_id 
_pdbx_struct_sheet_hbond.range_1_auth_asym_id 
_pdbx_struct_sheet_hbond.range_1_auth_seq_id 
_pdbx_struct_sheet_hbond.range_2_label_atom_id 
_pdbx_struct_sheet_hbond.range_2_label_comp_id 
_pdbx_struct_sheet_hbond.range_2_label_asym_id 
_pdbx_struct_sheet_hbond.range_2_label_seq_id 
_pdbx_struct_sheet_hbond.range_2_PDB_ins_code 
_pdbx_struct_sheet_hbond.range_2_auth_atom_id 
_pdbx_struct_sheet_hbond.range_2_auth_comp_id 
_pdbx_struct_sheet_hbond.range_2_auth_asym_id 
_pdbx_struct_sheet_hbond.range_2_auth_seq_id 
AA 1 2 N GLN A 13 ? N GLN A 13 O MSE A 16 ? O MSE A 16 
AB 1 2 N ILE A 62 ? N ILE A 62 O VAL A 23 ? O VAL A 23 
AC 1 2 N LEU A 69 ? N LEU A 69 O TYR A 17 ? O TYR A 17 
AD 1 2 N LEU A 56 ? N LEU A 56 O SEC A 29 ? O SEC A 29 
AD 2 3 N GLU A 40 ? N GLU A 40 O ARG A 76 ? O ARG A 76 
AD 3 4 N VAL A 83 ? N VAL A 83 O LEU A 91 ? O LEU A 91 
# 
loop_
_struct_site.id 
_struct_site.pdbx_evidence_code 
_struct_site.pdbx_auth_asym_id 
_struct_site.pdbx_auth_comp_id 
_struct_site.pdbx_auth_seq_id 
_struct_site.pdbx_auth_ins_code 
_struct_site.pdbx_num_residues 
_struct_site.details 
AC1 Software A ACT 1098 ? 5 'BINDING SITE FOR RESIDUE ACT A 1098' 
AC2 Software A ACT 1099 ? 4 'BINDING SITE FOR RESIDUE ACT A 1099' 
AC3 Software A ACT 1100 ? 5 'BINDING SITE FOR RESIDUE ACT A 1100' 
# 
loop_
_struct_site_gen.id 
_struct_site_gen.site_id 
_struct_site_gen.pdbx_num_res 
_struct_site_gen.label_comp_id 
_struct_site_gen.label_asym_id 
_struct_site_gen.label_seq_id 
_struct_site_gen.pdbx_auth_ins_code 
_struct_site_gen.auth_comp_id 
_struct_site_gen.auth_asym_id 
_struct_site_gen.auth_seq_id 
_struct_site_gen.label_atom_id 
_struct_site_gen.label_alt_id 
_struct_site_gen.symmetry 
_struct_site_gen.details 
1  AC1 5 LEU A 30 ? LEU A 30 . ? 1_555 ? 
2  AC1 5 SEC A 31 ? SEC A 31 . ? 1_555 ? 
3  AC1 5 ARG A 32 ? ARG A 32 . ? 1_555 ? 
4  AC1 5 THR A 53 ? THR A 53 . ? 1_555 ? 
5  AC1 5 ASP A 85 ? ASP A 85 . ? 1_555 ? 
6  AC2 4 ASN A 9  ? ASN A 9  . ? 1_555 ? 
7  AC2 4 THR A 11 ? THR A 11 . ? 1_555 ? 
8  AC2 4 THR A 18 ? THR A 18 . ? 1_555 ? 
9  AC2 4 ILE A 20 ? ILE A 20 . ? 1_555 ? 
10 AC3 5 ASP A 15 ? ASP A 15 . ? 1_555 ? 
11 AC3 5 TYR A 17 ? TYR A 17 . ? 1_555 ? 
12 AC3 5 TYR A 17 ? TYR A 17 . ? 2_554 ? 
13 AC3 5 ILE A 71 ? ILE A 71 . ? 1_555 ? 
14 AC3 5 ILE A 71 ? ILE A 71 . ? 2_554 ? 
# 
_pdbx_entry_details.entry_id                   2XSK 
_pdbx_entry_details.compound_details           ? 
_pdbx_entry_details.source_details             ? 
_pdbx_entry_details.nonpolymer_details         ? 
_pdbx_entry_details.sequence_details           ? 
_pdbx_entry_details.has_ligand_of_interest     ? 
_pdbx_entry_details.has_protein_modification   Y 
# 
_pdbx_validate_rmsd_bond.id                        1 
_pdbx_validate_rmsd_bond.PDB_model_num             1 
_pdbx_validate_rmsd_bond.auth_atom_id_1            C 
_pdbx_validate_rmsd_bond.auth_asym_id_1            A 
_pdbx_validate_rmsd_bond.auth_comp_id_1            SER 
_pdbx_validate_rmsd_bond.auth_seq_id_1             28 
_pdbx_validate_rmsd_bond.PDB_ins_code_1            ? 
_pdbx_validate_rmsd_bond.label_alt_id_1            ? 
_pdbx_validate_rmsd_bond.auth_atom_id_2            N 
_pdbx_validate_rmsd_bond.auth_asym_id_2            A 
_pdbx_validate_rmsd_bond.auth_comp_id_2            SEC 
_pdbx_validate_rmsd_bond.auth_seq_id_2             29 
_pdbx_validate_rmsd_bond.PDB_ins_code_2            ? 
_pdbx_validate_rmsd_bond.label_alt_id_2            ? 
_pdbx_validate_rmsd_bond.bond_value                1.558 
_pdbx_validate_rmsd_bond.bond_target_value         1.336 
_pdbx_validate_rmsd_bond.bond_deviation            0.222 
_pdbx_validate_rmsd_bond.bond_standard_deviation   0.023 
_pdbx_validate_rmsd_bond.linker_flag               Y 
# 
_pdbx_validate_torsion.id              1 
_pdbx_validate_torsion.PDB_model_num   1 
_pdbx_validate_torsion.auth_comp_id    GLN 
_pdbx_validate_torsion.auth_asym_id    A 
_pdbx_validate_torsion.auth_seq_id     87 
_pdbx_validate_torsion.PDB_ins_code    ? 
_pdbx_validate_torsion.label_alt_id    ? 
_pdbx_validate_torsion.phi             -114.41 
_pdbx_validate_torsion.psi             -91.93 
# 
_pdbx_struct_mod_residue.id               1 
_pdbx_struct_mod_residue.label_asym_id    A 
_pdbx_struct_mod_residue.label_comp_id    MSE 
_pdbx_struct_mod_residue.label_seq_id     16 
_pdbx_struct_mod_residue.auth_asym_id     A 
_pdbx_struct_mod_residue.auth_comp_id     MSE 
_pdbx_struct_mod_residue.auth_seq_id      16 
_pdbx_struct_mod_residue.PDB_ins_code     ? 
_pdbx_struct_mod_residue.parent_comp_id   MET 
_pdbx_struct_mod_residue.details          SELENOMETHIONINE 
# 
_pdbx_struct_special_symmetry.id              1 
_pdbx_struct_special_symmetry.PDB_model_num   1 
_pdbx_struct_special_symmetry.auth_asym_id    A 
_pdbx_struct_special_symmetry.auth_comp_id    ACT 
_pdbx_struct_special_symmetry.auth_seq_id     1100 
_pdbx_struct_special_symmetry.PDB_ins_code    ? 
_pdbx_struct_special_symmetry.label_asym_id   D 
_pdbx_struct_special_symmetry.label_comp_id   ACT 
_pdbx_struct_special_symmetry.label_seq_id    . 
# 
loop_
_pdbx_unobs_or_zero_occ_residues.id 
_pdbx_unobs_or_zero_occ_residues.PDB_model_num 
_pdbx_unobs_or_zero_occ_residues.polymer_flag 
_pdbx_unobs_or_zero_occ_residues.occupancy_flag 
_pdbx_unobs_or_zero_occ_residues.auth_asym_id 
_pdbx_unobs_or_zero_occ_residues.auth_comp_id 
_pdbx_unobs_or_zero_occ_residues.auth_seq_id 
_pdbx_unobs_or_zero_occ_residues.PDB_ins_code 
_pdbx_unobs_or_zero_occ_residues.label_asym_id 
_pdbx_unobs_or_zero_occ_residues.label_comp_id 
_pdbx_unobs_or_zero_occ_residues.label_seq_id 
1  1 Y 1 A MSE 1   ? A MSE 1   
2  1 Y 1 A GLY 2   ? A GLY 2   
3  1 Y 1 A SER 98  ? A SER 98  
4  1 Y 1 A SER 99  ? A SER 99  
5  1 Y 1 A GLU 100 ? A GLU 100 
6  1 Y 1 A LYS 101 ? A LYS 101 
7  1 Y 1 A SER 102 ? A SER 102 
8  1 Y 1 A LEU 103 ? A LEU 103 
9  1 Y 1 A GLU 104 ? A GLU 104 
10 1 Y 1 A HIS 105 ? A HIS 105 
11 1 Y 1 A HIS 106 ? A HIS 106 
12 1 Y 1 A HIS 107 ? A HIS 107 
13 1 Y 1 A HIS 108 ? A HIS 108 
14 1 Y 1 A HIS 109 ? A HIS 109 
15 1 Y 1 A HIS 110 ? A HIS 110 
# 
loop_
_chem_comp_atom.comp_id 
_chem_comp_atom.atom_id 
_chem_comp_atom.type_symbol 
_chem_comp_atom.pdbx_aromatic_flag 
_chem_comp_atom.pdbx_stereo_config 
_chem_comp_atom.pdbx_ordinal 
ACT C    C  N N 1   
ACT O    O  N N 2   
ACT OXT  O  N N 3   
ACT CH3  C  N N 4   
ACT H1   H  N N 5   
ACT H2   H  N N 6   
ACT H3   H  N N 7   
ALA N    N  N N 8   
ALA CA   C  N S 9   
ALA C    C  N N 10  
ALA O    O  N N 11  
ALA CB   C  N N 12  
ALA OXT  O  N N 13  
ALA H    H  N N 14  
ALA H2   H  N N 15  
ALA HA   H  N N 16  
ALA HB1  H  N N 17  
ALA HB2  H  N N 18  
ALA HB3  H  N N 19  
ALA HXT  H  N N 20  
ARG N    N  N N 21  
ARG CA   C  N S 22  
ARG C    C  N N 23  
ARG O    O  N N 24  
ARG CB   C  N N 25  
ARG CG   C  N N 26  
ARG CD   C  N N 27  
ARG NE   N  N N 28  
ARG CZ   C  N N 29  
ARG NH1  N  N N 30  
ARG NH2  N  N N 31  
ARG OXT  O  N N 32  
ARG H    H  N N 33  
ARG H2   H  N N 34  
ARG HA   H  N N 35  
ARG HB2  H  N N 36  
ARG HB3  H  N N 37  
ARG HG2  H  N N 38  
ARG HG3  H  N N 39  
ARG HD2  H  N N 40  
ARG HD3  H  N N 41  
ARG HE   H  N N 42  
ARG HH11 H  N N 43  
ARG HH12 H  N N 44  
ARG HH21 H  N N 45  
ARG HH22 H  N N 46  
ARG HXT  H  N N 47  
ASN N    N  N N 48  
ASN CA   C  N S 49  
ASN C    C  N N 50  
ASN O    O  N N 51  
ASN CB   C  N N 52  
ASN CG   C  N N 53  
ASN OD1  O  N N 54  
ASN ND2  N  N N 55  
ASN OXT  O  N N 56  
ASN H    H  N N 57  
ASN H2   H  N N 58  
ASN HA   H  N N 59  
ASN HB2  H  N N 60  
ASN HB3  H  N N 61  
ASN HD21 H  N N 62  
ASN HD22 H  N N 63  
ASN HXT  H  N N 64  
ASP N    N  N N 65  
ASP CA   C  N S 66  
ASP C    C  N N 67  
ASP O    O  N N 68  
ASP CB   C  N N 69  
ASP CG   C  N N 70  
ASP OD1  O  N N 71  
ASP OD2  O  N N 72  
ASP OXT  O  N N 73  
ASP H    H  N N 74  
ASP H2   H  N N 75  
ASP HA   H  N N 76  
ASP HB2  H  N N 77  
ASP HB3  H  N N 78  
ASP HD2  H  N N 79  
ASP HXT  H  N N 80  
GLN N    N  N N 81  
GLN CA   C  N S 82  
GLN C    C  N N 83  
GLN O    O  N N 84  
GLN CB   C  N N 85  
GLN CG   C  N N 86  
GLN CD   C  N N 87  
GLN OE1  O  N N 88  
GLN NE2  N  N N 89  
GLN OXT  O  N N 90  
GLN H    H  N N 91  
GLN H2   H  N N 92  
GLN HA   H  N N 93  
GLN HB2  H  N N 94  
GLN HB3  H  N N 95  
GLN HG2  H  N N 96  
GLN HG3  H  N N 97  
GLN HE21 H  N N 98  
GLN HE22 H  N N 99  
GLN HXT  H  N N 100 
GLU N    N  N N 101 
GLU CA   C  N S 102 
GLU C    C  N N 103 
GLU O    O  N N 104 
GLU CB   C  N N 105 
GLU CG   C  N N 106 
GLU CD   C  N N 107 
GLU OE1  O  N N 108 
GLU OE2  O  N N 109 
GLU OXT  O  N N 110 
GLU H    H  N N 111 
GLU H2   H  N N 112 
GLU HA   H  N N 113 
GLU HB2  H  N N 114 
GLU HB3  H  N N 115 
GLU HG2  H  N N 116 
GLU HG3  H  N N 117 
GLU HE2  H  N N 118 
GLU HXT  H  N N 119 
GLY N    N  N N 120 
GLY CA   C  N N 121 
GLY C    C  N N 122 
GLY O    O  N N 123 
GLY OXT  O  N N 124 
GLY H    H  N N 125 
GLY H2   H  N N 126 
GLY HA2  H  N N 127 
GLY HA3  H  N N 128 
GLY HXT  H  N N 129 
HIS N    N  N N 130 
HIS CA   C  N S 131 
HIS C    C  N N 132 
HIS O    O  N N 133 
HIS CB   C  N N 134 
HIS CG   C  Y N 135 
HIS ND1  N  Y N 136 
HIS CD2  C  Y N 137 
HIS CE1  C  Y N 138 
HIS NE2  N  Y N 139 
HIS OXT  O  N N 140 
HIS H    H  N N 141 
HIS H2   H  N N 142 
HIS HA   H  N N 143 
HIS HB2  H  N N 144 
HIS HB3  H  N N 145 
HIS HD1  H  N N 146 
HIS HD2  H  N N 147 
HIS HE1  H  N N 148 
HIS HE2  H  N N 149 
HIS HXT  H  N N 150 
HOH O    O  N N 151 
HOH H1   H  N N 152 
HOH H2   H  N N 153 
ILE N    N  N N 154 
ILE CA   C  N S 155 
ILE C    C  N N 156 
ILE O    O  N N 157 
ILE CB   C  N S 158 
ILE CG1  C  N N 159 
ILE CG2  C  N N 160 
ILE CD1  C  N N 161 
ILE OXT  O  N N 162 
ILE H    H  N N 163 
ILE H2   H  N N 164 
ILE HA   H  N N 165 
ILE HB   H  N N 166 
ILE HG12 H  N N 167 
ILE HG13 H  N N 168 
ILE HG21 H  N N 169 
ILE HG22 H  N N 170 
ILE HG23 H  N N 171 
ILE HD11 H  N N 172 
ILE HD12 H  N N 173 
ILE HD13 H  N N 174 
ILE HXT  H  N N 175 
LEU N    N  N N 176 
LEU CA   C  N S 177 
LEU C    C  N N 178 
LEU O    O  N N 179 
LEU CB   C  N N 180 
LEU CG   C  N N 181 
LEU CD1  C  N N 182 
LEU CD2  C  N N 183 
LEU OXT  O  N N 184 
LEU H    H  N N 185 
LEU H2   H  N N 186 
LEU HA   H  N N 187 
LEU HB2  H  N N 188 
LEU HB3  H  N N 189 
LEU HG   H  N N 190 
LEU HD11 H  N N 191 
LEU HD12 H  N N 192 
LEU HD13 H  N N 193 
LEU HD21 H  N N 194 
LEU HD22 H  N N 195 
LEU HD23 H  N N 196 
LEU HXT  H  N N 197 
LYS N    N  N N 198 
LYS CA   C  N S 199 
LYS C    C  N N 200 
LYS O    O  N N 201 
LYS CB   C  N N 202 
LYS CG   C  N N 203 
LYS CD   C  N N 204 
LYS CE   C  N N 205 
LYS NZ   N  N N 206 
LYS OXT  O  N N 207 
LYS H    H  N N 208 
LYS H2   H  N N 209 
LYS HA   H  N N 210 
LYS HB2  H  N N 211 
LYS HB3  H  N N 212 
LYS HG2  H  N N 213 
LYS HG3  H  N N 214 
LYS HD2  H  N N 215 
LYS HD3  H  N N 216 
LYS HE2  H  N N 217 
LYS HE3  H  N N 218 
LYS HZ1  H  N N 219 
LYS HZ2  H  N N 220 
LYS HZ3  H  N N 221 
LYS HXT  H  N N 222 
MSE N    N  N N 223 
MSE CA   C  N S 224 
MSE C    C  N N 225 
MSE O    O  N N 226 
MSE OXT  O  N N 227 
MSE CB   C  N N 228 
MSE CG   C  N N 229 
MSE SE   SE N N 230 
MSE CE   C  N N 231 
MSE H    H  N N 232 
MSE H2   H  N N 233 
MSE HA   H  N N 234 
MSE HXT  H  N N 235 
MSE HB2  H  N N 236 
MSE HB3  H  N N 237 
MSE HG2  H  N N 238 
MSE HG3  H  N N 239 
MSE HE1  H  N N 240 
MSE HE2  H  N N 241 
MSE HE3  H  N N 242 
PHE N    N  N N 243 
PHE CA   C  N S 244 
PHE C    C  N N 245 
PHE O    O  N N 246 
PHE CB   C  N N 247 
PHE CG   C  Y N 248 
PHE CD1  C  Y N 249 
PHE CD2  C  Y N 250 
PHE CE1  C  Y N 251 
PHE CE2  C  Y N 252 
PHE CZ   C  Y N 253 
PHE OXT  O  N N 254 
PHE H    H  N N 255 
PHE H2   H  N N 256 
PHE HA   H  N N 257 
PHE HB2  H  N N 258 
PHE HB3  H  N N 259 
PHE HD1  H  N N 260 
PHE HD2  H  N N 261 
PHE HE1  H  N N 262 
PHE HE2  H  N N 263 
PHE HZ   H  N N 264 
PHE HXT  H  N N 265 
PRO N    N  N N 266 
PRO CA   C  N S 267 
PRO C    C  N N 268 
PRO O    O  N N 269 
PRO CB   C  N N 270 
PRO CG   C  N N 271 
PRO CD   C  N N 272 
PRO OXT  O  N N 273 
PRO H    H  N N 274 
PRO HA   H  N N 275 
PRO HB2  H  N N 276 
PRO HB3  H  N N 277 
PRO HG2  H  N N 278 
PRO HG3  H  N N 279 
PRO HD2  H  N N 280 
PRO HD3  H  N N 281 
PRO HXT  H  N N 282 
SEC N    N  N N 283 
SEC CA   C  N R 284 
SEC CB   C  N N 285 
SEC SE   SE N N 286 
SEC C    C  N N 287 
SEC O    O  N N 288 
SEC OXT  O  N N 289 
SEC H    H  N N 290 
SEC H2   H  N N 291 
SEC HA   H  N N 292 
SEC HB2  H  N N 293 
SEC HB3  H  N N 294 
SEC HE   H  N N 295 
SEC HXT  H  N N 296 
SER N    N  N N 297 
SER CA   C  N S 298 
SER C    C  N N 299 
SER O    O  N N 300 
SER CB   C  N N 301 
SER OG   O  N N 302 
SER OXT  O  N N 303 
SER H    H  N N 304 
SER H2   H  N N 305 
SER HA   H  N N 306 
SER HB2  H  N N 307 
SER HB3  H  N N 308 
SER HG   H  N N 309 
SER HXT  H  N N 310 
THR N    N  N N 311 
THR CA   C  N S 312 
THR C    C  N N 313 
THR O    O  N N 314 
THR CB   C  N R 315 
THR OG1  O  N N 316 
THR CG2  C  N N 317 
THR OXT  O  N N 318 
THR H    H  N N 319 
THR H2   H  N N 320 
THR HA   H  N N 321 
THR HB   H  N N 322 
THR HG1  H  N N 323 
THR HG21 H  N N 324 
THR HG22 H  N N 325 
THR HG23 H  N N 326 
THR HXT  H  N N 327 
TRP N    N  N N 328 
TRP CA   C  N S 329 
TRP C    C  N N 330 
TRP O    O  N N 331 
TRP CB   C  N N 332 
TRP CG   C  Y N 333 
TRP CD1  C  Y N 334 
TRP CD2  C  Y N 335 
TRP NE1  N  Y N 336 
TRP CE2  C  Y N 337 
TRP CE3  C  Y N 338 
TRP CZ2  C  Y N 339 
TRP CZ3  C  Y N 340 
TRP CH2  C  Y N 341 
TRP OXT  O  N N 342 
TRP H    H  N N 343 
TRP H2   H  N N 344 
TRP HA   H  N N 345 
TRP HB2  H  N N 346 
TRP HB3  H  N N 347 
TRP HD1  H  N N 348 
TRP HE1  H  N N 349 
TRP HE3  H  N N 350 
TRP HZ2  H  N N 351 
TRP HZ3  H  N N 352 
TRP HH2  H  N N 353 
TRP HXT  H  N N 354 
TYR N    N  N N 355 
TYR CA   C  N S 356 
TYR C    C  N N 357 
TYR O    O  N N 358 
TYR CB   C  N N 359 
TYR CG   C  Y N 360 
TYR CD1  C  Y N 361 
TYR CD2  C  Y N 362 
TYR CE1  C  Y N 363 
TYR CE2  C  Y N 364 
TYR CZ   C  Y N 365 
TYR OH   O  N N 366 
TYR OXT  O  N N 367 
TYR H    H  N N 368 
TYR H2   H  N N 369 
TYR HA   H  N N 370 
TYR HB2  H  N N 371 
TYR HB3  H  N N 372 
TYR HD1  H  N N 373 
TYR HD2  H  N N 374 
TYR HE1  H  N N 375 
TYR HE2  H  N N 376 
TYR HH   H  N N 377 
TYR HXT  H  N N 378 
VAL N    N  N N 379 
VAL CA   C  N S 380 
VAL C    C  N N 381 
VAL O    O  N N 382 
VAL CB   C  N N 383 
VAL CG1  C  N N 384 
VAL CG2  C  N N 385 
VAL OXT  O  N N 386 
VAL H    H  N N 387 
VAL H2   H  N N 388 
VAL HA   H  N N 389 
VAL HB   H  N N 390 
VAL HG11 H  N N 391 
VAL HG12 H  N N 392 
VAL HG13 H  N N 393 
VAL HG21 H  N N 394 
VAL HG22 H  N N 395 
VAL HG23 H  N N 396 
VAL HXT  H  N N 397 
# 
loop_
_chem_comp_bond.comp_id 
_chem_comp_bond.atom_id_1 
_chem_comp_bond.atom_id_2 
_chem_comp_bond.value_order 
_chem_comp_bond.pdbx_aromatic_flag 
_chem_comp_bond.pdbx_stereo_config 
_chem_comp_bond.pdbx_ordinal 
ACT C   O    doub N N 1   
ACT C   OXT  sing N N 2   
ACT C   CH3  sing N N 3   
ACT CH3 H1   sing N N 4   
ACT CH3 H2   sing N N 5   
ACT CH3 H3   sing N N 6   
ALA N   CA   sing N N 7   
ALA N   H    sing N N 8   
ALA N   H2   sing N N 9   
ALA CA  C    sing N N 10  
ALA CA  CB   sing N N 11  
ALA CA  HA   sing N N 12  
ALA C   O    doub N N 13  
ALA C   OXT  sing N N 14  
ALA CB  HB1  sing N N 15  
ALA CB  HB2  sing N N 16  
ALA CB  HB3  sing N N 17  
ALA OXT HXT  sing N N 18  
ARG N   CA   sing N N 19  
ARG N   H    sing N N 20  
ARG N   H2   sing N N 21  
ARG CA  C    sing N N 22  
ARG CA  CB   sing N N 23  
ARG CA  HA   sing N N 24  
ARG C   O    doub N N 25  
ARG C   OXT  sing N N 26  
ARG CB  CG   sing N N 27  
ARG CB  HB2  sing N N 28  
ARG CB  HB3  sing N N 29  
ARG CG  CD   sing N N 30  
ARG CG  HG2  sing N N 31  
ARG CG  HG3  sing N N 32  
ARG CD  NE   sing N N 33  
ARG CD  HD2  sing N N 34  
ARG CD  HD3  sing N N 35  
ARG NE  CZ   sing N N 36  
ARG NE  HE   sing N N 37  
ARG CZ  NH1  sing N N 38  
ARG CZ  NH2  doub N N 39  
ARG NH1 HH11 sing N N 40  
ARG NH1 HH12 sing N N 41  
ARG NH2 HH21 sing N N 42  
ARG NH2 HH22 sing N N 43  
ARG OXT HXT  sing N N 44  
ASN N   CA   sing N N 45  
ASN N   H    sing N N 46  
ASN N   H2   sing N N 47  
ASN CA  C    sing N N 48  
ASN CA  CB   sing N N 49  
ASN CA  HA   sing N N 50  
ASN C   O    doub N N 51  
ASN C   OXT  sing N N 52  
ASN CB  CG   sing N N 53  
ASN CB  HB2  sing N N 54  
ASN CB  HB3  sing N N 55  
ASN CG  OD1  doub N N 56  
ASN CG  ND2  sing N N 57  
ASN ND2 HD21 sing N N 58  
ASN ND2 HD22 sing N N 59  
ASN OXT HXT  sing N N 60  
ASP N   CA   sing N N 61  
ASP N   H    sing N N 62  
ASP N   H2   sing N N 63  
ASP CA  C    sing N N 64  
ASP CA  CB   sing N N 65  
ASP CA  HA   sing N N 66  
ASP C   O    doub N N 67  
ASP C   OXT  sing N N 68  
ASP CB  CG   sing N N 69  
ASP CB  HB2  sing N N 70  
ASP CB  HB3  sing N N 71  
ASP CG  OD1  doub N N 72  
ASP CG  OD2  sing N N 73  
ASP OD2 HD2  sing N N 74  
ASP OXT HXT  sing N N 75  
GLN N   CA   sing N N 76  
GLN N   H    sing N N 77  
GLN N   H2   sing N N 78  
GLN CA  C    sing N N 79  
GLN CA  CB   sing N N 80  
GLN CA  HA   sing N N 81  
GLN C   O    doub N N 82  
GLN C   OXT  sing N N 83  
GLN CB  CG   sing N N 84  
GLN CB  HB2  sing N N 85  
GLN CB  HB3  sing N N 86  
GLN CG  CD   sing N N 87  
GLN CG  HG2  sing N N 88  
GLN CG  HG3  sing N N 89  
GLN CD  OE1  doub N N 90  
GLN CD  NE2  sing N N 91  
GLN NE2 HE21 sing N N 92  
GLN NE2 HE22 sing N N 93  
GLN OXT HXT  sing N N 94  
GLU N   CA   sing N N 95  
GLU N   H    sing N N 96  
GLU N   H2   sing N N 97  
GLU CA  C    sing N N 98  
GLU CA  CB   sing N N 99  
GLU CA  HA   sing N N 100 
GLU C   O    doub N N 101 
GLU C   OXT  sing N N 102 
GLU CB  CG   sing N N 103 
GLU CB  HB2  sing N N 104 
GLU CB  HB3  sing N N 105 
GLU CG  CD   sing N N 106 
GLU CG  HG2  sing N N 107 
GLU CG  HG3  sing N N 108 
GLU CD  OE1  doub N N 109 
GLU CD  OE2  sing N N 110 
GLU OE2 HE2  sing N N 111 
GLU OXT HXT  sing N N 112 
GLY N   CA   sing N N 113 
GLY N   H    sing N N 114 
GLY N   H2   sing N N 115 
GLY CA  C    sing N N 116 
GLY CA  HA2  sing N N 117 
GLY CA  HA3  sing N N 118 
GLY C   O    doub N N 119 
GLY C   OXT  sing N N 120 
GLY OXT HXT  sing N N 121 
HIS N   CA   sing N N 122 
HIS N   H    sing N N 123 
HIS N   H2   sing N N 124 
HIS CA  C    sing N N 125 
HIS CA  CB   sing N N 126 
HIS CA  HA   sing N N 127 
HIS C   O    doub N N 128 
HIS C   OXT  sing N N 129 
HIS CB  CG   sing N N 130 
HIS CB  HB2  sing N N 131 
HIS CB  HB3  sing N N 132 
HIS CG  ND1  sing Y N 133 
HIS CG  CD2  doub Y N 134 
HIS ND1 CE1  doub Y N 135 
HIS ND1 HD1  sing N N 136 
HIS CD2 NE2  sing Y N 137 
HIS CD2 HD2  sing N N 138 
HIS CE1 NE2  sing Y N 139 
HIS CE1 HE1  sing N N 140 
HIS NE2 HE2  sing N N 141 
HIS OXT HXT  sing N N 142 
HOH O   H1   sing N N 143 
HOH O   H2   sing N N 144 
ILE N   CA   sing N N 145 
ILE N   H    sing N N 146 
ILE N   H2   sing N N 147 
ILE CA  C    sing N N 148 
ILE CA  CB   sing N N 149 
ILE CA  HA   sing N N 150 
ILE C   O    doub N N 151 
ILE C   OXT  sing N N 152 
ILE CB  CG1  sing N N 153 
ILE CB  CG2  sing N N 154 
ILE CB  HB   sing N N 155 
ILE CG1 CD1  sing N N 156 
ILE CG1 HG12 sing N N 157 
ILE CG1 HG13 sing N N 158 
ILE CG2 HG21 sing N N 159 
ILE CG2 HG22 sing N N 160 
ILE CG2 HG23 sing N N 161 
ILE CD1 HD11 sing N N 162 
ILE CD1 HD12 sing N N 163 
ILE CD1 HD13 sing N N 164 
ILE OXT HXT  sing N N 165 
LEU N   CA   sing N N 166 
LEU N   H    sing N N 167 
LEU N   H2   sing N N 168 
LEU CA  C    sing N N 169 
LEU CA  CB   sing N N 170 
LEU CA  HA   sing N N 171 
LEU C   O    doub N N 172 
LEU C   OXT  sing N N 173 
LEU CB  CG   sing N N 174 
LEU CB  HB2  sing N N 175 
LEU CB  HB3  sing N N 176 
LEU CG  CD1  sing N N 177 
LEU CG  CD2  sing N N 178 
LEU CG  HG   sing N N 179 
LEU CD1 HD11 sing N N 180 
LEU CD1 HD12 sing N N 181 
LEU CD1 HD13 sing N N 182 
LEU CD2 HD21 sing N N 183 
LEU CD2 HD22 sing N N 184 
LEU CD2 HD23 sing N N 185 
LEU OXT HXT  sing N N 186 
LYS N   CA   sing N N 187 
LYS N   H    sing N N 188 
LYS N   H2   sing N N 189 
LYS CA  C    sing N N 190 
LYS CA  CB   sing N N 191 
LYS CA  HA   sing N N 192 
LYS C   O    doub N N 193 
LYS C   OXT  sing N N 194 
LYS CB  CG   sing N N 195 
LYS CB  HB2  sing N N 196 
LYS CB  HB3  sing N N 197 
LYS CG  CD   sing N N 198 
LYS CG  HG2  sing N N 199 
LYS CG  HG3  sing N N 200 
LYS CD  CE   sing N N 201 
LYS CD  HD2  sing N N 202 
LYS CD  HD3  sing N N 203 
LYS CE  NZ   sing N N 204 
LYS CE  HE2  sing N N 205 
LYS CE  HE3  sing N N 206 
LYS NZ  HZ1  sing N N 207 
LYS NZ  HZ2  sing N N 208 
LYS NZ  HZ3  sing N N 209 
LYS OXT HXT  sing N N 210 
MSE N   CA   sing N N 211 
MSE N   H    sing N N 212 
MSE N   H2   sing N N 213 
MSE CA  C    sing N N 214 
MSE CA  CB   sing N N 215 
MSE CA  HA   sing N N 216 
MSE C   O    doub N N 217 
MSE C   OXT  sing N N 218 
MSE OXT HXT  sing N N 219 
MSE CB  CG   sing N N 220 
MSE CB  HB2  sing N N 221 
MSE CB  HB3  sing N N 222 
MSE CG  SE   sing N N 223 
MSE CG  HG2  sing N N 224 
MSE CG  HG3  sing N N 225 
MSE SE  CE   sing N N 226 
MSE CE  HE1  sing N N 227 
MSE CE  HE2  sing N N 228 
MSE CE  HE3  sing N N 229 
PHE N   CA   sing N N 230 
PHE N   H    sing N N 231 
PHE N   H2   sing N N 232 
PHE CA  C    sing N N 233 
PHE CA  CB   sing N N 234 
PHE CA  HA   sing N N 235 
PHE C   O    doub N N 236 
PHE C   OXT  sing N N 237 
PHE CB  CG   sing N N 238 
PHE CB  HB2  sing N N 239 
PHE CB  HB3  sing N N 240 
PHE CG  CD1  doub Y N 241 
PHE CG  CD2  sing Y N 242 
PHE CD1 CE1  sing Y N 243 
PHE CD1 HD1  sing N N 244 
PHE CD2 CE2  doub Y N 245 
PHE CD2 HD2  sing N N 246 
PHE CE1 CZ   doub Y N 247 
PHE CE1 HE1  sing N N 248 
PHE CE2 CZ   sing Y N 249 
PHE CE2 HE2  sing N N 250 
PHE CZ  HZ   sing N N 251 
PHE OXT HXT  sing N N 252 
PRO N   CA   sing N N 253 
PRO N   CD   sing N N 254 
PRO N   H    sing N N 255 
PRO CA  C    sing N N 256 
PRO CA  CB   sing N N 257 
PRO CA  HA   sing N N 258 
PRO C   O    doub N N 259 
PRO C   OXT  sing N N 260 
PRO CB  CG   sing N N 261 
PRO CB  HB2  sing N N 262 
PRO CB  HB3  sing N N 263 
PRO CG  CD   sing N N 264 
PRO CG  HG2  sing N N 265 
PRO CG  HG3  sing N N 266 
PRO CD  HD2  sing N N 267 
PRO CD  HD3  sing N N 268 
PRO OXT HXT  sing N N 269 
SEC N   CA   sing N N 270 
SEC N   H    sing N N 271 
SEC N   H2   sing N N 272 
SEC CA  CB   sing N N 273 
SEC CA  C    sing N N 274 
SEC CA  HA   sing N N 275 
SEC CB  SE   sing N N 276 
SEC CB  HB2  sing N N 277 
SEC CB  HB3  sing N N 278 
SEC SE  HE   sing N N 279 
SEC C   O    doub N N 280 
SEC C   OXT  sing N N 281 
SEC OXT HXT  sing N N 282 
SER N   CA   sing N N 283 
SER N   H    sing N N 284 
SER N   H2   sing N N 285 
SER CA  C    sing N N 286 
SER CA  CB   sing N N 287 
SER CA  HA   sing N N 288 
SER C   O    doub N N 289 
SER C   OXT  sing N N 290 
SER CB  OG   sing N N 291 
SER CB  HB2  sing N N 292 
SER CB  HB3  sing N N 293 
SER OG  HG   sing N N 294 
SER OXT HXT  sing N N 295 
THR N   CA   sing N N 296 
THR N   H    sing N N 297 
THR N   H2   sing N N 298 
THR CA  C    sing N N 299 
THR CA  CB   sing N N 300 
THR CA  HA   sing N N 301 
THR C   O    doub N N 302 
THR C   OXT  sing N N 303 
THR CB  OG1  sing N N 304 
THR CB  CG2  sing N N 305 
THR CB  HB   sing N N 306 
THR OG1 HG1  sing N N 307 
THR CG2 HG21 sing N N 308 
THR CG2 HG22 sing N N 309 
THR CG2 HG23 sing N N 310 
THR OXT HXT  sing N N 311 
TRP N   CA   sing N N 312 
TRP N   H    sing N N 313 
TRP N   H2   sing N N 314 
TRP CA  C    sing N N 315 
TRP CA  CB   sing N N 316 
TRP CA  HA   sing N N 317 
TRP C   O    doub N N 318 
TRP C   OXT  sing N N 319 
TRP CB  CG   sing N N 320 
TRP CB  HB2  sing N N 321 
TRP CB  HB3  sing N N 322 
TRP CG  CD1  doub Y N 323 
TRP CG  CD2  sing Y N 324 
TRP CD1 NE1  sing Y N 325 
TRP CD1 HD1  sing N N 326 
TRP CD2 CE2  doub Y N 327 
TRP CD2 CE3  sing Y N 328 
TRP NE1 CE2  sing Y N 329 
TRP NE1 HE1  sing N N 330 
TRP CE2 CZ2  sing Y N 331 
TRP CE3 CZ3  doub Y N 332 
TRP CE3 HE3  sing N N 333 
TRP CZ2 CH2  doub Y N 334 
TRP CZ2 HZ2  sing N N 335 
TRP CZ3 CH2  sing Y N 336 
TRP CZ3 HZ3  sing N N 337 
TRP CH2 HH2  sing N N 338 
TRP OXT HXT  sing N N 339 
TYR N   CA   sing N N 340 
TYR N   H    sing N N 341 
TYR N   H2   sing N N 342 
TYR CA  C    sing N N 343 
TYR CA  CB   sing N N 344 
TYR CA  HA   sing N N 345 
TYR C   O    doub N N 346 
TYR C   OXT  sing N N 347 
TYR CB  CG   sing N N 348 
TYR CB  HB2  sing N N 349 
TYR CB  HB3  sing N N 350 
TYR CG  CD1  doub Y N 351 
TYR CG  CD2  sing Y N 352 
TYR CD1 CE1  sing Y N 353 
TYR CD1 HD1  sing N N 354 
TYR CD2 CE2  doub Y N 355 
TYR CD2 HD2  sing N N 356 
TYR CE1 CZ   doub Y N 357 
TYR CE1 HE1  sing N N 358 
TYR CE2 CZ   sing Y N 359 
TYR CE2 HE2  sing N N 360 
TYR CZ  OH   sing N N 361 
TYR OH  HH   sing N N 362 
TYR OXT HXT  sing N N 363 
VAL N   CA   sing N N 364 
VAL N   H    sing N N 365 
VAL N   H2   sing N N 366 
VAL CA  C    sing N N 367 
VAL CA  CB   sing N N 368 
VAL CA  HA   sing N N 369 
VAL C   O    doub N N 370 
VAL C   OXT  sing N N 371 
VAL CB  CG1  sing N N 372 
VAL CB  CG2  sing N N 373 
VAL CB  HB   sing N N 374 
VAL CG1 HG11 sing N N 375 
VAL CG1 HG12 sing N N 376 
VAL CG1 HG13 sing N N 377 
VAL CG2 HG21 sing N N 378 
VAL CG2 HG22 sing N N 379 
VAL CG2 HG23 sing N N 380 
VAL OXT HXT  sing N N 381 
# 
_atom_sites.entry_id                    2XSK 
_atom_sites.fract_transf_matrix[1][1]   0.00942928 
_atom_sites.fract_transf_matrix[1][2]   -0.00662143 
_atom_sites.fract_transf_matrix[1][3]   -0.00824772 
_atom_sites.fract_transf_matrix[2][1]   -0.01072020 
_atom_sites.fract_transf_matrix[2][2]   -0.02441961 
_atom_sites.fract_transf_matrix[2][3]   0.00734858 
_atom_sites.fract_transf_matrix[3][1]   -0.00753109 
_atom_sites.fract_transf_matrix[3][2]   -0.00481508 
_atom_sites.fract_transf_matrix[3][3]   -0.02698714 
_atom_sites.fract_transf_vector[1]      0.159772 
_atom_sites.fract_transf_vector[2]      0.298083 
_atom_sites.fract_transf_vector[3]      0.010331 
# 
loop_
_atom_type.symbol 
C  
N  
O  
SE 
# 
loop_
_atom_site.group_PDB 
_atom_site.id 
_atom_site.type_symbol 
_atom_site.label_atom_id 
_atom_site.label_alt_id 
_atom_site.label_comp_id 
_atom_site.label_asym_id 
_atom_site.label_entity_id 
_atom_site.label_seq_id 
_atom_site.pdbx_PDB_ins_code 
_atom_site.Cartn_x 
_atom_site.Cartn_y 
_atom_site.Cartn_z 
_atom_site.occupancy 
_atom_site.B_iso_or_equiv 
_atom_site.pdbx_formal_charge 
_atom_site.auth_seq_id 
_atom_site.auth_comp_id 
_atom_site.auth_asym_id 
_atom_site.auth_atom_id 
_atom_site.pdbx_PDB_model_num 
ATOM   1   N  N   . SER A 1 3  ? 12.880  -9.983  -8.837  0.50 29.10 ? 3    SER A N   1 
ATOM   2   C  CA  . SER A 1 3  ? 13.127  -8.888  -7.854  0.50 29.45 ? 3    SER A CA  1 
ATOM   3   C  C   . SER A 1 3  ? 12.002  -7.854  -7.842  0.50 28.83 ? 3    SER A C   1 
ATOM   4   O  O   . SER A 1 3  ? 12.206  -6.715  -7.413  0.50 28.05 ? 3    SER A O   1 
ATOM   5   C  CB  . SER A 1 3  ? 14.467  -8.206  -8.136  0.50 29.29 ? 3    SER A CB  1 
ATOM   6   O  OG  . SER A 1 3  ? 14.475  -7.607  -9.420  0.50 29.22 ? 3    SER A OG  1 
ATOM   7   N  N   . SER A 1 4  ? 10.826  -8.254  -8.322  1.00 28.19 ? 4    SER A N   1 
ATOM   8   C  CA  . SER A 1 4  ? 9.629   -7.423  -8.254  1.00 27.25 ? 4    SER A CA  1 
ATOM   9   C  C   . SER A 1 4  ? 9.209   -7.286  -6.794  1.00 26.35 ? 4    SER A C   1 
ATOM   10  O  O   . SER A 1 4  ? 9.124   -8.287  -6.078  1.00 23.76 ? 4    SER A O   1 
ATOM   11  C  CB  . SER A 1 4  ? 8.497   -8.041  -9.077  1.00 28.36 ? 4    SER A CB  1 
ATOM   12  O  OG  . SER A 1 4  ? 8.888   -8.230  -10.427 1.00 26.17 ? 4    SER A OG  1 
ATOM   13  N  N   . GLN A 1 5  ? 8.961   -6.056  -6.350  1.00 25.22 ? 5    GLN A N   1 
ATOM   14  C  CA  . GLN A 1 5  ? 8.685   -5.806  -4.931  1.00 23.63 ? 5    GLN A CA  1 
ATOM   15  C  C   . GLN A 1 5  ? 7.744   -4.634  -4.648  1.00 24.06 ? 5    GLN A C   1 
ATOM   16  O  O   . GLN A 1 5  ? 7.530   -3.769  -5.502  1.00 21.51 ? 5    GLN A O   1 
ATOM   17  C  CB  . GLN A 1 5  ? 9.997   -5.632  -4.147  1.00 24.04 ? 5    GLN A CB  1 
ATOM   18  C  CG  . GLN A 1 5  ? 10.822  -4.404  -4.531  0.50 23.07 ? 5    GLN A CG  1 
ATOM   19  C  CD  . GLN A 1 5  ? 12.048  -4.214  -3.653  0.50 26.42 ? 5    GLN A CD  1 
ATOM   20  O  OE1 . GLN A 1 5  ? 12.082  -4.645  -2.499  0.50 28.66 ? 5    GLN A OE1 1 
ATOM   21  N  NE2 . GLN A 1 5  ? 13.065  -3.557  -4.199  0.50 27.02 ? 5    GLN A NE2 1 
ATOM   22  N  N   . ILE A 1 6  ? 7.194   -4.625  -3.435  1.00 20.98 ? 6    ILE A N   1 
ATOM   23  C  CA  . ILE A 1 6  ? 6.378   -3.519  -2.941  1.00 20.00 ? 6    ILE A CA  1 
ATOM   24  C  C   . ILE A 1 6  ? 7.115   -2.798  -1.812  1.00 18.35 ? 6    ILE A C   1 
ATOM   25  O  O   . ILE A 1 6  ? 7.544   -3.422  -0.838  1.00 18.38 ? 6    ILE A O   1 
ATOM   26  C  CB  . ILE A 1 6  ? 4.985   -3.998  -2.446  1.00 18.09 ? 6    ILE A CB  1 
ATOM   27  C  CG1 . ILE A 1 6  ? 4.227   -4.709  -3.572  1.00 18.39 ? 6    ILE A CG1 1 
ATOM   28  C  CG2 . ILE A 1 6  ? 4.165   -2.823  -1.901  1.00 17.62 ? 6    ILE A CG2 1 
ATOM   29  C  CD1 . ILE A 1 6  ? 3.016   -5.498  -3.106  1.00 18.37 ? 6    ILE A CD1 1 
ATOM   30  N  N   . THR A 1 7  ? 7.266   -1.485  -1.962  1.00 18.26 ? 7    THR A N   1 
ATOM   31  C  CA  . THR A 1 7  ? 7.893   -0.642  -0.943  1.00 19.28 ? 7    THR A CA  1 
ATOM   32  C  C   . THR A 1 7  ? 6.952   0.483   -0.516  1.00 21.02 ? 7    THR A C   1 
ATOM   33  O  O   . THR A 1 7  ? 6.002   0.810   -1.230  1.00 19.69 ? 7    THR A O   1 
ATOM   34  C  CB  . THR A 1 7  ? 9.229   -0.037  -1.436  1.00 19.57 ? 7    THR A CB  1 
ATOM   35  O  OG1 . THR A 1 7  ? 9.042   0.556   -2.727  1.00 21.51 ? 7    THR A OG1 1 
ATOM   36  C  CG2 . THR A 1 7  ? 10.311  -1.107  -1.523  1.00 25.22 ? 7    THR A CG2 1 
ATOM   37  N  N   . PHE A 1 8  ? 7.219   1.068   0.649   1.00 21.64 ? 8    PHE A N   1 
ATOM   38  C  CA  . PHE A 1 8  ? 6.387   2.146   1.181   1.00 22.40 ? 8    PHE A CA  1 
ATOM   39  C  C   . PHE A 1 8  ? 7.180   3.436   1.380   1.00 22.96 ? 8    PHE A C   1 
ATOM   40  O  O   . PHE A 1 8  ? 8.149   3.469   2.144   1.00 23.15 ? 8    PHE A O   1 
ATOM   41  C  CB  . PHE A 1 8  ? 5.725   1.721   2.497   1.00 20.33 ? 8    PHE A CB  1 
ATOM   42  C  CG  . PHE A 1 8  ? 4.713   0.618   2.343   1.00 21.00 ? 8    PHE A CG  1 
ATOM   43  C  CD1 . PHE A 1 8  ? 3.383   0.911   2.055   1.00 21.15 ? 8    PHE A CD1 1 
ATOM   44  C  CD2 . PHE A 1 8  ? 5.087   -0.714  2.496   1.00 17.60 ? 8    PHE A CD2 1 
ATOM   45  C  CE1 . PHE A 1 8  ? 2.441   -0.106  1.915   1.00 21.76 ? 8    PHE A CE1 1 
ATOM   46  C  CE2 . PHE A 1 8  ? 4.153   -1.740  2.357   1.00 18.11 ? 8    PHE A CE2 1 
ATOM   47  C  CZ  . PHE A 1 8  ? 2.828   -1.434  2.066   1.00 19.53 ? 8    PHE A CZ  1 
ATOM   48  N  N   . ASN A 1 9  ? 6.764   4.489   0.681   1.00 22.49 ? 9    ASN A N   1 
ATOM   49  C  CA  . ASN A 1 9  ? 7.338   5.819   0.859   1.00 22.61 ? 9    ASN A CA  1 
ATOM   50  C  C   . ASN A 1 9  ? 6.518   6.633   1.855   1.00 21.66 ? 9    ASN A C   1 
ATOM   51  O  O   . ASN A 1 9  ? 5.321   6.852   1.651   1.00 20.34 ? 9    ASN A O   1 
ATOM   52  C  CB  . ASN A 1 9  ? 7.451   6.552   -0.483  1.00 22.70 ? 9    ASN A CB  1 
ATOM   53  C  CG  . ASN A 1 9  ? 8.528   5.969   -1.386  1.00 23.55 ? 9    ASN A CG  1 
ATOM   54  O  OD1 . ASN A 1 9  ? 9.382   5.195   -0.947  1.00 21.29 ? 9    ASN A OD1 1 
ATOM   55  N  ND2 . ASN A 1 9  ? 8.495   6.347   -2.659  1.00 24.57 ? 9    ASN A ND2 1 
ATOM   56  N  N   . THR A 1 10 ? 7.166   7.070   2.933   1.00 20.51 ? 10   THR A N   1 
ATOM   57  C  CA  . THR A 1 10 ? 6.466   7.714   4.047   1.00 22.34 ? 10   THR A CA  1 
ATOM   58  C  C   . THR A 1 10 ? 7.082   9.039   4.496   1.00 22.71 ? 10   THR A C   1 
ATOM   59  O  O   . THR A 1 10 ? 8.305   9.181   4.562   1.00 20.48 ? 10   THR A O   1 
ATOM   60  C  CB  . THR A 1 10 ? 6.364   6.777   5.275   1.00 23.52 ? 10   THR A CB  1 
ATOM   61  O  OG1 . THR A 1 10 ? 7.664   6.274   5.609   1.00 24.40 ? 10   THR A OG1 1 
ATOM   62  C  CG2 . THR A 1 10 ? 5.429   5.612   4.993   1.00 20.77 ? 10   THR A CG2 1 
ATOM   63  N  N   . THR A 1 11 ? 6.211   10.001  4.799   1.00 23.21 ? 11   THR A N   1 
ATOM   64  C  CA  . THR A 1 11 ? 6.600   11.278  5.401   1.00 27.67 ? 11   THR A CA  1 
ATOM   65  C  C   . THR A 1 11 ? 5.724   11.563  6.621   1.00 30.37 ? 11   THR A C   1 
ATOM   66  O  O   . THR A 1 11 ? 4.616   11.030  6.734   1.00 29.14 ? 11   THR A O   1 
ATOM   67  C  CB  . THR A 1 11 ? 6.482   12.456  4.406   1.00 26.50 ? 11   THR A CB  1 
ATOM   68  O  OG1 . THR A 1 11 ? 5.184   12.452  3.801   1.00 29.74 ? 11   THR A OG1 1 
ATOM   69  C  CG2 . THR A 1 11 ? 7.550   12.367  3.322   1.00 28.51 ? 11   THR A CG2 1 
ATOM   70  N  N   . GLN A 1 12 ? 6.219   12.406  7.525   1.00 33.17 ? 12   GLN A N   1 
ATOM   71  C  CA  . GLN A 1 12 ? 5.513   12.702  8.770   1.00 36.86 ? 12   GLN A CA  1 
ATOM   72  C  C   . GLN A 1 12 ? 5.505   14.194  9.111   1.00 38.70 ? 12   GLN A C   1 
ATOM   73  O  O   . GLN A 1 12 ? 6.547   14.853  9.090   1.00 38.32 ? 12   GLN A O   1 
ATOM   74  C  CB  . GLN A 1 12 ? 6.121   11.901  9.928   1.00 36.30 ? 12   GLN A CB  1 
ATOM   75  C  CG  . GLN A 1 12 ? 5.388   12.049  11.262  1.00 38.27 ? 12   GLN A CG  1 
ATOM   76  C  CD  . GLN A 1 12 ? 6.182   11.515  12.444  1.00 38.62 ? 12   GLN A CD  1 
ATOM   77  O  OE1 . GLN A 1 12 ? 5.531   11.434  13.598  1.00 43.31 ? 12   GLN A OE1 1 
ATOM   78  N  NE2 . GLN A 1 12 ? 7.363   11.184  12.325  1.00 40.70 ? 12   GLN A NE2 1 
ATOM   79  N  N   . GLN A 1 13 ? 4.316   14.708  9.419   1.00 41.87 ? 13   GLN A N   1 
ATOM   80  C  CA  . GLN A 1 13 ? 4.146   16.059  9.951   1.00 45.62 ? 13   GLN A CA  1 
ATOM   81  C  C   . GLN A 1 13 ? 3.406   15.985  11.284  1.00 46.04 ? 13   GLN A C   1 
ATOM   82  O  O   . GLN A 1 13 ? 2.174   15.904  11.317  1.00 46.30 ? 13   GLN A O   1 
ATOM   83  C  CB  . GLN A 1 13 ? 3.381   16.948  8.967   0.75 46.31 ? 13   GLN A CB  1 
ATOM   84  C  CG  . GLN A 1 13 ? 4.198   17.439  7.778   0.75 52.32 ? 13   GLN A CG  1 
ATOM   85  C  CD  . GLN A 1 13 ? 3.442   18.437  6.912   0.75 58.62 ? 13   GLN A CD  1 
ATOM   86  O  OE1 . GLN A 1 13 ? 2.210   18.471  6.904   0.75 59.89 ? 13   GLN A OE1 1 
ATOM   87  N  NE2 . GLN A 1 13 ? 4.184   19.255  6.174   0.75 59.29 ? 13   GLN A NE2 1 
ATOM   88  N  N   . GLY A 1 14 ? 4.164   16.008  12.378  1.00 46.94 ? 14   GLY A N   1 
ATOM   89  C  CA  . GLY A 1 14 ? 3.604   15.871  13.722  1.00 47.38 ? 14   GLY A CA  1 
ATOM   90  C  C   . GLY A 1 14 ? 3.023   14.488  13.945  1.00 47.26 ? 14   GLY A C   1 
ATOM   91  O  O   . GLY A 1 14 ? 3.745   13.550  14.292  1.00 47.37 ? 14   GLY A O   1 
ATOM   92  N  N   . ASP A 1 15 ? 1.714   14.368  13.738  1.00 46.42 ? 15   ASP A N   1 
ATOM   93  C  CA  . ASP A 1 15 ? 1.020   13.083  13.820  1.00 44.81 ? 15   ASP A CA  1 
ATOM   94  C  C   . ASP A 1 15 ? 0.348   12.708  12.498  1.00 43.66 ? 15   ASP A C   1 
ATOM   95  O  O   . ASP A 1 15 ? -0.250  11.634  12.378  1.00 42.73 ? 15   ASP A O   1 
ATOM   96  C  CB  . ASP A 1 15 ? 0.006   13.087  14.968  0.75 45.16 ? 15   ASP A CB  1 
ATOM   97  C  CG  . ASP A 1 15 ? 0.643   12.789  16.321  0.75 45.32 ? 15   ASP A CG  1 
ATOM   98  O  OD1 . ASP A 1 15 ? 1.842   12.438  16.368  0.75 47.05 ? 15   ASP A OD1 1 
ATOM   99  O  OD2 . ASP A 1 15 ? -0.065  12.905  17.343  0.75 43.02 ? 15   ASP A OD2 1 
HETATM 100 N  N   . MSE A 1 16 ? 0.451   13.597  11.512  1.00 42.64 ? 16   MSE A N   1 
HETATM 101 C  CA  . MSE A 1 16 ? -0.057  13.336  10.169  1.00 42.70 ? 16   MSE A CA  1 
HETATM 102 C  C   . MSE A 1 16 ? 0.974   12.548  9.365   0.75 39.18 ? 16   MSE A C   1 
HETATM 103 O  O   . MSE A 1 16 ? 2.125   12.970  9.228   0.75 37.97 ? 16   MSE A O   1 
HETATM 104 C  CB  . MSE A 1 16 ? -0.411  14.645  9.453   0.75 45.00 ? 16   MSE A CB  1 
HETATM 105 C  CG  . MSE A 1 16 ? -1.133  14.460  8.122   0.75 55.53 ? 16   MSE A CG  1 
HETATM 106 SE SE  . MSE A 1 16 ? -1.368  16.126  7.137   0.75 82.58 ? 16   MSE A SE  1 
HETATM 107 C  CE  . MSE A 1 16 ? -2.237  15.417  5.542   0.75 74.66 ? 16   MSE A CE  1 
ATOM   108 N  N   . TYR A 1 17 ? 0.548   11.401  8.844   1.00 33.97 ? 17   TYR A N   1 
ATOM   109 C  CA  . TYR A 1 17 ? 1.410   10.531  8.053   1.00 30.41 ? 17   TYR A CA  1 
ATOM   110 C  C   . TYR A 1 17 ? 0.913   10.427  6.618   1.00 29.31 ? 17   TYR A C   1 
ATOM   111 O  O   . TYR A 1 17 ? -0.287  10.287  6.378   1.00 29.36 ? 17   TYR A O   1 
ATOM   112 C  CB  . TYR A 1 17 ? 1.474   9.134   8.676   1.00 27.75 ? 17   TYR A CB  1 
ATOM   113 C  CG  . TYR A 1 17 ? 2.346   9.040   9.907   1.00 26.44 ? 17   TYR A CG  1 
ATOM   114 C  CD1 . TYR A 1 17 ? 3.651   8.565   9.819   1.00 23.51 ? 17   TYR A CD1 1 
ATOM   115 C  CD2 . TYR A 1 17 ? 1.865   9.420   11.161  1.00 20.98 ? 17   TYR A CD2 1 
ATOM   116 C  CE1 . TYR A 1 17 ? 4.457   8.472   10.945  1.00 26.04 ? 17   TYR A CE1 1 
ATOM   117 C  CE2 . TYR A 1 17 ? 2.665   9.331   12.295  1.00 23.17 ? 17   TYR A CE2 1 
ATOM   118 C  CZ  . TYR A 1 17 ? 3.960   8.855   12.178  1.00 28.06 ? 17   TYR A CZ  1 
ATOM   119 O  OH  . TYR A 1 17 ? 4.766   8.761   13.288  1.00 34.14 ? 17   TYR A OH  1 
ATOM   120 N  N   . THR A 1 18 ? 1.843   10.499  5.669   1.00 25.40 ? 18   THR A N   1 
ATOM   121 C  CA  . THR A 1 18 ? 1.525   10.320  4.256   1.00 24.56 ? 18   THR A CA  1 
ATOM   122 C  C   . THR A 1 18 ? 2.247   9.080   3.734   1.00 21.29 ? 18   THR A C   1 
ATOM   123 O  O   . THR A 1 18 ? 3.475   9.053   3.653   1.00 19.72 ? 18   THR A O   1 
ATOM   124 C  CB  . THR A 1 18 ? 1.902   11.564  3.418   1.00 23.61 ? 18   THR A CB  1 
ATOM   125 O  OG1 . THR A 1 18 ? 1.395   12.746  4.052   1.00 26.76 ? 18   THR A OG1 1 
ATOM   126 C  CG2 . THR A 1 18 ? 1.323   11.465  2.011   1.00 26.73 ? 18   THR A CG2 1 
ATOM   127 N  N   . ILE A 1 19 ? 1.470   8.055   3.392   1.00 20.54 ? 19   ILE A N   1 
ATOM   128 C  CA  . ILE A 1 19 ? 2.019   6.779   2.937   1.00 18.96 ? 19   ILE A CA  1 
ATOM   129 C  C   . ILE A 1 19 ? 1.684   6.543   1.467   1.00 19.27 ? 19   ILE A C   1 
ATOM   130 O  O   . ILE A 1 19 ? 0.510   6.495   1.086   1.00 21.75 ? 19   ILE A O   1 
ATOM   131 C  CB  . ILE A 1 19 ? 1.510   5.578   3.795   1.00 16.90 ? 19   ILE A CB  1 
ATOM   132 C  CG1 . ILE A 1 19 ? 1.713   5.830   5.295   1.00 16.97 ? 19   ILE A CG1 1 
ATOM   133 C  CG2 . ILE A 1 19 ? 2.206   4.283   3.383   1.00 16.53 ? 19   ILE A CG2 1 
ATOM   134 C  CD1 . ILE A 1 19 ? 0.502   6.416   6.006   1.00 17.98 ? 19   ILE A CD1 1 
ATOM   135 N  N   . ILE A 1 20 ? 2.722   6.406   0.646   1.00 18.54 ? 20   ILE A N   1 
ATOM   136 C  CA  . ILE A 1 20 ? 2.557   6.092   -0.772  1.00 18.35 ? 20   ILE A CA  1 
ATOM   137 C  C   . ILE A 1 20 ? 3.200   4.736   -1.090  1.00 18.02 ? 20   ILE A C   1 
ATOM   138 O  O   . ILE A 1 20 ? 4.425   4.637   -1.196  1.00 17.90 ? 20   ILE A O   1 
ATOM   139 C  CB  . ILE A 1 20 ? 3.120   7.212   -1.696  1.00 18.71 ? 20   ILE A CB  1 
ATOM   140 C  CG1 . ILE A 1 20 ? 2.430   8.551   -1.405  1.00 20.35 ? 20   ILE A CG1 1 
ATOM   141 C  CG2 . ILE A 1 20 ? 2.954   6.832   -3.169  1.00 18.92 ? 20   ILE A CG2 1 
ATOM   142 C  CD1 . ILE A 1 20 ? 3.069   9.756   -2.083  1.00 23.74 ? 20   ILE A CD1 1 
ATOM   143 N  N   . PRO A 1 21 ? 2.367   3.683   -1.213  1.00 17.75 ? 21   PRO A N   1 
ATOM   144 C  CA  . PRO A 1 21 ? 2.831   2.355   -1.614  1.00 19.55 ? 21   PRO A CA  1 
ATOM   145 C  C   . PRO A 1 21 ? 3.354   2.343   -3.049  1.00 20.14 ? 21   PRO A C   1 
ATOM   146 O  O   . PRO A 1 21 ? 2.687   2.840   -3.960  1.00 21.14 ? 21   PRO A O   1 
ATOM   147 C  CB  . PRO A 1 21 ? 1.571   1.491   -1.500  1.00 16.62 ? 21   PRO A CB  1 
ATOM   148 C  CG  . PRO A 1 21 ? 0.701   2.213   -0.539  1.00 16.94 ? 21   PRO A CG  1 
ATOM   149 C  CD  . PRO A 1 21 ? 0.950   3.660   -0.810  1.00 17.82 ? 21   PRO A CD  1 
ATOM   150 N  N   . GLU A 1 22 ? 4.544   1.778   -3.229  1.00 21.61 ? 22   GLU A N   1 
ATOM   151 C  CA  . GLU A 1 22 ? 5.194   1.707   -4.533  1.00 23.44 ? 22   GLU A CA  1 
ATOM   152 C  C   . GLU A 1 22 ? 5.351   0.256   -4.973  1.00 22.81 ? 22   GLU A C   1 
ATOM   153 O  O   . GLU A 1 22 ? 5.570   -0.629  -4.144  1.00 22.01 ? 22   GLU A O   1 
ATOM   154 C  CB  . GLU A 1 22 ? 6.570   2.379   -4.484  1.00 24.07 ? 22   GLU A CB  1 
ATOM   155 C  CG  . GLU A 1 22 ? 6.548   3.868   -4.138  1.00 31.80 ? 22   GLU A CG  1 
ATOM   156 C  CD  . GLU A 1 22 ? 6.165   4.759   -5.311  1.00 36.24 ? 22   GLU A CD  1 
ATOM   157 O  OE1 . GLU A 1 22 ? 6.277   4.317   -6.476  1.00 39.67 ? 22   GLU A OE1 1 
ATOM   158 O  OE2 . GLU A 1 22 ? 5.759   5.914   -5.066  1.00 42.15 ? 22   GLU A OE2 1 
ATOM   159 N  N   . VAL A 1 23 ? 5.240   0.022   -6.278  1.00 21.33 ? 23   VAL A N   1 
ATOM   160 C  CA  . VAL A 1 23 ? 5.475   -1.306  -6.845  1.00 22.63 ? 23   VAL A CA  1 
ATOM   161 C  C   . VAL A 1 23 ? 6.386   -1.229  -8.074  1.00 24.14 ? 23   VAL A C   1 
ATOM   162 O  O   . VAL A 1 23 ? 6.127   -0.471  -9.012  1.00 23.64 ? 23   VAL A O   1 
ATOM   163 C  CB  . VAL A 1 23 ? 4.142   -2.068  -7.144  1.00 22.51 ? 23   VAL A CB  1 
ATOM   164 C  CG1 . VAL A 1 23 ? 3.326   -1.379  -8.240  1.00 22.92 ? 23   VAL A CG1 1 
ATOM   165 C  CG2 . VAL A 1 23 ? 4.413   -3.528  -7.497  1.00 19.60 ? 23   VAL A CG2 1 
ATOM   166 N  N   . THR A 1 24 ? 7.470   -1.999  -8.035  1.00 25.32 ? 24   THR A N   1 
ATOM   167 C  CA  . THR A 1 24 ? 8.402   -2.095  -9.154  1.00 26.39 ? 24   THR A CA  1 
ATOM   168 C  C   . THR A 1 24 ? 8.429   -3.543  -9.632  1.00 26.05 ? 24   THR A C   1 
ATOM   169 O  O   . THR A 1 24 ? 8.607   -4.462  -8.832  1.00 23.98 ? 24   THR A O   1 
ATOM   170 C  CB  . THR A 1 24 ? 9.823   -1.636  -8.756  1.00 27.75 ? 24   THR A CB  1 
ATOM   171 O  OG1 . THR A 1 24 ? 9.747   -0.403  -8.029  1.00 30.56 ? 24   THR A OG1 1 
ATOM   172 C  CG2 . THR A 1 24 ? 10.697  -1.436  -9.991  1.00 26.62 ? 24   THR A CG2 1 
ATOM   173 N  N   . LEU A 1 25 ? 8.246   -3.737  -10.935 1.00 27.36 ? 25   LEU A N   1 
ATOM   174 C  CA  . LEU A 1 25 ? 8.134   -5.077  -11.507 1.00 27.89 ? 25   LEU A CA  1 
ATOM   175 C  C   . LEU A 1 25 ? 9.199   -5.351  -12.564 1.00 29.31 ? 25   LEU A C   1 
ATOM   176 O  O   . LEU A 1 25 ? 9.584   -4.455  -13.320 1.00 28.70 ? 25   LEU A O   1 
ATOM   177 C  CB  . LEU A 1 25 ? 6.736   -5.293  -12.101 1.00 27.02 ? 25   LEU A CB  1 
ATOM   178 C  CG  . LEU A 1 25 ? 5.515   -5.072  -11.198 1.00 25.29 ? 25   LEU A CG  1 
ATOM   179 C  CD1 . LEU A 1 25 ? 4.254   -4.954  -12.035 1.00 28.31 ? 25   LEU A CD1 1 
ATOM   180 C  CD2 . LEU A 1 25 ? 5.368   -6.174  -10.155 1.00 25.10 ? 25   LEU A CD2 1 
ATOM   181 N  N   . THR A 1 26 ? 9.667   -6.596  -12.606 1.00 30.45 ? 26   THR A N   1 
ATOM   182 C  CA  . THR A 1 26 ? 10.642  -7.035  -13.604 1.00 32.17 ? 26   THR A CA  1 
ATOM   183 C  C   . THR A 1 26 ? 9.983   -7.237  -14.969 1.00 34.18 ? 26   THR A C   1 
ATOM   184 O  O   . THR A 1 26 ? 10.620  -7.050  -16.007 1.00 33.49 ? 26   THR A O   1 
ATOM   185 C  CB  . THR A 1 26 ? 11.350  -8.342  -13.183 1.00 31.99 ? 26   THR A CB  1 
ATOM   186 O  OG1 . THR A 1 26 ? 10.374  -9.333  -12.837 1.00 32.05 ? 26   THR A OG1 1 
ATOM   187 C  CG2 . THR A 1 26 ? 12.269  -8.100  -11.991 1.00 30.52 ? 26   THR A CG2 1 
ATOM   188 N  N   . GLN A 1 27 ? 8.707   -7.620  -14.951 1.00 35.23 ? 27   GLN A N   1 
ATOM   189 C  CA  . GLN A 1 27 ? 7.934   -7.842  -16.172 1.00 36.55 ? 27   GLN A CA  1 
ATOM   190 C  C   . GLN A 1 27 ? 6.636   -7.035  -16.157 1.00 36.88 ? 27   GLN A C   1 
ATOM   191 O  O   . GLN A 1 27 ? 6.017   -6.862  -15.104 1.00 36.66 ? 27   GLN A O   1 
ATOM   192 C  CB  . GLN A 1 27 ? 7.616   -9.333  -16.355 1.00 37.28 ? 27   GLN A CB  1 
ATOM   193 C  CG  . GLN A 1 27 ? 8.831   -10.268 -16.360 0.75 36.66 ? 27   GLN A CG  1 
ATOM   194 C  CD  . GLN A 1 27 ? 9.765   -10.047 -17.542 0.50 37.30 ? 27   GLN A CD  1 
ATOM   195 O  OE1 . GLN A 1 27 ? 9.326   -9.743  -18.653 0.50 35.96 ? 27   GLN A OE1 1 
ATOM   196 N  NE2 . GLN A 1 27 ? 11.061  -10.209 -17.305 0.50 37.28 ? 27   GLN A NE2 1 
ATOM   197 N  N   . SER A 1 28 ? 6.236   -6.547  -17.330 1.00 34.56 ? 28   SER A N   1 
ATOM   198 C  CA  . SER A 1 28 ? 4.985   -5.804  -17.482 1.00 35.50 ? 28   SER A CA  1 
ATOM   199 C  C   . SER A 1 28 ? 3.790   -6.755  -17.481 1.00 34.62 ? 28   SER A C   1 
ATOM   200 O  O   . SER A 1 28 ? 3.802   -7.774  -18.176 1.00 33.29 ? 28   SER A O   1 
ATOM   201 C  CB  . SER A 1 28 ? 5.004   -4.972  -18.767 1.00 36.42 ? 28   SER A CB  1 
ATOM   202 O  OG  . SER A 1 28 ? 5.178   -5.794  -19.909 1.00 37.88 ? 28   SER A OG  1 
ATOM   203 N  N   . SEC A 1 29 ? 2.572   -6.246  -16.655 1.00 34.58 ? 29   SEC A N   1 
ATOM   204 C  CA  . SEC A 1 29 ? 1.483   -7.148  -16.323 1.00 34.27 ? 29   SEC A CA  1 
ATOM   205 C  CB  . SEC A 1 29 ? 1.659   -7.837  -14.969 1.00 35.34 ? 29   SEC A CB  1 
ATOM   206 SE SE  . SEC A 1 29 ? 1.745   -6.583  -13.656 1.00 31.33 ? 29   SEC A SE  1 
ATOM   207 C  C   . SEC A 1 29 ? 0.185   -6.441  -16.378 1.00 33.95 ? 29   SEC A C   1 
ATOM   208 O  O   . SEC A 1 29 ? 0.152   -5.235  -16.326 1.00 34.23 ? 29   SEC A O   1 
ATOM   209 N  N   . LEU A 1 30 ? -0.794  -7.197  -16.613 1.00 33.83 ? 30   LEU A N   1 
ATOM   210 C  CA  . LEU A 1 30 ? -2.133  -6.778  -16.215 1.00 33.51 ? 30   LEU A CA  1 
ATOM   211 C  C   . LEU A 1 30 ? -2.385  -7.315  -14.806 1.00 31.45 ? 30   LEU A C   1 
ATOM   212 O  O   . LEU A 1 30 ? -2.675  -8.501  -14.622 1.00 31.37 ? 30   LEU A O   1 
ATOM   213 C  CB  . LEU A 1 30 ? -3.169  -7.304  -17.223 1.00 34.15 ? 30   LEU A CB  1 
ATOM   214 C  CG  . LEU A 1 30 ? -4.660  -6.922  -17.214 1.00 36.85 ? 30   LEU A CG  1 
ATOM   215 C  CD1 . LEU A 1 30 ? -5.478  -7.839  -16.307 1.00 38.67 ? 30   LEU A CD1 1 
ATOM   216 C  CD2 . LEU A 1 30 ? -4.895  -5.453  -16.857 1.00 34.26 ? 30   LEU A CD2 1 
ATOM   217 N  N   . SEC A 1 31 ? -2.339  -6.515  -13.752 1.00 29.24 ? 31   SEC A N   1 
ATOM   218 C  CA  . SEC A 1 31 ? -2.213  -6.947  -12.345 1.00 25.73 ? 31   SEC A CA  1 
ATOM   219 C  CB  . SEC A 1 31 ? -0.917  -6.391  -11.690 1.00 25.93 ? 31   SEC A CB  1 
ATOM   220 SE SE  . SEC A 1 31 ? 0.622   -7.393  -11.839 1.00 20.77 ? 31   SEC A SE  1 
ATOM   221 C  C   . SEC A 1 31 ? -3.406  -6.440  -11.556 1.00 24.25 ? 31   SEC A C   1 
ATOM   222 O  O   . SEC A 1 31 ? -3.974  -5.384  -11.849 1.00 24.70 ? 31   SEC A O   1 
ATOM   223 N  N   . ARG A 1 32 ? -3.804  -7.218  -10.643 1.00 21.38 ? 32   ARG A N   1 
ATOM   224 C  CA  . ARG A 1 32 ? -4.817  -6.869  -9.654  1.00 20.62 ? 32   ARG A CA  1 
ATOM   225 C  C   . ARG A 1 32 ? -4.124  -6.319  -8.409  1.00 20.57 ? 32   ARG A C   1 
ATOM   226 O  O   . ARG A 1 32 ? -3.349  -7.024  -7.756  1.00 20.03 ? 32   ARG A O   1 
ATOM   227 C  CB  . ARG A 1 32 ? -5.663  -8.098  -9.301  1.00 20.10 ? 32   ARG A CB  1 
ATOM   228 C  CG  . ARG A 1 32 ? -6.802  -7.830  -8.324  1.00 24.15 ? 32   ARG A CG  1 
ATOM   229 C  CD  . ARG A 1 32 ? -7.350  -9.125  -7.747  0.50 25.27 ? 32   ARG A CD  1 
ATOM   230 N  NE  . ARG A 1 32 ? -8.396  -8.887  -6.758  0.50 27.66 ? 32   ARG A NE  1 
ATOM   231 C  CZ  . ARG A 1 32 ? -8.963  -9.840  -6.024  0.50 31.24 ? 32   ARG A CZ  1 
ATOM   232 N  NH1 . ARG A 1 32 ? -8.582  -11.102 -6.165  0.50 31.31 ? 32   ARG A NH1 1 
ATOM   233 N  NH2 . ARG A 1 32 ? -9.909  -9.532  -5.148  0.50 29.06 ? 32   ARG A NH2 1 
ATOM   234 N  N   . VAL A 1 33 ? -4.400  -5.056  -8.095  1.00 20.68 ? 33   VAL A N   1 
ATOM   235 C  CA  . VAL A 1 33 ? -3.784  -4.387  -6.951  1.00 19.48 ? 33   VAL A CA  1 
ATOM   236 C  C   . VAL A 1 33 ? -4.798  -4.192  -5.824  1.00 19.37 ? 33   VAL A C   1 
ATOM   237 O  O   . VAL A 1 33 ? -5.806  -3.506  -5.998  1.00 19.43 ? 33   VAL A O   1 
ATOM   238 C  CB  . VAL A 1 33 ? -3.155  -3.023  -7.345  1.00 20.67 ? 33   VAL A CB  1 
ATOM   239 C  CG1 . VAL A 1 33 ? -2.540  -2.340  -6.129  1.00 22.29 ? 33   VAL A CG1 1 
ATOM   240 C  CG2 . VAL A 1 33 ? -2.109  -3.207  -8.439  1.00 18.43 ? 33   VAL A CG2 1 
ATOM   241 N  N   . GLN A 1 34 ? -4.517  -4.802  -4.675  1.00 18.20 ? 34   GLN A N   1 
ATOM   242 C  CA  . GLN A 1 34 ? -5.384  -4.712  -3.502  1.00 19.42 ? 34   GLN A CA  1 
ATOM   243 C  C   . GLN A 1 34 ? -4.698  -3.931  -2.387  1.00 19.72 ? 34   GLN A C   1 
ATOM   244 O  O   . GLN A 1 34 ? -3.539  -4.191  -2.065  1.00 19.13 ? 34   GLN A O   1 
ATOM   245 C  CB  . GLN A 1 34 ? -5.757  -6.109  -2.998  1.00 19.42 ? 34   GLN A CB  1 
ATOM   246 C  CG  . GLN A 1 34 ? -6.456  -6.992  -4.023  1.00 28.26 ? 34   GLN A CG  1 
ATOM   247 C  CD  . GLN A 1 34 ? -6.633  -8.421  -3.542  1.00 34.09 ? 34   GLN A CD  1 
ATOM   248 O  OE1 . GLN A 1 34 ? -6.053  -9.352  -4.101  1.00 34.53 ? 34   GLN A OE1 1 
ATOM   249 N  NE2 . GLN A 1 34 ? -7.434  -8.602  -2.496  1.00 39.00 ? 34   GLN A NE2 1 
ATOM   250 N  N   . ILE A 1 35 ? -5.415  -2.971  -1.807  1.00 18.87 ? 35   ILE A N   1 
ATOM   251 C  CA  . ILE A 1 35 ? -4.882  -2.155  -0.715  1.00 18.38 ? 35   ILE A CA  1 
ATOM   252 C  C   . ILE A 1 35 ? -5.862  -2.112  0.461   1.00 18.19 ? 35   ILE A C   1 
ATOM   253 O  O   . ILE A 1 35 ? -6.967  -1.574  0.347   1.00 17.85 ? 35   ILE A O   1 
ATOM   254 C  CB  . ILE A 1 35 ? -4.525  -0.715  -1.181  1.00 19.70 ? 35   ILE A CB  1 
ATOM   255 C  CG1 . ILE A 1 35 ? -3.544  -0.751  -2.360  1.00 20.92 ? 35   ILE A CG1 1 
ATOM   256 C  CG2 . ILE A 1 35 ? -3.938  0.099   -0.026  1.00 20.60 ? 35   ILE A CG2 1 
ATOM   257 C  CD1 . ILE A 1 35 ? -3.676  0.418   -3.319  1.00 28.08 ? 35   ILE A CD1 1 
ATOM   258 N  N   . LEU A 1 36 ? -5.443  -2.694  1.582   1.00 18.77 ? 36   LEU A N   1 
ATOM   259 C  CA  . LEU A 1 36 ? -6.230  -2.700  2.812   1.00 18.44 ? 36   LEU A CA  1 
ATOM   260 C  C   . LEU A 1 36 ? -5.587  -1.788  3.854   1.00 19.81 ? 36   LEU A C   1 
ATOM   261 O  O   . LEU A 1 36 ? -4.467  -2.042  4.302   1.00 18.74 ? 36   LEU A O   1 
ATOM   262 C  CB  . LEU A 1 36 ? -6.373  -4.132  3.351   1.00 20.41 ? 36   LEU A CB  1 
ATOM   263 C  CG  . LEU A 1 36 ? -6.852  -4.383  4.789   1.00 29.26 ? 36   LEU A CG  1 
ATOM   264 C  CD1 . LEU A 1 36 ? -8.307  -3.978  4.992   1.00 31.92 ? 36   LEU A CD1 1 
ATOM   265 C  CD2 . LEU A 1 36 ? -6.645  -5.842  5.165   1.00 33.35 ? 36   LEU A CD2 1 
ATOM   266 N  N   . SER A 1 37 ? -6.296  -0.726  4.224   1.00 16.60 ? 37   SER A N   1 
ATOM   267 C  CA  . SER A 1 37 ? -5.818  0.202   5.248   1.00 18.97 ? 37   SER A CA  1 
ATOM   268 C  C   . SER A 1 37 ? -6.734  0.196   6.467   1.00 19.62 ? 37   SER A C   1 
ATOM   269 O  O   . SER A 1 37 ? -7.957  0.184   6.334   1.00 17.38 ? 37   SER A O   1 
ATOM   270 C  CB  . SER A 1 37 ? -5.675  1.617   4.683   1.00 19.86 ? 37   SER A CB  1 
ATOM   271 O  OG  . SER A 1 37 ? -6.921  2.129   4.249   1.00 28.13 ? 37   SER A OG  1 
ATOM   272 N  N   . LEU A 1 38 ? -6.125  0.201   7.651   1.00 21.75 ? 38   LEU A N   1 
ATOM   273 C  CA  . LEU A 1 38 ? -6.861  0.148   8.911   1.00 22.42 ? 38   LEU A CA  1 
ATOM   274 C  C   . LEU A 1 38 ? -6.259  1.095   9.946   1.00 21.88 ? 38   LEU A C   1 
ATOM   275 O  O   . LEU A 1 38 ? -5.044  1.112   10.150  1.00 19.73 ? 38   LEU A O   1 
ATOM   276 C  CB  . LEU A 1 38 ? -6.890  -1.291  9.449   1.00 24.19 ? 38   LEU A CB  1 
ATOM   277 C  CG  . LEU A 1 38 ? -7.469  -1.590  10.840  1.00 33.68 ? 38   LEU A CG  1 
ATOM   278 C  CD1 . LEU A 1 38 ? -8.973  -1.344  10.900  1.00 38.56 ? 38   LEU A CD1 1 
ATOM   279 C  CD2 . LEU A 1 38 ? -7.140  -3.015  11.258  1.00 42.33 ? 38   LEU A CD2 1 
ATOM   280 N  N   . ARG A 1 39 ? -7.119  1.886   10.583  1.00 19.18 ? 39   ARG A N   1 
ATOM   281 C  CA  . ARG A 1 39 ? -6.720  2.739   11.698  1.00 21.91 ? 39   ARG A CA  1 
ATOM   282 C  C   . ARG A 1 39 ? -7.665  2.538   12.878  1.00 22.36 ? 39   ARG A C   1 
ATOM   283 O  O   . ARG A 1 39 ? -8.886  2.606   12.724  1.00 22.54 ? 39   ARG A O   1 
ATOM   284 C  CB  . ARG A 1 39 ? -6.692  4.216   11.289  1.00 20.91 ? 39   ARG A CB  1 
ATOM   285 C  CG  . ARG A 1 39 ? -6.119  5.137   12.361  1.00 28.80 ? 39   ARG A CG  1 
ATOM   286 C  CD  . ARG A 1 39 ? -6.584  6.572   12.196  1.00 28.97 ? 39   ARG A CD  1 
ATOM   287 N  NE  . ARG A 1 39 ? -6.243  7.386   13.363  1.00 34.84 ? 39   ARG A NE  1 
ATOM   288 C  CZ  . ARG A 1 39 ? -7.052  7.608   14.396  1.00 37.20 ? 39   ARG A CZ  1 
ATOM   289 N  NH1 . ARG A 1 39 ? -8.271  7.084   14.426  1.00 35.62 ? 39   ARG A NH1 1 
ATOM   290 N  NH2 . ARG A 1 39 ? -6.641  8.363   15.406  1.00 33.48 ? 39   ARG A NH2 1 
ATOM   291 N  N   . GLU A 1 40 ? -7.088  2.282   14.049  0.75 21.67 ? 40   GLU A N   1 
ATOM   292 C  CA  . GLU A 1 40 ? -7.859  2.119   15.279  0.75 22.76 ? 40   GLU A CA  1 
ATOM   293 C  C   . GLU A 1 40 ? -7.364  3.091   16.349  0.75 23.78 ? 40   GLU A C   1 
ATOM   294 O  O   . GLU A 1 40 ? -6.396  2.813   17.062  0.75 19.97 ? 40   GLU A O   1 
ATOM   295 C  CB  . GLU A 1 40 ? -7.790  0.672   15.779  0.75 24.36 ? 40   GLU A CB  1 
ATOM   296 C  CG  . GLU A 1 40 ? -8.541  -0.330  14.904  0.75 30.84 ? 40   GLU A CG  1 
ATOM   297 C  CD  . GLU A 1 40 ? -8.378  -1.773  15.362  0.75 37.62 ? 40   GLU A CD  1 
ATOM   298 O  OE1 . GLU A 1 40 ? -7.573  -2.035  16.283  0.75 41.82 ? 40   GLU A OE1 1 
ATOM   299 O  OE2 . GLU A 1 40 ? -9.059  -2.652  14.794  0.75 40.21 ? 40   GLU A OE2 1 
ATOM   300 N  N   . GLY A 1 41 ? -8.035  4.237   16.443  0.75 23.74 ? 41   GLY A N   1 
ATOM   301 C  CA  . GLY A 1 41 ? -7.679  5.271   17.411  0.75 26.49 ? 41   GLY A CA  1 
ATOM   302 C  C   . GLY A 1 41 ? -8.398  5.112   18.737  0.75 27.83 ? 41   GLY A C   1 
ATOM   303 O  O   . GLY A 1 41 ? -9.014  4.076   19.001  0.75 24.74 ? 41   GLY A O   1 
ATOM   304 N  N   . SER A 1 42 ? -8.316  6.146   19.569  0.75 29.97 ? 42   SER A N   1 
ATOM   305 C  CA  . SER A 1 42 ? -8.944  6.139   20.889  0.75 33.24 ? 42   SER A CA  1 
ATOM   306 C  C   . SER A 1 42 ? -10.440 6.437   20.817  0.75 33.60 ? 42   SER A C   1 
ATOM   307 O  O   . SER A 1 42 ? -11.231 5.853   21.561  0.75 34.25 ? 42   SER A O   1 
ATOM   308 C  CB  . SER A 1 42 ? -8.252  7.140   21.818  0.75 33.43 ? 42   SER A CB  1 
ATOM   309 O  OG  . SER A 1 42 ? -6.887  6.808   22.001  0.75 40.16 ? 42   SER A OG  1 
ATOM   310 N  N   . SER A 1 43 ? -10.818 7.344   19.918  0.75 33.93 ? 43   SER A N   1 
ATOM   311 C  CA  . SER A 1 43 ? -12.210 7.774   19.782  0.75 34.40 ? 43   SER A CA  1 
ATOM   312 C  C   . SER A 1 43 ? -12.783 7.531   18.381  0.75 33.25 ? 43   SER A C   1 
ATOM   313 O  O   . SER A 1 43 ? -13.820 8.097   18.023  0.75 33.33 ? 43   SER A O   1 
ATOM   314 C  CB  . SER A 1 43 ? -12.347 9.250   20.171  0.75 35.22 ? 43   SER A CB  1 
ATOM   315 O  OG  . SER A 1 43 ? -11.533 10.075  19.354  0.75 38.76 ? 43   SER A OG  1 
ATOM   316 N  N   . GLY A 1 44 ? -12.116 6.684   17.598  1.00 32.41 ? 44   GLY A N   1 
ATOM   317 C  CA  . GLY A 1 44 ? -12.572 6.378   16.245  1.00 30.26 ? 44   GLY A CA  1 
ATOM   318 C  C   . GLY A 1 44 ? -11.773 5.325   15.499  1.00 28.81 ? 44   GLY A C   1 
ATOM   319 O  O   . GLY A 1 44 ? -10.568 5.178   15.709  1.00 27.66 ? 44   GLY A O   1 
ATOM   320 N  N   . GLN A 1 45 ? -12.460 4.593   14.622  1.00 26.47 ? 45   GLN A N   1 
ATOM   321 C  CA  . GLN A 1 45 ? -11.839 3.573   13.776  1.00 23.94 ? 45   GLN A CA  1 
ATOM   322 C  C   . GLN A 1 45 ? -12.176 3.803   12.304  1.00 25.99 ? 45   GLN A C   1 
ATOM   323 O  O   . GLN A 1 45 ? -13.242 4.332   11.982  1.00 23.64 ? 45   GLN A O   1 
ATOM   324 C  CB  . GLN A 1 45 ? -12.283 2.166   14.193  1.00 25.33 ? 45   GLN A CB  1 
ATOM   325 C  CG  . GLN A 1 45 ? -11.815 1.719   15.579  1.00 30.17 ? 45   GLN A CG  1 
ATOM   326 C  CD  . GLN A 1 45 ? -12.781 2.095   16.695  1.00 41.51 ? 45   GLN A CD  1 
ATOM   327 O  OE1 . GLN A 1 45 ? -13.694 2.902   16.508  1.00 44.22 ? 45   GLN A OE1 1 
ATOM   328 N  NE2 . GLN A 1 45 ? -12.580 1.507   17.868  1.00 44.16 ? 45   GLN A NE2 1 
ATOM   329 N  N   . SER A 1 46 ? -11.265 3.403   11.417  1.00 22.58 ? 46   SER A N   1 
ATOM   330 C  CA  . SER A 1 46 ? -11.467 3.539   9.972   1.00 23.55 ? 46   SER A CA  1 
ATOM   331 C  C   . SER A 1 46 ? -10.769 2.429   9.184   1.00 21.54 ? 46   SER A C   1 
ATOM   332 O  O   . SER A 1 46 ? -9.611  2.104   9.453   1.00 19.59 ? 46   SER A O   1 
ATOM   333 C  CB  . SER A 1 46 ? -10.994 4.912   9.485   1.00 23.04 ? 46   SER A CB  1 
ATOM   334 O  OG  . SER A 1 46 ? -9.620  5.115   9.770   1.00 30.44 ? 46   SER A OG  1 
ATOM   335 N  N   . GLN A 1 47 ? -11.482 1.857   8.216   1.00 20.45 ? 47   GLN A N   1 
ATOM   336 C  CA  . GLN A 1 47 ? -10.941 0.786   7.377   1.00 19.08 ? 47   GLN A CA  1 
ATOM   337 C  C   . GLN A 1 47 ? -11.333 0.960   5.909   1.00 19.93 ? 47   GLN A C   1 
ATOM   338 O  O   . GLN A 1 47 ? -12.507 1.155   5.591   1.00 18.03 ? 47   GLN A O   1 
ATOM   339 C  CB  . GLN A 1 47 ? -11.387 -0.588  7.894   1.00 21.56 ? 47   GLN A CB  1 
ATOM   340 C  CG  . GLN A 1 47 ? -10.759 -1.774  7.161   1.00 29.56 ? 47   GLN A CG  1 
ATOM   341 C  CD  . GLN A 1 47 ? -11.114 -3.110  7.784   1.00 40.57 ? 47   GLN A CD  1 
ATOM   342 O  OE1 . GLN A 1 47 ? -10.955 -3.312  8.988   1.00 46.28 ? 47   GLN A OE1 1 
ATOM   343 N  NE2 . GLN A 1 47 ? -11.587 -4.039  6.960   1.00 45.08 ? 47   GLN A NE2 1 
ATOM   344 N  N   . THR A 1 48 ? -10.338 0.881   5.026   1.00 19.02 ? 48   THR A N   1 
ATOM   345 C  CA  . THR A 1 48 ? -10.553 1.017   3.587   1.00 21.12 ? 48   THR A CA  1 
ATOM   346 C  C   . THR A 1 48 ? -10.041 -0.206  2.824   1.00 20.23 ? 48   THR A C   1 
ATOM   347 O  O   . THR A 1 48 ? -8.870  -0.578  2.939   1.00 17.74 ? 48   THR A O   1 
ATOM   348 C  CB  . THR A 1 48 ? -9.880  2.295   3.023   1.00 21.56 ? 48   THR A CB  1 
ATOM   349 O  OG1 . THR A 1 48 ? -10.242 3.427   3.824   1.00 23.74 ? 48   THR A OG1 1 
ATOM   350 C  CG2 . THR A 1 48 ? -10.295 2.544   1.576   1.00 23.56 ? 48   THR A CG2 1 
ATOM   351 N  N   . LYS A 1 49 ? -10.935 -0.825  2.057   1.00 18.16 ? 49   LYS A N   1 
ATOM   352 C  CA  . LYS A 1 49 ? -10.576 -1.906  1.143   1.00 18.84 ? 49   LYS A CA  1 
ATOM   353 C  C   . LYS A 1 49 ? -10.725 -1.406  -0.289  1.00 20.04 ? 49   LYS A C   1 
ATOM   354 O  O   . LYS A 1 49 ? -11.828 -1.056  -0.713  1.00 18.69 ? 49   LYS A O   1 
ATOM   355 C  CB  . LYS A 1 49 ? -11.473 -3.128  1.360   0.75 17.85 ? 49   LYS A CB  1 
ATOM   356 C  CG  . LYS A 1 49 ? -11.207 -3.899  2.642   0.50 24.60 ? 49   LYS A CG  1 
ATOM   357 C  CD  . LYS A 1 49 ? -12.144 -5.090  2.763   0.50 30.32 ? 49   LYS A CD  1 
ATOM   358 C  CE  . LYS A 1 49 ? -11.845 -5.910  4.006   0.50 34.96 ? 49   LYS A CE  1 
ATOM   359 N  NZ  . LYS A 1 49 ? -10.489 -6.523  3.955   0.50 40.12 ? 49   LYS A NZ  1 
ATOM   360 N  N   . GLN A 1 50 ? -9.620  -1.367  -1.027  1.00 20.94 ? 50   GLN A N   1 
ATOM   361 C  CA  . GLN A 1 50 ? -9.647  -0.918  -2.419  1.00 24.83 ? 50   GLN A CA  1 
ATOM   362 C  C   . GLN A 1 50 ? -8.872  -1.843  -3.355  1.00 25.36 ? 50   GLN A C   1 
ATOM   363 O  O   . GLN A 1 50 ? -7.740  -2.237  -3.065  1.00 23.86 ? 50   GLN A O   1 
ATOM   364 C  CB  . GLN A 1 50 ? -9.158  0.534   -2.550  1.00 26.25 ? 50   GLN A CB  1 
ATOM   365 C  CG  . GLN A 1 50 ? -7.761  0.805   -1.996  1.00 33.38 ? 50   GLN A CG  1 
ATOM   366 C  CD  . GLN A 1 50 ? -7.290  2.231   -2.232  1.00 37.60 ? 50   GLN A CD  1 
ATOM   367 O  OE1 . GLN A 1 50 ? -7.506  2.807   -3.299  1.00 43.85 ? 50   GLN A OE1 1 
ATOM   368 N  NE2 . GLN A 1 50 ? -6.631  2.804   -1.230  1.00 39.50 ? 50   GLN A NE2 1 
ATOM   369 N  N   . GLU A 1 51 ? -9.505  -2.195  -4.471  1.00 26.07 ? 51   GLU A N   1 
ATOM   370 C  CA  . GLU A 1 51 ? -8.881  -3.031  -5.493  1.00 28.78 ? 51   GLU A CA  1 
ATOM   371 C  C   . GLU A 1 51 ? -8.973  -2.380  -6.871  1.00 29.19 ? 51   GLU A C   1 
ATOM   372 O  O   . GLU A 1 51 ? -9.916  -1.638  -7.153  1.00 26.86 ? 51   GLU A O   1 
ATOM   373 C  CB  . GLU A 1 51 ? -9.487  -4.441  -5.505  1.00 30.86 ? 51   GLU A CB  1 
ATOM   374 C  CG  . GLU A 1 51 ? -10.997 -4.502  -5.741  1.00 38.18 ? 51   GLU A CG  1 
ATOM   375 C  CD  . GLU A 1 51 ? -11.532 -5.924  -5.804  0.50 37.82 ? 51   GLU A CD  1 
ATOM   376 O  OE1 . GLU A 1 51 ? -10.840 -6.810  -6.352  0.50 39.55 ? 51   GLU A OE1 1 
ATOM   377 O  OE2 . GLU A 1 51 ? -12.655 -6.155  -5.308  0.50 39.30 ? 51   GLU A OE2 1 
ATOM   378 N  N   . LYS A 1 52 ? -7.980  -2.654  -7.714  1.00 28.11 ? 52   LYS A N   1 
ATOM   379 C  CA  . LYS A 1 52 ? -7.922  -2.100  -9.065  1.00 30.45 ? 52   LYS A CA  1 
ATOM   380 C  C   . LYS A 1 52 ? -7.129  -3.015  -9.993  1.00 30.33 ? 52   LYS A C   1 
ATOM   381 O  O   . LYS A 1 52 ? -5.987  -3.377  -9.700  1.00 27.34 ? 52   LYS A O   1 
ATOM   382 C  CB  . LYS A 1 52 ? -7.308  -0.691  -9.044  1.00 30.60 ? 52   LYS A CB  1 
ATOM   383 C  CG  . LYS A 1 52 ? -7.275  0.022   -10.394 1.00 36.96 ? 52   LYS A CG  1 
ATOM   384 C  CD  . LYS A 1 52 ? -8.633  0.587   -10.788 1.00 40.67 ? 52   LYS A CD  1 
ATOM   385 C  CE  . LYS A 1 52 ? -8.557  1.310   -12.123 1.00 45.62 ? 52   LYS A CE  1 
ATOM   386 N  NZ  . LYS A 1 52 ? -9.878  1.857   -12.537 1.00 45.54 ? 52   LYS A NZ  1 
ATOM   387 N  N   . THR A 1 53 ? -7.749  -3.387  -11.110 1.00 31.85 ? 53   THR A N   1 
ATOM   388 C  CA  . THR A 1 53 ? -7.103  -4.220  -12.119 1.00 34.67 ? 53   THR A CA  1 
ATOM   389 C  C   . THR A 1 53 ? -6.656  -3.347  -13.292 1.00 36.83 ? 53   THR A C   1 
ATOM   390 O  O   . THR A 1 53 ? -7.476  -2.917  -14.109 1.00 38.37 ? 53   THR A O   1 
ATOM   391 C  CB  . THR A 1 53 ? -8.039  -5.352  -12.611 1.00 34.72 ? 53   THR A CB  1 
ATOM   392 O  OG1 . THR A 1 53 ? -8.708  -5.950  -11.493 1.00 32.42 ? 53   THR A OG1 1 
ATOM   393 C  CG2 . THR A 1 53 ? -7.249  -6.423  -13.350 1.00 36.25 ? 53   THR A CG2 1 
ATOM   394 N  N   . LEU A 1 54 ? -5.354  -3.077  -13.359 1.00 38.56 ? 54   LEU A N   1 
ATOM   395 C  CA  . LEU A 1 54 ? -4.787  -2.238  -14.418 1.00 41.18 ? 54   LEU A CA  1 
ATOM   396 C  C   . LEU A 1 54 ? -3.441  -2.752  -14.938 1.00 40.85 ? 54   LEU A C   1 
ATOM   397 O  O   . LEU A 1 54 ? -2.811  -3.612  -14.317 1.00 37.77 ? 54   LEU A O   1 
ATOM   398 C  CB  . LEU A 1 54 ? -4.682  -0.769  -13.963 1.00 41.61 ? 54   LEU A CB  1 
ATOM   399 C  CG  . LEU A 1 54 ? -3.858  -0.341  -12.740 1.00 45.56 ? 54   LEU A CG  1 
ATOM   400 C  CD1 . LEU A 1 54 ? -2.370  -0.323  -13.040 1.00 45.16 ? 54   LEU A CD1 1 
ATOM   401 C  CD2 . LEU A 1 54 ? -4.298  1.039   -12.282 1.00 46.58 ? 54   LEU A CD2 1 
ATOM   402 N  N   . SER A 1 55 ? -3.015  -2.214  -16.079 1.00 41.50 ? 55   SER A N   1 
ATOM   403 C  CA  . SER A 1 55 ? -1.751  -2.593  -16.704 1.00 42.08 ? 55   SER A CA  1 
ATOM   404 C  C   . SER A 1 55 ? -0.578  -1.823  -16.100 1.00 41.49 ? 55   SER A C   1 
ATOM   405 O  O   . SER A 1 55 ? -0.602  -0.591  -16.028 1.00 42.58 ? 55   SER A O   1 
ATOM   406 C  CB  . SER A 1 55 ? -1.809  -2.368  -18.217 1.00 42.73 ? 55   SER A CB  1 
ATOM   407 O  OG  . SER A 1 55 ? -2.832  -3.149  -18.810 0.50 42.92 ? 55   SER A OG  1 
ATOM   408 N  N   . LEU A 1 56 ? 0.440   -2.562  -15.667 1.00 40.87 ? 56   LEU A N   1 
ATOM   409 C  CA  . LEU A 1 56 ? 1.640   -1.977  -15.073 1.00 40.58 ? 56   LEU A CA  1 
ATOM   410 C  C   . LEU A 1 56 ? 2.868   -2.237  -15.944 1.00 40.77 ? 56   LEU A C   1 
ATOM   411 O  O   . LEU A 1 56 ? 3.064   -3.360  -16.413 1.00 39.97 ? 56   LEU A O   1 
ATOM   412 C  CB  . LEU A 1 56 ? 1.870   -2.529  -13.662 1.00 40.04 ? 56   LEU A CB  1 
ATOM   413 C  CG  . LEU A 1 56 ? 0.902   -2.132  -12.540 1.00 39.10 ? 56   LEU A CG  1 
ATOM   414 C  CD1 . LEU A 1 56 ? 0.989   -3.112  -11.382 1.00 33.87 ? 56   LEU A CD1 1 
ATOM   415 C  CD2 . LEU A 1 56 ? 1.157   -0.710  -12.056 1.00 37.86 ? 56   LEU A CD2 1 
ATOM   416 N  N   . PRO A 1 57 ? 3.696   -1.197  -16.169 1.00 41.47 ? 57   PRO A N   1 
ATOM   417 C  CA  . PRO A 1 57 ? 4.922   -1.357  -16.949 1.00 41.26 ? 57   PRO A CA  1 
ATOM   418 C  C   . PRO A 1 57 ? 6.069   -1.933  -16.118 1.00 40.91 ? 57   PRO A C   1 
ATOM   419 O  O   . PRO A 1 57 ? 6.021   -1.900  -14.886 1.00 39.94 ? 57   PRO A O   1 
ATOM   420 C  CB  . PRO A 1 57 ? 5.244   0.074   -17.383 1.00 41.64 ? 57   PRO A CB  1 
ATOM   421 C  CG  . PRO A 1 57 ? 4.689   0.925   -16.299 1.00 42.07 ? 57   PRO A CG  1 
ATOM   422 C  CD  . PRO A 1 57 ? 3.488   0.202   -15.748 1.00 41.59 ? 57   PRO A CD  1 
ATOM   423 N  N   . ALA A 1 58 ? 7.086   -2.454  -16.799 1.00 40.15 ? 58   ALA A N   1 
ATOM   424 C  CA  . ALA A 1 58 ? 8.253   -3.025  -16.138 1.00 39.71 ? 58   ALA A CA  1 
ATOM   425 C  C   . ALA A 1 58 ? 9.334   -1.974  -15.901 1.00 39.60 ? 58   ALA A C   1 
ATOM   426 O  O   . ALA A 1 58 ? 9.381   -0.953  -16.594 1.00 39.01 ? 58   ALA A O   1 
ATOM   427 C  CB  . ALA A 1 58 ? 8.808   -4.183  -16.955 1.00 39.41 ? 58   ALA A CB  1 
ATOM   428 N  N   . ASN A 1 59 ? 10.186  -2.233  -14.908 1.00 39.25 ? 59   ASN A N   1 
ATOM   429 C  CA  . ASN A 1 59 ? 11.394  -1.438  -14.643 1.00 40.70 ? 59   ASN A CA  1 
ATOM   430 C  C   . ASN A 1 59 ? 11.152  -0.015  -14.120 1.00 40.83 ? 59   ASN A C   1 
ATOM   431 O  O   . ASN A 1 59 ? 12.076  0.803   -14.081 1.00 40.21 ? 59   ASN A O   1 
ATOM   432 C  CB  . ASN A 1 59 ? 12.305  -1.415  -15.881 1.00 40.51 ? 59   ASN A CB  1 
ATOM   433 C  CG  . ASN A 1 59 ? 12.650  -2.808  -16.387 1.00 40.93 ? 59   ASN A CG  1 
ATOM   434 O  OD1 . ASN A 1 59 ? 12.457  -3.116  -17.564 1.00 43.89 ? 59   ASN A OD1 1 
ATOM   435 N  ND2 . ASN A 1 59 ? 13.161  -3.658  -15.500 1.00 38.23 ? 59   ASN A ND2 1 
ATOM   436 N  N   . GLN A 1 60 ? 9.917   0.272   -13.714 1.00 40.19 ? 60   GLN A N   1 
ATOM   437 C  CA  . GLN A 1 60 ? 9.552   1.590   -13.192 1.00 40.75 ? 60   GLN A CA  1 
ATOM   438 C  C   . GLN A 1 60 ? 8.747   1.463   -11.899 1.00 37.32 ? 60   GLN A C   1 
ATOM   439 O  O   . GLN A 1 60 ? 7.851   0.623   -11.813 1.00 35.68 ? 60   GLN A O   1 
ATOM   440 C  CB  . GLN A 1 60 ? 8.749   2.385   -14.232 1.00 41.76 ? 60   GLN A CB  1 
ATOM   441 C  CG  . GLN A 1 60 ? 9.487   2.683   -15.540 1.00 52.28 ? 60   GLN A CG  1 
ATOM   442 C  CD  . GLN A 1 60 ? 10.668  3.625   -15.366 1.00 61.08 ? 60   GLN A CD  1 
ATOM   443 O  OE1 . GLN A 1 60 ? 10.598  4.604   -14.619 1.00 65.35 ? 60   GLN A OE1 1 
ATOM   444 N  NE2 . GLN A 1 60 ? 11.760  3.338   -16.065 1.00 63.21 ? 60   GLN A NE2 1 
ATOM   445 N  N   . PRO A 1 61 ? 9.071   2.285   -10.882 1.00 34.49 ? 61   PRO A N   1 
ATOM   446 C  CA  . PRO A 1 61 ? 8.278   2.300   -9.652  1.00 32.28 ? 61   PRO A CA  1 
ATOM   447 C  C   . PRO A 1 61 ? 6.959   3.042   -9.852  1.00 30.40 ? 61   PRO A C   1 
ATOM   448 O  O   . PRO A 1 61 ? 6.960   4.220   -10.222 1.00 30.75 ? 61   PRO A O   1 
ATOM   449 C  CB  . PRO A 1 61 ? 9.171   3.056   -8.656  1.00 31.38 ? 61   PRO A CB  1 
ATOM   450 C  CG  . PRO A 1 61 ? 10.521  3.129   -9.296  1.00 33.22 ? 61   PRO A CG  1 
ATOM   451 C  CD  . PRO A 1 61 ? 10.265  3.138   -10.763 1.00 33.99 ? 61   PRO A CD  1 
ATOM   452 N  N   . ILE A 1 62 ? 5.847   2.349   -9.618  1.00 28.34 ? 62   ILE A N   1 
ATOM   453 C  CA  . ILE A 1 62 ? 4.519   2.941   -9.783  1.00 27.66 ? 62   ILE A CA  1 
ATOM   454 C  C   . ILE A 1 62 ? 3.877   3.241   -8.430  1.00 27.98 ? 62   ILE A C   1 
ATOM   455 O  O   . ILE A 1 62 ? 3.741   2.353   -7.584  1.00 25.20 ? 62   ILE A O   1 
ATOM   456 C  CB  . ILE A 1 62 ? 3.566   2.049   -10.636 1.00 26.58 ? 62   ILE A CB  1 
ATOM   457 C  CG1 . ILE A 1 62 ? 4.208   1.655   -11.970 1.00 30.34 ? 62   ILE A CG1 1 
ATOM   458 C  CG2 . ILE A 1 62 ? 2.242   2.761   -10.898 1.00 24.90 ? 62   ILE A CG2 1 
ATOM   459 C  CD1 . ILE A 1 62 ? 4.734   0.234   -12.013 1.00 28.47 ? 62   ILE A CD1 1 
ATOM   460 N  N   . ALA A 1 63 ? 3.495   4.502   -8.239  1.00 28.78 ? 63   ALA A N   1 
ATOM   461 C  CA  . ALA A 1 63 ? 2.755   4.926   -7.055  1.00 29.89 ? 63   ALA A CA  1 
ATOM   462 C  C   . ALA A 1 63 ? 1.312   4.443   -7.160  1.00 30.66 ? 63   ALA A C   1 
ATOM   463 O  O   . ALA A 1 63 ? 0.579   4.838   -8.071  1.00 30.67 ? 63   ALA A O   1 
ATOM   464 C  CB  . ALA A 1 63 ? 2.809   6.439   -6.910  1.00 30.37 ? 63   ALA A CB  1 
ATOM   465 N  N   . LEU A 1 64 ? 0.917   3.581   -6.227  1.00 29.45 ? 64   LEU A N   1 
ATOM   466 C  CA  . LEU A 1 64 ? -0.395  2.936   -6.277  1.00 30.80 ? 64   LEU A CA  1 
ATOM   467 C  C   . LEU A 1 64 ? -1.507  3.792   -5.671  1.00 32.17 ? 64   LEU A C   1 
ATOM   468 O  O   . LEU A 1 64 ? -2.574  3.938   -6.272  1.00 32.61 ? 64   LEU A O   1 
ATOM   469 C  CB  . LEU A 1 64 ? -0.342  1.552   -5.618  1.00 28.09 ? 64   LEU A CB  1 
ATOM   470 C  CG  . LEU A 1 64 ? 0.536   0.502   -6.312  1.00 27.00 ? 64   LEU A CG  1 
ATOM   471 C  CD1 . LEU A 1 64 ? 0.826   -0.664  -5.382  1.00 28.21 ? 64   LEU A CD1 1 
ATOM   472 C  CD2 . LEU A 1 64 ? -0.094  0.015   -7.617  1.00 22.13 ? 64   LEU A CD2 1 
ATOM   473 N  N   . THR A 1 65 ? -1.251  4.354   -4.491  1.00 31.43 ? 65   THR A N   1 
ATOM   474 C  CA  . THR A 1 65 ? -2.214  5.230   -3.816  1.00 31.31 ? 65   THR A CA  1 
ATOM   475 C  C   . THR A 1 65 ? -1.529  6.237   -2.888  1.00 31.89 ? 65   THR A C   1 
ATOM   476 O  O   . THR A 1 65 ? -0.336  6.120   -2.601  1.00 31.47 ? 65   THR A O   1 
ATOM   477 C  CB  . THR A 1 65 ? -3.288  4.421   -3.031  1.00 31.56 ? 65   THR A CB  1 
ATOM   478 O  OG1 . THR A 1 65 ? -4.329  5.302   -2.589  1.00 32.29 ? 65   THR A OG1 1 
ATOM   479 C  CG2 . THR A 1 65 ? -2.680  3.708   -1.824  1.00 31.49 ? 65   THR A CG2 1 
ATOM   480 N  N   . LYS A 1 66 ? -2.294  7.226   -2.433  1.00 31.11 ? 66   LYS A N   1 
ATOM   481 C  CA  . LYS A 1 66 ? -1.826  8.188   -1.440  1.00 30.94 ? 66   LYS A CA  1 
ATOM   482 C  C   . LYS A 1 66 ? -2.720  8.111   -0.204  1.00 31.43 ? 66   LYS A C   1 
ATOM   483 O  O   . LYS A 1 66 ? -3.905  8.451   -0.264  1.00 29.52 ? 66   LYS A O   1 
ATOM   484 C  CB  . LYS A 1 66 ? -1.814  9.606   -2.018  1.00 32.49 ? 66   LYS A CB  1 
ATOM   485 C  CG  . LYS A 1 66 ? -1.183  10.653  -1.108  1.00 32.47 ? 66   LYS A CG  1 
ATOM   486 C  CD  . LYS A 1 66 ? -1.329  12.050  -1.687  1.00 37.68 ? 66   LYS A CD  1 
ATOM   487 C  CE  . LYS A 1 66 ? -0.781  13.102  -0.736  1.00 38.36 ? 66   LYS A CE  1 
ATOM   488 N  NZ  . LYS A 1 66 ? -0.934  14.478  -1.281  1.00 37.48 ? 66   LYS A NZ  1 
ATOM   489 N  N   . LEU A 1 67 ? -2.146  7.657   0.907   1.00 29.62 ? 67   LEU A N   1 
ATOM   490 C  CA  . LEU A 1 67 ? -2.898  7.477   2.148   1.00 31.29 ? 67   LEU A CA  1 
ATOM   491 C  C   . LEU A 1 67 ? -2.433  8.433   3.243   1.00 31.03 ? 67   LEU A C   1 
ATOM   492 O  O   . LEU A 1 67 ? -1.281  8.382   3.682   1.00 29.59 ? 67   LEU A O   1 
ATOM   493 C  CB  . LEU A 1 67 ? -2.809  6.021   2.629   1.00 30.61 ? 67   LEU A CB  1 
ATOM   494 C  CG  . LEU A 1 67 ? -3.490  4.939   1.783   1.00 32.73 ? 67   LEU A CG  1 
ATOM   495 C  CD1 . LEU A 1 67 ? -2.905  3.571   2.092   1.00 34.74 ? 67   LEU A CD1 1 
ATOM   496 C  CD2 . LEU A 1 67 ? -5.004  4.936   1.982   1.00 36.60 ? 67   LEU A CD2 1 
ATOM   497 N  N   . SER A 1 68 ? -3.342  9.306   3.670   1.00 31.31 ? 68   SER A N   1 
ATOM   498 C  CA  . SER A 1 68 ? -3.077  10.244  4.757   1.00 31.84 ? 68   SER A CA  1 
ATOM   499 C  C   . SER A 1 68 ? -3.742  9.760   6.043   1.00 32.19 ? 68   SER A C   1 
ATOM   500 O  O   . SER A 1 68 ? -4.969  9.651   6.115   1.00 30.96 ? 68   SER A O   1 
ATOM   501 C  CB  . SER A 1 68 ? -3.564  11.648  4.390   1.00 33.10 ? 68   SER A CB  1 
ATOM   502 O  OG  . SER A 1 68 ? -2.886  12.143  3.249   1.00 37.39 ? 68   SER A OG  1 
ATOM   503 N  N   . LEU A 1 69 ? -2.924  9.467   7.051   1.00 30.60 ? 69   LEU A N   1 
ATOM   504 C  CA  . LEU A 1 69 ? -3.417  8.918   8.314   1.00 30.20 ? 69   LEU A CA  1 
ATOM   505 C  C   . LEU A 1 69 ? -2.947  9.711   9.530   1.00 29.74 ? 69   LEU A C   1 
ATOM   506 O  O   . LEU A 1 69 ? -1.773  10.072  9.636   1.00 27.48 ? 69   LEU A O   1 
ATOM   507 C  CB  . LEU A 1 69 ? -3.005  7.447   8.462   1.00 30.77 ? 69   LEU A CB  1 
ATOM   508 C  CG  . LEU A 1 69 ? -3.611  6.404   7.515   1.00 34.67 ? 69   LEU A CG  1 
ATOM   509 C  CD1 . LEU A 1 69 ? -2.814  5.112   7.576   1.00 35.27 ? 69   LEU A CD1 1 
ATOM   510 C  CD2 . LEU A 1 69 ? -5.082  6.144   7.827   1.00 35.63 ? 69   LEU A CD2 1 
ATOM   511 N  N   . ASN A 1 70 ? -3.882  9.977   10.440  1.00 29.60 ? 70   ASN A N   1 
ATOM   512 C  CA  . ASN A 1 70 ? -3.577  10.616  11.716  1.00 30.12 ? 70   ASN A CA  1 
ATOM   513 C  C   . ASN A 1 70 ? -3.249  9.572   12.780  1.00 27.59 ? 70   ASN A C   1 
ATOM   514 O  O   . ASN A 1 70 ? -4.148  9.012   13.413  1.00 29.35 ? 70   ASN A O   1 
ATOM   515 C  CB  . ASN A 1 70 ? -4.745  11.495  12.176  1.00 32.64 ? 70   ASN A CB  1 
ATOM   516 C  CG  . ASN A 1 70 ? -4.835  12.798  11.405  1.00 37.41 ? 70   ASN A CG  1 
ATOM   517 O  OD1 . ASN A 1 70 ? -3.896  13.596  11.395  1.00 40.69 ? 70   ASN A OD1 1 
ATOM   518 N  ND2 . ASN A 1 70 ? -5.976  13.029  10.766  1.00 43.28 ? 70   ASN A ND2 1 
ATOM   519 N  N   . ILE A 1 71 ? -1.959  9.311   12.966  1.00 25.12 ? 71   ILE A N   1 
ATOM   520 C  CA  . ILE A 1 71 ? -1.512  8.305   13.927  1.00 22.71 ? 71   ILE A CA  1 
ATOM   521 C  C   . ILE A 1 71 ? -0.983  8.966   15.198  1.00 24.02 ? 71   ILE A C   1 
ATOM   522 O  O   . ILE A 1 71 ? -0.070  9.791   15.147  1.00 24.37 ? 71   ILE A O   1 
ATOM   523 C  CB  . ILE A 1 71 ? -0.444  7.351   13.324  1.00 20.63 ? 71   ILE A CB  1 
ATOM   524 C  CG1 . ILE A 1 71 ? -0.827  6.942   11.894  1.00 15.12 ? 71   ILE A CG1 1 
ATOM   525 C  CG2 . ILE A 1 71 ? -0.258  6.123   14.220  1.00 19.69 ? 71   ILE A CG2 1 
ATOM   526 C  CD1 . ILE A 1 71 ? 0.266   6.214   11.122  1.00 13.15 ? 71   ILE A CD1 1 
ATOM   527 N  N   . SER A 1 72 ? -1.584  8.606   16.328  1.00 24.17 ? 72   SER A N   1 
ATOM   528 C  CA  . SER A 1 72 ? -1.143  9.067   17.642  1.00 24.03 ? 72   SER A CA  1 
ATOM   529 C  C   . SER A 1 72 ? -0.655  7.862   18.457  1.00 21.20 ? 72   SER A C   1 
ATOM   530 O  O   . SER A 1 72 ? -0.887  6.720   18.055  1.00 19.67 ? 72   SER A O   1 
ATOM   531 C  CB  . SER A 1 72 ? -2.284  9.799   18.359  1.00 26.55 ? 72   SER A CB  1 
ATOM   532 O  OG  . SER A 1 72 ? -3.400  8.949   18.563  1.00 37.34 ? 72   SER A OG  1 
ATOM   533 N  N   . PRO A 1 73 ? 0.044   8.105   19.589  1.00 19.84 ? 73   PRO A N   1 
ATOM   534 C  CA  . PRO A 1 73 ? 0.498   7.002   20.441  1.00 18.03 ? 73   PRO A CA  1 
ATOM   535 C  C   . PRO A 1 73 ? -0.592  5.964   20.726  1.00 17.61 ? 73   PRO A C   1 
ATOM   536 O  O   . PRO A 1 73 ? -1.727  6.329   21.051  1.00 17.85 ? 73   PRO A O   1 
ATOM   537 C  CB  . PRO A 1 73 ? 0.907   7.712   21.730  1.00 18.96 ? 73   PRO A CB  1 
ATOM   538 C  CG  . PRO A 1 73 ? 1.386   9.035   21.275  1.00 20.24 ? 73   PRO A CG  1 
ATOM   539 C  CD  . PRO A 1 73 ? 0.575   9.401   20.057  1.00 18.22 ? 73   PRO A CD  1 
ATOM   540 N  N   . ASP A 1 74 ? -0.233  4.688   20.583  1.00 17.05 ? 74   ASP A N   1 
ATOM   541 C  CA  . ASP A 1 74 ? -1.133  3.543   20.806  1.00 17.79 ? 74   ASP A CA  1 
ATOM   542 C  C   . ASP A 1 74 ? -2.238  3.346   19.755  1.00 19.55 ? 74   ASP A C   1 
ATOM   543 O  O   . ASP A 1 74 ? -3.142  2.530   19.951  1.00 19.02 ? 74   ASP A O   1 
ATOM   544 C  CB  . ASP A 1 74 ? -1.726  3.555   22.225  1.00 18.04 ? 74   ASP A CB  1 
ATOM   545 C  CG  . ASP A 1 74 ? -0.847  2.841   23.238  1.00 20.01 ? 74   ASP A CG  1 
ATOM   546 O  OD1 . ASP A 1 74 ? 0.280   2.425   22.891  1.00 26.86 ? 74   ASP A OD1 1 
ATOM   547 O  OD2 . ASP A 1 74 ? -1.296  2.692   24.394  1.00 20.87 ? 74   ASP A OD2 1 
ATOM   548 N  N   . ASP A 1 75 ? -2.159  4.082   18.648  1.00 19.65 ? 75   ASP A N   1 
ATOM   549 C  CA  . ASP A 1 75 ? -3.076  3.873   17.528  1.00 21.32 ? 75   ASP A CA  1 
ATOM   550 C  C   . ASP A 1 75 ? -2.633  2.675   16.698  1.00 20.35 ? 75   ASP A C   1 
ATOM   551 O  O   . ASP A 1 75 ? -1.480  2.600   16.266  1.00 19.37 ? 75   ASP A O   1 
ATOM   552 C  CB  . ASP A 1 75 ? -3.175  5.120   16.642  1.00 19.89 ? 75   ASP A CB  1 
ATOM   553 C  CG  . ASP A 1 75 ? -4.059  6.205   17.241  1.00 26.48 ? 75   ASP A CG  1 
ATOM   554 O  OD1 . ASP A 1 75 ? -4.496  6.066   18.404  1.00 22.73 ? 75   ASP A OD1 1 
ATOM   555 O  OD2 . ASP A 1 75 ? -4.315  7.207   16.541  1.00 27.81 ? 75   ASP A OD2 1 
ATOM   556 N  N   . ARG A 1 76 ? -3.555  1.741   16.487  1.00 20.29 ? 76   ARG A N   1 
ATOM   557 C  CA  . ARG A 1 76 ? -3.289  0.559   15.676  1.00 21.15 ? 76   ARG A CA  1 
ATOM   558 C  C   . ARG A 1 76 ? -3.479  0.883   14.195  1.00 19.90 ? 76   ARG A C   1 
ATOM   559 O  O   . ARG A 1 76 ? -4.597  1.137   13.743  1.00 20.29 ? 76   ARG A O   1 
ATOM   560 C  CB  . ARG A 1 76 ? -4.188  -0.607  16.117  0.75 20.56 ? 76   ARG A CB  1 
ATOM   561 C  CG  . ARG A 1 76 ? -4.131  -1.856  15.235  0.50 31.00 ? 76   ARG A CG  1 
ATOM   562 C  CD  . ARG A 1 76 ? -2.771  -2.538  15.269  0.50 38.62 ? 76   ARG A CD  1 
ATOM   563 N  NE  . ARG A 1 76 ? -2.665  -3.553  14.226  0.50 43.53 ? 76   ARG A NE  1 
ATOM   564 C  CZ  . ARG A 1 76 ? -1.526  -4.109  13.832  0.50 46.05 ? 76   ARG A CZ  1 
ATOM   565 N  NH1 . ARG A 1 76 ? -0.380  -3.752  14.394  0.50 48.07 ? 76   ARG A NH1 1 
ATOM   566 N  NH2 . ARG A 1 76 ? -1.535  -5.022  12.870  0.50 45.62 ? 76   ARG A NH2 1 
ATOM   567 N  N   . VAL A 1 77 ? -2.373  0.882   13.453  1.00 18.53 ? 77   VAL A N   1 
ATOM   568 C  CA  . VAL A 1 77 ? -2.394  1.190   12.021  1.00 18.13 ? 77   VAL A CA  1 
ATOM   569 C  C   . VAL A 1 77 ? -1.784  0.073   11.176  1.00 16.20 ? 77   VAL A C   1 
ATOM   570 O  O   . VAL A 1 77 ? -0.760  -0.504  11.540  1.00 16.08 ? 77   VAL A O   1 
ATOM   571 C  CB  . VAL A 1 77 ? -1.703  2.544   11.694  1.00 18.86 ? 77   VAL A CB  1 
ATOM   572 C  CG1 . VAL A 1 77 ? -2.616  3.707   12.049  1.00 17.99 ? 77   VAL A CG1 1 
ATOM   573 C  CG2 . VAL A 1 77 ? -0.352  2.670   12.404  1.00 18.75 ? 77   VAL A CG2 1 
ATOM   574 N  N   . LYS A 1 78 ? -2.426  -0.224  10.050  1.00 16.11 ? 78   LYS A N   1 
ATOM   575 C  CA  . LYS A 1 78 ? -1.992  -1.305  9.168   1.00 16.81 ? 78   LYS A CA  1 
ATOM   576 C  C   . LYS A 1 78 ? -2.359  -1.020  7.714   1.00 16.99 ? 78   LYS A C   1 
ATOM   577 O  O   . LYS A 1 78 ? -3.514  -0.724  7.404   1.00 15.17 ? 78   LYS A O   1 
ATOM   578 C  CB  . LYS A 1 78 ? -2.603  -2.637  9.622   0.75 17.21 ? 78   LYS A CB  1 
ATOM   579 C  CG  . LYS A 1 78 ? -2.101  -3.862  8.862   0.50 18.18 ? 78   LYS A CG  1 
ATOM   580 C  CD  . LYS A 1 78 ? -2.678  -5.158  9.422   0.50 23.43 ? 78   LYS A CD  1 
ATOM   581 C  CE  . LYS A 1 78 ? -4.116  -5.388  8.970   0.50 26.95 ? 78   LYS A CE  1 
ATOM   582 N  NZ  . LYS A 1 78 ? -4.678  -6.652  9.524   0.50 30.12 ? 78   LYS A NZ  1 
ATOM   583 N  N   . ILE A 1 79 ? -1.363  -1.104  6.833   1.00 15.54 ? 79   ILE A N   1 
ATOM   584 C  CA  . ILE A 1 79 ? -1.574  -0.967  5.392   1.00 15.13 ? 79   ILE A CA  1 
ATOM   585 C  C   . ILE A 1 79 ? -1.007  -2.189  4.669   1.00 15.76 ? 79   ILE A C   1 
ATOM   586 O  O   . ILE A 1 79 ? 0.210   -2.384  4.621   1.00 15.23 ? 79   ILE A O   1 
ATOM   587 C  CB  . ILE A 1 79 ? -0.951  0.340   4.825   1.00 15.67 ? 79   ILE A CB  1 
ATOM   588 C  CG1 . ILE A 1 79 ? -1.569  1.572   5.496   1.00 12.23 ? 79   ILE A CG1 1 
ATOM   589 C  CG2 . ILE A 1 79 ? -1.134  0.410   3.305   1.00 15.50 ? 79   ILE A CG2 1 
ATOM   590 C  CD1 . ILE A 1 79 ? -0.767  2.850   5.322   1.00 12.87 ? 79   ILE A CD1 1 
ATOM   591 N  N   . VAL A 1 80 ? -1.898  -3.009  4.118   1.00 14.46 ? 80   VAL A N   1 
ATOM   592 C  CA  . VAL A 1 80 ? -1.508  -4.224  3.402   1.00 15.13 ? 80   VAL A CA  1 
ATOM   593 C  C   . VAL A 1 80 ? -1.763  -4.063  1.904   1.00 15.89 ? 80   VAL A C   1 
ATOM   594 O  O   . VAL A 1 80 ? -2.899  -3.838  1.478   1.00 17.23 ? 80   VAL A O   1 
ATOM   595 C  CB  . VAL A 1 80 ? -2.249  -5.479  3.942   1.00 13.09 ? 80   VAL A CB  1 
ATOM   596 C  CG1 . VAL A 1 80 ? -1.781  -6.740  3.221   1.00 19.51 ? 80   VAL A CG1 1 
ATOM   597 C  CG2 . VAL A 1 80 ? -2.045  -5.624  5.445   1.00 16.22 ? 80   VAL A CG2 1 
ATOM   598 N  N   . VAL A 1 81 ? -0.696  -4.174  1.115   1.00 16.73 ? 81   VAL A N   1 
ATOM   599 C  CA  . VAL A 1 81 ? -0.780  -4.036  -0.338  1.00 17.48 ? 81   VAL A CA  1 
ATOM   600 C  C   . VAL A 1 81 ? -0.461  -5.366  -1.020  1.00 16.44 ? 81   VAL A C   1 
ATOM   601 O  O   . VAL A 1 81 ? 0.588   -5.963  -0.770  1.00 16.09 ? 81   VAL A O   1 
ATOM   602 C  CB  . VAL A 1 81 ? 0.156   -2.913  -0.865  1.00 17.94 ? 81   VAL A CB  1 
ATOM   603 C  CG1 . VAL A 1 81 ? 0.079   -2.805  -2.383  1.00 21.99 ? 81   VAL A CG1 1 
ATOM   604 C  CG2 . VAL A 1 81 ? -0.198  -1.578  -0.224  1.00 15.96 ? 81   VAL A CG2 1 
ATOM   605 N  N   . THR A 1 82 ? -1.375  -5.821  -1.876  1.00 16.85 ? 82   THR A N   1 
ATOM   606 C  CA  . THR A 1 82 ? -1.219  -7.088  -2.590  1.00 17.87 ? 82   THR A CA  1 
ATOM   607 C  C   . THR A 1 82 ? -1.268  -6.884  -4.105  1.00 16.97 ? 82   THR A C   1 
ATOM   608 O  O   . THR A 1 82 ? -2.229  -6.322  -4.633  1.00 17.35 ? 82   THR A O   1 
ATOM   609 C  CB  . THR A 1 82 ? -2.291  -8.121  -2.160  1.00 20.37 ? 82   THR A CB  1 
ATOM   610 O  OG1 . THR A 1 82 ? -2.409  -8.129  -0.731  1.00 20.32 ? 82   THR A OG1 1 
ATOM   611 C  CG2 . THR A 1 82 ? -1.922  -9.521  -2.641  1.00 21.09 ? 82   THR A CG2 1 
ATOM   612 N  N   . VAL A 1 83 ? -0.222  -7.340  -4.792  1.00 17.25 ? 83   VAL A N   1 
ATOM   613 C  CA  . VAL A 1 83 ? -0.128  -7.239  -6.250  1.00 18.63 ? 83   VAL A CA  1 
ATOM   614 C  C   . VAL A 1 83 ? -0.008  -8.635  -6.867  1.00 19.47 ? 83   VAL A C   1 
ATOM   615 O  O   . VAL A 1 83 ? 0.915   -9.389  -6.545  1.00 17.82 ? 83   VAL A O   1 
ATOM   616 C  CB  . VAL A 1 83 ? 1.063   -6.339  -6.691  1.00 20.41 ? 83   VAL A CB  1 
ATOM   617 C  CG1 . VAL A 1 83 ? 1.229   -6.349  -8.206  1.00 21.38 ? 83   VAL A CG1 1 
ATOM   618 C  CG2 . VAL A 1 83 ? 0.874   -4.910  -6.193  1.00 19.57 ? 83   VAL A CG2 1 
ATOM   619 N  N   . SER A 1 84 ? -0.948  -8.969  -7.749  1.00 20.41 ? 84   SER A N   1 
ATOM   620 C  CA  . SER A 1 84 ? -0.976  -10.278 -8.407  1.00 22.48 ? 84   SER A CA  1 
ATOM   621 C  C   . SER A 1 84 ? -1.425  -10.185 -9.863  1.00 23.50 ? 84   SER A C   1 
ATOM   622 O  O   . SER A 1 84 ? -2.355  -9.445  -10.188 1.00 22.19 ? 84   SER A O   1 
ATOM   623 C  CB  . SER A 1 84 ? -1.878  -11.246 -7.638  1.00 23.05 ? 84   SER A CB  1 
ATOM   624 O  OG  . SER A 1 84 ? -3.205  -10.754 -7.551  1.00 25.68 ? 84   SER A OG  1 
ATOM   625 N  N   . ASP A 1 85 ? -0.761  -10.946 -10.732 1.00 25.47 ? 85   ASP A N   1 
ATOM   626 C  CA  . ASP A 1 85 ? -1.073  -10.957 -12.164 1.00 27.92 ? 85   ASP A CA  1 
ATOM   627 C  C   . ASP A 1 85 ? -2.113  -12.013 -12.539 1.00 31.84 ? 85   ASP A C   1 
ATOM   628 O  O   . ASP A 1 85 ? -2.671  -11.984 -13.640 1.00 32.03 ? 85   ASP A O   1 
ATOM   629 C  CB  . ASP A 1 85 ? 0.207   -11.136 -12.998 1.00 27.56 ? 85   ASP A CB  1 
ATOM   630 C  CG  . ASP A 1 85 ? 0.895   -12.478 -12.758 1.00 26.85 ? 85   ASP A CG  1 
ATOM   631 O  OD1 . ASP A 1 85 ? 0.643   -13.125 -11.718 1.00 23.40 ? 85   ASP A OD1 1 
ATOM   632 O  OD2 . ASP A 1 85 ? 1.704   -12.883 -13.620 1.00 28.91 ? 85   ASP A OD2 1 
ATOM   633 N  N   . GLY A 1 86 ? -2.367  -12.937 -11.616 1.00 33.38 ? 86   GLY A N   1 
ATOM   634 C  CA  . GLY A 1 86 ? -3.287  -14.046 -11.849 1.00 36.94 ? 86   GLY A CA  1 
ATOM   635 C  C   . GLY A 1 86 ? -2.573  -15.312 -12.286 1.00 37.88 ? 86   GLY A C   1 
ATOM   636 O  O   . GLY A 1 86 ? -3.202  -16.358 -12.460 1.00 40.38 ? 86   GLY A O   1 
ATOM   637 N  N   . GLN A 1 87 ? -1.255  -15.213 -12.459 1.00 37.79 ? 87   GLN A N   1 
ATOM   638 C  CA  . GLN A 1 87 ? -0.442  -16.343 -12.904 1.00 36.26 ? 87   GLN A CA  1 
ATOM   639 C  C   . GLN A 1 87 ? 0.547   -16.801 -11.827 0.50 34.08 ? 87   GLN A C   1 
ATOM   640 O  O   . GLN A 1 87 ? 0.202   -17.630 -10.982 0.50 33.92 ? 87   GLN A O   1 
ATOM   641 C  CB  . GLN A 1 87 ? 0.274   -16.014 -14.221 0.75 37.07 ? 87   GLN A CB  1 
ATOM   642 C  CG  . GLN A 1 87 ? -0.661  -15.882 -15.423 0.50 39.38 ? 87   GLN A CG  1 
ATOM   643 C  CD  . GLN A 1 87 ? 0.060   -15.510 -16.710 0.50 44.32 ? 87   GLN A CD  1 
ATOM   644 O  OE1 . GLN A 1 87 ? 1.108   -14.863 -16.691 0.50 45.38 ? 87   GLN A OE1 1 
ATOM   645 N  NE2 . GLN A 1 87 ? -0.511  -15.913 -17.840 0.50 46.44 ? 87   GLN A NE2 1 
ATOM   646 N  N   . SER A 1 88 ? 1.763   -16.258 -11.852 1.00 31.26 ? 88   SER A N   1 
ATOM   647 C  CA  . SER A 1 88 ? 2.823   -16.693 -10.940 1.00 30.01 ? 88   SER A CA  1 
ATOM   648 C  C   . SER A 1 88 ? 3.309   -15.598 -9.991  1.00 27.78 ? 88   SER A C   1 
ATOM   649 O  O   . SER A 1 88 ? 4.071   -15.870 -9.061  1.00 27.83 ? 88   SER A O   1 
ATOM   650 C  CB  . SER A 1 88 ? 3.999   -17.268 -11.731 1.00 30.87 ? 88   SER A CB  1 
ATOM   651 O  OG  . SER A 1 88 ? 3.642   -18.487 -12.359 1.00 34.51 ? 88   SER A OG  1 
ATOM   652 N  N   . LEU A 1 89 ? 2.864   -14.367 -10.229 1.00 24.26 ? 89   LEU A N   1 
ATOM   653 C  CA  . LEU A 1 89 ? 3.251   -13.232 -9.397  1.00 21.73 ? 89   LEU A CA  1 
ATOM   654 C  C   . LEU A 1 89 ? 2.235   -12.994 -8.282  1.00 18.97 ? 89   LEU A C   1 
ATOM   655 O  O   . LEU A 1 89 ? 1.042   -12.827 -8.539  1.00 17.62 ? 89   LEU A O   1 
ATOM   656 C  CB  . LEU A 1 89 ? 3.421   -11.971 -10.254 1.00 21.08 ? 89   LEU A CB  1 
ATOM   657 C  CG  . LEU A 1 89 ? 3.893   -10.668 -9.599  1.00 22.36 ? 89   LEU A CG  1 
ATOM   658 C  CD1 . LEU A 1 89 ? 5.387   -10.702 -9.298  1.00 22.08 ? 89   LEU A CD1 1 
ATOM   659 C  CD2 . LEU A 1 89 ? 3.559   -9.485  -10.493 1.00 26.42 ? 89   LEU A CD2 1 
ATOM   660 N  N   . HIS A 1 90 ? 2.725   -13.004 -7.044  1.00 19.30 ? 90   HIS A N   1 
ATOM   661 C  CA  . HIS A 1 90 ? 1.931   -12.632 -5.877  1.00 18.94 ? 90   HIS A CA  1 
ATOM   662 C  C   . HIS A 1 90 ? 2.837   -11.918 -4.883  1.00 19.38 ? 90   HIS A C   1 
ATOM   663 O  O   . HIS A 1 90 ? 3.739   -12.525 -4.305  1.00 16.85 ? 90   HIS A O   1 
ATOM   664 C  CB  . HIS A 1 90 ? 1.277   -13.859 -5.231  1.00 21.30 ? 90   HIS A CB  1 
ATOM   665 C  CG  . HIS A 1 90 ? 0.282   -13.521 -4.160  1.00 20.37 ? 90   HIS A CG  1 
ATOM   666 N  ND1 . HIS A 1 90 ? 0.645   -13.293 -2.850  1.00 23.64 ? 90   HIS A ND1 1 
ATOM   667 C  CD2 . HIS A 1 90 ? -1.063  -13.372 -4.209  1.00 21.64 ? 90   HIS A CD2 1 
ATOM   668 C  CE1 . HIS A 1 90 ? -0.433  -13.019 -2.137  1.00 20.73 ? 90   HIS A CE1 1 
ATOM   669 N  NE2 . HIS A 1 90 ? -1.483  -13.061 -2.938  1.00 24.85 ? 90   HIS A NE2 1 
ATOM   670 N  N   . LEU A 1 91 ? 2.601   -10.622 -4.707  1.00 17.74 ? 91   LEU A N   1 
ATOM   671 C  CA  . LEU A 1 91 ? 3.406   -9.806  -3.806  1.00 17.77 ? 91   LEU A CA  1 
ATOM   672 C  C   . LEU A 1 91 ? 2.536   -9.171  -2.734  1.00 17.55 ? 91   LEU A C   1 
ATOM   673 O  O   . LEU A 1 91 ? 1.522   -8.545  -3.041  1.00 18.28 ? 91   LEU A O   1 
ATOM   674 C  CB  . LEU A 1 91 ? 4.165   -8.728  -4.586  1.00 17.08 ? 91   LEU A CB  1 
ATOM   675 C  CG  . LEU A 1 91 ? 5.260   -9.178  -5.558  1.00 19.58 ? 91   LEU A CG  1 
ATOM   676 C  CD1 . LEU A 1 91 ? 5.656   -8.037  -6.481  1.00 21.86 ? 91   LEU A CD1 1 
ATOM   677 C  CD2 . LEU A 1 91 ? 6.473   -9.718  -4.809  1.00 23.05 ? 91   LEU A CD2 1 
ATOM   678 N  N   . SER A 1 92 ? 2.933   -9.343  -1.476  1.00 17.78 ? 92   SER A N   1 
ATOM   679 C  CA  . SER A 1 92 ? 2.195   -8.786  -0.346  1.00 17.80 ? 92   SER A CA  1 
ATOM   680 C  C   . SER A 1 92 ? 3.137   -8.204  0.705   1.00 18.60 ? 92   SER A C   1 
ATOM   681 O  O   . SER A 1 92 ? 3.951   -8.923  1.291   1.00 18.68 ? 92   SER A O   1 
ATOM   682 C  CB  . SER A 1 92 ? 1.277   -9.843  0.275   1.00 17.26 ? 92   SER A CB  1 
ATOM   683 O  OG  . SER A 1 92 ? 0.453   -9.280  1.281   1.00 22.07 ? 92   SER A OG  1 
ATOM   684 N  N   . GLN A 1 93 ? 3.023   -6.896  0.927   1.00 18.70 ? 93   GLN A N   1 
ATOM   685 C  CA  . GLN A 1 93 ? 3.832   -6.195  1.923   1.00 16.89 ? 93   GLN A CA  1 
ATOM   686 C  C   . GLN A 1 93 ? 2.962   -5.347  2.847   1.00 14.45 ? 93   GLN A C   1 
ATOM   687 O  O   . GLN A 1 93 ? 1.939   -4.802  2.424   1.00 13.51 ? 93   GLN A O   1 
ATOM   688 C  CB  . GLN A 1 93 ? 4.900   -5.326  1.249   1.00 18.32 ? 93   GLN A CB  1 
ATOM   689 C  CG  . GLN A 1 93 ? 6.025   -6.110  0.569   1.00 25.81 ? 93   GLN A CG  1 
ATOM   690 C  CD  . GLN A 1 93 ? 6.881   -6.905  1.546   1.00 30.47 ? 93   GLN A CD  1 
ATOM   691 O  OE1 . GLN A 1 93 ? 7.213   -6.431  2.633   1.00 32.97 ? 93   GLN A OE1 1 
ATOM   692 N  NE2 . GLN A 1 93 ? 7.247   -8.119  1.152   1.00 29.96 ? 93   GLN A NE2 1 
ATOM   693 N  N   . GLN A 1 94 ? 3.381   -5.238  4.106   1.00 15.25 ? 94   GLN A N   1 
ATOM   694 C  CA  . GLN A 1 94 ? 2.617   -4.514  5.119   1.00 17.00 ? 94   GLN A CA  1 
ATOM   695 C  C   . GLN A 1 94 ? 3.399   -3.347  5.725   1.00 18.71 ? 94   GLN A C   1 
ATOM   696 O  O   . GLN A 1 94 ? 4.580   -3.479  6.054   1.00 17.94 ? 94   GLN A O   1 
ATOM   697 C  CB  . GLN A 1 94 ? 2.150   -5.471  6.223   1.00 17.89 ? 94   GLN A CB  1 
ATOM   698 C  CG  . GLN A 1 94 ? 1.240   -4.838  7.275   1.00 20.76 ? 94   GLN A CG  1 
ATOM   699 C  CD  . GLN A 1 94 ? 0.868   -5.795  8.392   1.00 26.98 ? 94   GLN A CD  1 
ATOM   700 O  OE1 . GLN A 1 94 ? 0.307   -6.864  8.150   1.00 28.42 ? 94   GLN A OE1 1 
ATOM   701 N  NE2 . GLN A 1 94 ? 1.167   -5.407  9.626   1.00 28.83 ? 94   GLN A NE2 1 
ATOM   702 N  N   . TRP A 1 95 ? 2.720   -2.210  5.860   1.00 18.39 ? 95   TRP A N   1 
ATOM   703 C  CA  . TRP A 1 95 ? 3.245   -1.059  6.588   1.00 17.34 ? 95   TRP A CA  1 
ATOM   704 C  C   . TRP A 1 95 ? 2.437   -0.869  7.878   1.00 16.66 ? 95   TRP A C   1 
ATOM   705 O  O   . TRP A 1 95 ? 1.209   -0.984  7.851   1.00 13.95 ? 95   TRP A O   1 
ATOM   706 C  CB  . TRP A 1 95 ? 3.181   0.205   5.725   1.00 17.30 ? 95   TRP A CB  1 
ATOM   707 C  CG  . TRP A 1 95 ? 3.880   1.381   6.342   1.00 19.93 ? 95   TRP A CG  1 
ATOM   708 C  CD1 . TRP A 1 95 ? 5.192   1.724   6.190   1.00 24.21 ? 95   TRP A CD1 1 
ATOM   709 C  CD2 . TRP A 1 95 ? 3.308   2.359   7.221   1.00 20.23 ? 95   TRP A CD2 1 
ATOM   710 N  NE1 . TRP A 1 95 ? 5.474   2.855   6.916   1.00 23.88 ? 95   TRP A NE1 1 
ATOM   711 C  CE2 . TRP A 1 95 ? 4.335   3.267   7.558   1.00 19.62 ? 95   TRP A CE2 1 
ATOM   712 C  CE3 . TRP A 1 95 ? 2.027   2.558   7.755   1.00 20.66 ? 95   TRP A CE3 1 
ATOM   713 C  CZ2 . TRP A 1 95 ? 4.123   4.362   8.405   1.00 21.37 ? 95   TRP A CZ2 1 
ATOM   714 C  CZ3 . TRP A 1 95 ? 1.816   3.645   8.599   1.00 17.71 ? 95   TRP A CZ3 1 
ATOM   715 C  CH2 . TRP A 1 95 ? 2.861   4.533   8.914   1.00 20.30 ? 95   TRP A CH2 1 
ATOM   716 N  N   . PRO A 1 96 ? 3.112   -0.579  9.011   1.00 17.22 ? 96   PRO A N   1 
ATOM   717 C  CA  . PRO A 1 96 ? 4.554   -0.385  9.227   1.00 23.19 ? 96   PRO A CA  1 
ATOM   718 C  C   . PRO A 1 96 ? 5.377   -1.658  9.012   1.00 27.67 ? 96   PRO A C   1 
ATOM   719 O  O   . PRO A 1 96 ? 4.869   -2.759  9.242   1.00 26.14 ? 96   PRO A O   1 
ATOM   720 C  CB  . PRO A 1 96 ? 4.634   0.047   10.698  1.00 21.18 ? 96   PRO A CB  1 
ATOM   721 C  CG  . PRO A 1 96 ? 3.266   0.510   11.046  1.00 21.01 ? 96   PRO A CG  1 
ATOM   722 C  CD  . PRO A 1 96 ? 2.357   -0.366  10.257  1.00 18.45 ? 96   PRO A CD  1 
ATOM   723 N  N   . PRO A 1 97 ? 6.644   -1.509  8.569   1.00 31.88 ? 97   PRO A N   1 
ATOM   724 C  CA  . PRO A 1 97 ? 7.516   -2.661  8.324   1.00 34.05 ? 97   PRO A CA  1 
ATOM   725 C  C   . PRO A 1 97 ? 7.953   -3.360  9.612   1.00 35.47 ? 97   PRO A C   1 
ATOM   726 O  O   . PRO A 1 97 ? 8.016   -2.730  10.668  1.00 35.66 ? 97   PRO A O   1 
ATOM   727 C  CB  . PRO A 1 97 ? 8.727   -2.040  7.622   1.00 35.16 ? 97   PRO A CB  1 
ATOM   728 C  CG  . PRO A 1 97 ? 8.751   -0.631  8.086   1.00 33.55 ? 97   PRO A CG  1 
ATOM   729 C  CD  . PRO A 1 97 ? 7.317   -0.235  8.245   1.00 32.63 ? 97   PRO A CD  1 
HETATM 730 C  C   . ACT B 2 .  ? -5.826  -10.322 -13.133 0.50 49.00 ? 1098 ACT A C   1 
HETATM 731 O  O   . ACT B 2 .  ? -5.236  -9.225  -13.026 0.50 48.93 ? 1098 ACT A O   1 
HETATM 732 O  OXT . ACT B 2 .  ? -6.291  -10.586 -14.262 0.50 48.95 ? 1098 ACT A OXT 1 
HETATM 733 C  CH3 . ACT B 2 .  ? -5.967  -11.265 -11.975 0.50 48.65 ? 1098 ACT A CH3 1 
HETATM 734 C  C   . ACT C 2 .  ? 5.430   10.689  0.472   0.50 25.80 ? 1099 ACT A C   1 
HETATM 735 O  O   . ACT C 2 .  ? 5.111   9.829   1.321   0.50 26.27 ? 1099 ACT A O   1 
HETATM 736 O  OXT . ACT C 2 .  ? 6.297   10.343  -0.360  0.50 25.33 ? 1099 ACT A OXT 1 
HETATM 737 C  CH3 . ACT C 2 .  ? 4.812   12.055  0.451   0.50 24.03 ? 1099 ACT A CH3 1 
HETATM 738 C  C   . ACT D 2 .  ? 3.273   7.941   16.965  0.50 63.15 ? 1100 ACT A C   1 
HETATM 739 O  O   . ACT D 2 .  ? 2.724   6.842   16.857  0.50 62.72 ? 1100 ACT A O   1 
HETATM 740 O  OXT . ACT D 2 .  ? 4.085   8.051   17.905  0.50 62.99 ? 1100 ACT A OXT 1 
HETATM 741 C  CH3 . ACT D 2 .  ? 2.979   9.070   16.028  0.50 63.02 ? 1100 ACT A CH3 1 
HETATM 742 O  O   . HOH E 3 .  ? 10.845  -10.664 -10.107 0.50 25.21 ? 2001 HOH A O   1 
HETATM 743 O  O   . HOH E 3 .  ? 9.430   -4.245  1.038   0.50 23.42 ? 2002 HOH A O   1 
HETATM 744 O  O   . HOH E 3 .  ? 8.819   -0.811  -5.092  0.50 21.87 ? 2003 HOH A O   1 
HETATM 745 O  O   . HOH E 3 .  ? 9.577   3.185   -2.773  0.50 33.41 ? 2004 HOH A O   1 
HETATM 746 O  O   . HOH E 3 .  ? 9.467   -0.261  2.175   0.50 16.23 ? 2005 HOH A O   1 
HETATM 747 O  O   . HOH E 3 .  ? 8.215   4.111   7.204   0.50 19.85 ? 2006 HOH A O   1 
HETATM 748 O  O   . HOH E 3 .  ? 4.382   15.073  5.288   0.50 25.79 ? 2007 HOH A O   1 
HETATM 749 O  O   . HOH E 3 .  ? -0.655  -10.004 -17.153 1.00 33.54 ? 2008 HOH A O   1 
HETATM 750 O  O   . HOH E 3 .  ? -10.721 -10.743 -2.732  1.00 54.37 ? 2009 HOH A O   1 
HETATM 751 O  O   . HOH E 3 .  ? -6.339  -10.442 0.220   1.00 50.04 ? 2010 HOH A O   1 
HETATM 752 O  O   . HOH E 3 .  ? -3.958  -8.800  -5.760  1.00 29.89 ? 2011 HOH A O   1 
HETATM 753 O  O   . HOH E 3 .  ? -6.881  1.567   1.434   1.00 32.88 ? 2012 HOH A O   1 
HETATM 754 O  O   . HOH E 3 .  ? -6.076  1.567   19.749  1.00 38.94 ? 2013 HOH A O   1 
HETATM 755 O  O   . HOH E 3 .  ? -10.299 7.058   12.082  1.00 32.23 ? 2014 HOH A O   1 
HETATM 756 O  O   . HOH E 3 .  ? -14.724 -1.677  5.008   0.50 29.63 ? 2015 HOH A O   1 
HETATM 757 O  O   . HOH E 3 .  ? 0.123   3.072   -14.936 0.50 33.85 ? 2016 HOH A O   1 
HETATM 758 O  O   . HOH E 3 .  ? 7.193   -2.345  -19.682 0.50 25.15 ? 2017 HOH A O   1 
HETATM 759 O  O   . HOH E 3 .  ? 7.935   -1.828  -12.939 1.00 27.79 ? 2018 HOH A O   1 
HETATM 760 O  O   . HOH E 3 .  ? 3.574   6.442   -10.284 1.00 42.96 ? 2019 HOH A O   1 
HETATM 761 O  O   . HOH E 3 .  ? -4.697  11.710  0.878   0.50 50.29 ? 2020 HOH A O   1 
HETATM 762 O  O   . HOH E 3 .  ? -6.740  9.604   10.076  1.00 35.46 ? 2021 HOH A O   1 
HETATM 763 O  O   . HOH E 3 .  ? -2.909  8.879   21.950  0.50 26.67 ? 2022 HOH A O   1 
HETATM 764 O  O   . HOH E 3 .  ? 0.921   3.931   16.740  0.50 17.41 ? 2023 HOH A O   1 
HETATM 765 O  O   . HOH E 3 .  ? -3.914  -6.161  0.438   1.00 34.13 ? 2024 HOH A O   1 
HETATM 766 O  O   . HOH E 3 .  ? 3.603   -14.801 -14.095 0.50 26.90 ? 2025 HOH A O   1 
HETATM 767 O  O   . HOH E 3 .  ? 2.521   -19.800 -9.415  0.50 65.68 ? 2026 HOH A O   1 
HETATM 768 O  O   . HOH E 3 .  ? -1.164  -12.177 0.930   0.50 35.71 ? 2027 HOH A O   1 
HETATM 769 O  O   . HOH E 3 .  ? 5.904   -9.521  -1.402  0.50 18.25 ? 2028 HOH A O   1 
HETATM 770 O  O   . HOH E 3 .  ? 2.454   -11.402 3.179   0.50 41.95 ? 2029 HOH A O   1 
HETATM 771 O  O   . HOH E 3 .  ? 8.188   -7.367  -1.792  1.00 26.67 ? 2030 HOH A O   1 
HETATM 772 O  O   . HOH E 3 .  ? 5.260   -7.192  5.068   0.50 31.46 ? 2031 HOH A O   1 
# 
